data_9O9Y
#
_entry.id   9O9Y
#
_cell.length_a   1.00
_cell.length_b   1.00
_cell.length_c   1.00
_cell.angle_alpha   90.00
_cell.angle_beta   90.00
_cell.angle_gamma   90.00
#
_symmetry.space_group_name_H-M   'P 1'
#
loop_
_entity.id
_entity.type
_entity.pdbx_description
1 polymer 'ABC transporter ATP-binding protein YtrE'
2 polymer 'ABC transporter permease YtrF'
3 non-polymer "ADENOSINE-5'-DIPHOSPHATE"
4 non-polymer 'VANADATE ION'
5 non-polymer 'MAGNESIUM ION'
6 non-polymer 'UNKNOWN LIGAND'
#
loop_
_entity_poly.entity_id
_entity_poly.type
_entity_poly.pdbx_seq_one_letter_code
_entity_poly.pdbx_strand_id
1 'polypeptide(L)'
;MGSSHHHHHHSSGLVPRGSHMIDVQHIDHSFTIGKKGRENEVPVLKDVSLSVAKGEIACIVGRSGSGKSTLLNLISGYIS
PTKGRIVINGTDVTGFNEKEWAQFRLDHFGFIFQSFQLIPGLTTYENVEMPLALKGIKPSERKQKVQDMLKRVGLENHAA
HYPNELSGGQQQRVSIARALILNPSIILADEPTGSLDSETEHEVLELIQQLNRERGITFVIITHDDEVASIGHSKFQLHD
GVLKGGITVEV
;
B,A
2 'polypeptide(L)'
;MRFKDQVHFIRRNMKKNRLRVFMTILATTMACAFLVVLSSVGFGIQKTITDMTMSQQIVTKVSVMGKEGDKPIKKADLEK
YDHVRSVVERTQVYEPNKATLGNRTNESSNLIFTNMNDELKANMELEKGRVAKSENEIVVGYDFAKRLLTKKESEEYNKK
IEEAKGNPEDIKEPKGYTKDILNKTIELSVSKTDSKTGDVTKTKTYDFKIVGITKKPSQDWMEDSNIFISDQFKKDFSEF
LDFKGGNVETNIGVFADKFENVEQLTNDLTDDGYYVTSVTTELEGANTFFMVFKIGLIFVGCIAVIISAIGIFNTMTMAV
TERTQEIGIMKAIGASPSIIRRMFLMESAYIGILGCVIGIIISYGVSYLVNLAVPMILAATSGGDAGDLNYTFSYIPASL
VIIAVVICGGVAVISGMNPARKATKTNVLTALRREL
;
D,C
#
loop_
_chem_comp.id
_chem_comp.type
_chem_comp.name
_chem_comp.formula
ADP non-polymer ADENOSINE-5'-DIPHOSPHATE 'C10 H15 N5 O10 P2'
MG non-polymer 'MAGNESIUM ION' 'Mg 2'
UNL non-polymer 'UNKNOWN LIGAND' ?
VO4 non-polymer 'VANADATE ION' 'O4 V -3'
#
# COMPACT_ATOMS: atom_id res chain seq x y z
N MET A 21 -21.22 -51.89 -12.17
CA MET A 21 -22.40 -51.75 -13.02
C MET A 21 -22.75 -50.30 -13.27
N ILE A 22 -22.84 -49.94 -14.54
CA ILE A 22 -23.22 -48.61 -14.97
C ILE A 22 -24.56 -48.70 -15.66
N ASP A 23 -25.49 -47.84 -15.27
CA ASP A 23 -26.83 -47.77 -15.86
C ASP A 23 -27.07 -46.33 -16.27
N VAL A 24 -26.71 -46.01 -17.50
CA VAL A 24 -27.01 -44.70 -18.09
C VAL A 24 -28.36 -44.82 -18.77
N GLN A 25 -29.30 -43.98 -18.38
CA GLN A 25 -30.71 -44.14 -18.75
C GLN A 25 -31.19 -42.88 -19.44
N HIS A 26 -31.41 -42.96 -20.76
CA HIS A 26 -32.00 -41.90 -21.57
C HIS A 26 -31.33 -40.56 -21.28
N ILE A 27 -30.01 -40.56 -21.36
CA ILE A 27 -29.21 -39.38 -21.02
C ILE A 27 -29.15 -38.46 -22.22
N ASP A 28 -29.67 -37.25 -22.04
CA ASP A 28 -29.46 -36.14 -22.97
C ASP A 28 -28.52 -35.15 -22.33
N HIS A 29 -27.51 -34.72 -23.07
CA HIS A 29 -26.64 -33.66 -22.60
C HIS A 29 -26.38 -32.67 -23.72
N SER A 30 -26.39 -31.40 -23.35
CA SER A 30 -26.04 -30.31 -24.25
C SER A 30 -25.10 -29.37 -23.53
N PHE A 31 -24.40 -28.57 -24.30
CA PHE A 31 -23.52 -27.55 -23.77
C PHE A 31 -24.03 -26.17 -24.19
N THR A 32 -23.76 -25.17 -23.38
CA THR A 32 -24.08 -23.79 -23.70
C THR A 32 -22.77 -23.02 -23.84
N ILE A 33 -22.57 -22.40 -25.00
CA ILE A 33 -21.38 -21.61 -25.26
C ILE A 33 -21.79 -20.30 -25.94
N GLY A 34 -20.85 -19.37 -25.98
CA GLY A 34 -21.04 -18.08 -26.61
C GLY A 34 -21.09 -16.96 -25.59
N LYS A 35 -21.07 -15.74 -26.13
CA LYS A 35 -21.24 -14.55 -25.30
C LYS A 35 -22.63 -14.53 -24.68
N LYS A 36 -22.74 -13.90 -23.52
CA LYS A 36 -24.02 -13.83 -22.83
C LYS A 36 -25.06 -13.16 -23.72
N GLY A 37 -26.26 -13.73 -23.74
CA GLY A 37 -27.30 -13.29 -24.64
C GLY A 37 -27.32 -14.10 -25.92
N ARG A 38 -26.21 -14.09 -26.66
CA ARG A 38 -26.09 -14.88 -27.88
C ARG A 38 -25.46 -16.24 -27.57
N GLU A 39 -26.18 -17.01 -26.75
CA GLU A 39 -25.75 -18.34 -26.36
C GLU A 39 -26.42 -19.38 -27.26
N ASN A 40 -25.65 -20.34 -27.71
CA ASN A 40 -26.15 -21.42 -28.55
C ASN A 40 -25.98 -22.75 -27.84
N GLU A 41 -26.85 -23.68 -28.16
CA GLU A 41 -26.80 -25.02 -27.60
C GLU A 41 -25.92 -25.92 -28.45
N VAL A 42 -25.27 -26.86 -27.80
CA VAL A 42 -24.46 -27.88 -28.47
C VAL A 42 -25.03 -29.24 -28.06
N PRO A 43 -26.02 -29.75 -28.77
CA PRO A 43 -26.53 -31.09 -28.45
C PRO A 43 -25.47 -32.15 -28.68
N VAL A 44 -25.07 -32.83 -27.61
CA VAL A 44 -24.00 -33.80 -27.67
C VAL A 44 -24.55 -35.22 -27.60
N LEU A 45 -25.36 -35.51 -26.59
CA LEU A 45 -25.90 -36.84 -26.39
C LEU A 45 -27.43 -36.77 -26.43
N LYS A 46 -28.03 -37.73 -27.13
CA LYS A 46 -29.47 -37.80 -27.30
C LYS A 46 -29.95 -39.18 -26.89
N ASP A 47 -30.68 -39.26 -25.77
CA ASP A 47 -31.33 -40.48 -25.32
C ASP A 47 -30.33 -41.62 -25.18
N VAL A 48 -29.13 -41.29 -24.70
CA VAL A 48 -28.06 -42.27 -24.60
C VAL A 48 -28.38 -43.23 -23.45
N SER A 49 -28.41 -44.52 -23.76
CA SER A 49 -28.61 -45.57 -22.76
C SER A 49 -27.43 -46.52 -22.84
N LEU A 50 -26.78 -46.74 -21.71
CA LEU A 50 -25.60 -47.58 -21.64
C LEU A 50 -25.67 -48.41 -20.37
N SER A 51 -25.76 -49.73 -20.52
CA SER A 51 -25.71 -50.65 -19.40
C SER A 51 -24.41 -51.44 -19.48
N VAL A 52 -23.63 -51.39 -18.42
CA VAL A 52 -22.39 -52.15 -18.30
C VAL A 52 -22.55 -53.08 -17.12
N ALA A 53 -22.36 -54.38 -17.35
CA ALA A 53 -22.46 -55.34 -16.27
C ALA A 53 -21.25 -55.25 -15.36
N LYS A 54 -21.40 -55.82 -14.16
CA LYS A 54 -20.29 -55.85 -13.22
C LYS A 54 -19.20 -56.79 -13.71
N GLY A 55 -17.97 -56.31 -13.71
CA GLY A 55 -16.86 -57.11 -14.20
C GLY A 55 -16.80 -57.26 -15.71
N GLU A 56 -17.43 -56.35 -16.43
CA GLU A 56 -17.43 -56.36 -17.89
C GLU A 56 -16.64 -55.18 -18.42
N ILE A 57 -15.92 -55.38 -19.52
CA ILE A 57 -15.23 -54.31 -20.22
C ILE A 57 -16.12 -53.86 -21.36
N ALA A 58 -16.73 -52.69 -21.22
CA ALA A 58 -17.48 -52.06 -22.29
C ALA A 58 -16.57 -51.09 -23.03
N CYS A 59 -16.53 -51.23 -24.35
CA CYS A 59 -15.73 -50.36 -25.20
C CYS A 59 -16.67 -49.45 -25.99
N ILE A 60 -16.45 -48.14 -25.89
CA ILE A 60 -17.25 -47.17 -26.59
C ILE A 60 -16.41 -46.59 -27.71
N VAL A 61 -16.82 -46.85 -28.95
CA VAL A 61 -16.14 -46.33 -30.12
C VAL A 61 -17.06 -45.34 -30.80
N GLY A 62 -16.47 -44.40 -31.50
CA GLY A 62 -17.24 -43.38 -32.19
C GLY A 62 -16.29 -42.39 -32.82
N ARG A 63 -16.85 -41.60 -33.73
CA ARG A 63 -16.05 -40.59 -34.39
C ARG A 63 -15.65 -39.50 -33.42
N SER A 64 -14.51 -38.88 -33.71
CA SER A 64 -14.02 -37.79 -32.87
C SER A 64 -15.07 -36.69 -32.76
N GLY A 65 -15.40 -36.33 -31.53
CA GLY A 65 -16.40 -35.34 -31.26
C GLY A 65 -17.82 -35.84 -31.14
N SER A 66 -18.02 -37.14 -31.00
CA SER A 66 -19.36 -37.70 -30.95
C SER A 66 -19.99 -37.67 -29.56
N GLY A 67 -19.22 -37.36 -28.52
CA GLY A 67 -19.73 -37.29 -27.18
C GLY A 67 -19.27 -38.39 -26.24
N LYS A 68 -18.27 -39.17 -26.62
CA LYS A 68 -17.79 -40.26 -25.78
C LYS A 68 -17.20 -39.74 -24.47
N SER A 69 -16.36 -38.72 -24.55
CA SER A 69 -15.81 -38.12 -23.34
C SER A 69 -16.90 -37.46 -22.53
N THR A 70 -17.88 -36.86 -23.19
CA THR A 70 -19.03 -36.32 -22.49
C THR A 70 -19.77 -37.42 -21.74
N LEU A 71 -19.92 -38.58 -22.36
CA LEU A 71 -20.58 -39.70 -21.70
C LEU A 71 -19.80 -40.14 -20.47
N LEU A 72 -18.48 -40.27 -20.59
CA LEU A 72 -17.68 -40.65 -19.42
C LEU A 72 -17.73 -39.59 -18.33
N ASN A 73 -17.70 -38.32 -18.72
CA ASN A 73 -17.77 -37.24 -17.74
C ASN A 73 -19.13 -37.22 -17.04
N LEU A 74 -20.17 -37.65 -17.73
CA LEU A 74 -21.48 -37.77 -17.08
C LEU A 74 -21.49 -38.96 -16.13
N ILE A 75 -20.91 -40.08 -16.55
CA ILE A 75 -20.88 -41.27 -15.69
C ILE A 75 -20.12 -40.99 -14.41
N SER A 76 -19.00 -40.28 -14.52
CA SER A 76 -18.19 -39.96 -13.35
C SER A 76 -18.67 -38.74 -12.60
N GLY A 77 -19.72 -38.07 -13.07
CA GLY A 77 -20.24 -36.91 -12.39
C GLY A 77 -19.44 -35.65 -12.57
N TYR A 78 -18.51 -35.63 -13.54
CA TYR A 78 -17.76 -34.41 -13.82
C TYR A 78 -18.67 -33.32 -14.37
N ILE A 79 -19.72 -33.70 -15.07
CA ILE A 79 -20.80 -32.82 -15.45
C ILE A 79 -22.11 -33.50 -15.11
N SER A 80 -23.14 -32.70 -14.92
CA SER A 80 -24.48 -33.20 -14.68
C SER A 80 -25.25 -33.25 -15.98
N PRO A 81 -25.99 -34.31 -16.25
CA PRO A 81 -26.71 -34.39 -17.53
C PRO A 81 -27.81 -33.35 -17.62
N THR A 82 -28.05 -32.89 -18.85
CA THR A 82 -29.17 -32.00 -19.08
C THR A 82 -30.48 -32.66 -18.70
N LYS A 83 -30.63 -33.92 -19.07
CA LYS A 83 -31.69 -34.75 -18.50
C LYS A 83 -31.26 -36.21 -18.62
N GLY A 84 -31.89 -37.05 -17.84
CA GLY A 84 -31.59 -38.46 -17.81
C GLY A 84 -31.16 -38.90 -16.44
N ARG A 85 -30.81 -40.18 -16.34
CA ARG A 85 -30.58 -40.84 -15.07
C ARG A 85 -29.32 -41.68 -15.17
N ILE A 86 -28.38 -41.46 -14.26
CA ILE A 86 -27.18 -42.29 -14.17
C ILE A 86 -27.24 -43.03 -12.85
N VAL A 87 -27.19 -44.36 -12.92
CA VAL A 87 -27.27 -45.23 -11.75
C VAL A 87 -26.03 -46.11 -11.76
N ILE A 88 -25.20 -45.99 -10.74
CA ILE A 88 -23.97 -46.76 -10.64
C ILE A 88 -24.05 -47.63 -9.40
N ASN A 89 -23.84 -48.93 -9.59
CA ASN A 89 -23.88 -49.92 -8.51
C ASN A 89 -25.22 -49.93 -7.80
N GLY A 90 -26.28 -49.47 -8.47
CA GLY A 90 -27.61 -49.43 -7.90
C GLY A 90 -28.01 -48.12 -7.27
N THR A 91 -27.08 -47.19 -7.07
CA THR A 91 -27.38 -45.91 -6.45
C THR A 91 -27.47 -44.82 -7.52
N ASP A 92 -28.60 -44.12 -7.53
CA ASP A 92 -28.78 -42.95 -8.38
C ASP A 92 -27.77 -41.87 -8.05
N VAL A 93 -26.83 -41.63 -8.95
CA VAL A 93 -25.77 -40.67 -8.70
C VAL A 93 -26.07 -39.30 -9.29
N THR A 94 -27.01 -39.20 -10.21
CA THR A 94 -27.50 -37.89 -10.62
C THR A 94 -28.21 -37.23 -9.45
N GLY A 95 -27.90 -35.97 -9.22
CA GLY A 95 -28.33 -35.30 -8.02
C GLY A 95 -27.32 -35.32 -6.90
N PHE A 96 -26.20 -36.01 -7.07
CA PHE A 96 -25.11 -35.92 -6.11
C PHE A 96 -24.51 -34.52 -6.15
N ASN A 97 -24.18 -33.99 -4.98
CA ASN A 97 -23.43 -32.74 -4.94
C ASN A 97 -21.96 -33.05 -5.14
N GLU A 98 -21.11 -32.03 -5.02
CA GLU A 98 -19.68 -32.25 -5.21
C GLU A 98 -19.10 -33.18 -4.15
N LYS A 99 -19.56 -33.05 -2.90
CA LYS A 99 -19.07 -33.90 -1.83
C LYS A 99 -19.49 -35.34 -2.02
N GLU A 100 -20.76 -35.57 -2.32
CA GLU A 100 -21.25 -36.92 -2.56
C GLU A 100 -20.53 -37.56 -3.75
N TRP A 101 -20.36 -36.79 -4.83
CA TRP A 101 -19.70 -37.31 -6.02
C TRP A 101 -18.24 -37.61 -5.75
N ALA A 102 -17.55 -36.76 -5.00
CA ALA A 102 -16.14 -37.01 -4.71
C ALA A 102 -15.98 -38.25 -3.84
N GLN A 103 -16.83 -38.42 -2.84
CA GLN A 103 -16.78 -39.63 -2.03
C GLN A 103 -17.08 -40.88 -2.87
N PHE A 104 -18.07 -40.79 -3.76
CA PHE A 104 -18.40 -41.90 -4.62
C PHE A 104 -17.27 -42.25 -5.56
N ARG A 105 -16.61 -41.23 -6.12
CA ARG A 105 -15.48 -41.47 -7.01
C ARG A 105 -14.31 -42.09 -6.27
N LEU A 106 -14.02 -41.62 -5.05
CA LEU A 106 -12.95 -42.23 -4.28
C LEU A 106 -13.27 -43.68 -3.96
N ASP A 107 -14.54 -43.98 -3.67
CA ASP A 107 -14.91 -45.34 -3.27
C ASP A 107 -14.91 -46.29 -4.46
N HIS A 108 -15.42 -45.86 -5.62
CA HIS A 108 -15.74 -46.77 -6.70
C HIS A 108 -15.02 -46.50 -8.01
N PHE A 109 -14.53 -45.29 -8.24
CA PHE A 109 -14.15 -44.87 -9.58
C PHE A 109 -12.64 -44.68 -9.72
N GLY A 110 -12.11 -45.15 -10.83
CA GLY A 110 -10.84 -44.68 -11.35
C GLY A 110 -11.09 -44.10 -12.72
N PHE A 111 -10.43 -42.98 -13.02
CA PHE A 111 -10.63 -42.30 -14.29
C PHE A 111 -9.29 -42.11 -14.98
N ILE A 112 -9.18 -42.63 -16.19
CA ILE A 112 -8.04 -42.35 -17.05
C ILE A 112 -8.48 -41.24 -18.00
N PHE A 113 -7.81 -40.10 -17.91
CA PHE A 113 -8.22 -38.92 -18.65
C PHE A 113 -7.60 -38.89 -20.04
N GLN A 114 -8.33 -38.30 -20.97
CA GLN A 114 -7.85 -38.17 -22.34
C GLN A 114 -6.62 -37.29 -22.41
N SER A 115 -6.61 -36.18 -21.68
CA SER A 115 -5.46 -35.31 -21.57
C SER A 115 -4.61 -35.65 -20.36
N PHE A 116 -4.89 -36.78 -19.71
CA PHE A 116 -4.15 -37.43 -18.63
C PHE A 116 -4.25 -36.71 -17.30
N GLN A 117 -4.66 -35.44 -17.33
CA GLN A 117 -4.95 -34.64 -16.14
C GLN A 117 -4.00 -34.92 -14.97
N LEU A 118 -2.72 -34.83 -15.23
CA LEU A 118 -1.71 -35.00 -14.19
C LEU A 118 -1.45 -33.67 -13.47
N ILE A 119 -1.15 -33.76 -12.19
CA ILE A 119 -0.85 -32.58 -11.39
C ILE A 119 0.58 -32.14 -11.70
N PRO A 120 0.79 -30.94 -12.23
CA PRO A 120 2.13 -30.55 -12.68
C PRO A 120 3.16 -30.49 -11.57
N GLY A 121 2.75 -30.14 -10.36
CA GLY A 121 3.64 -29.97 -9.23
C GLY A 121 4.02 -31.24 -8.51
N LEU A 122 3.52 -32.38 -8.95
CA LEU A 122 3.86 -33.66 -8.36
C LEU A 122 4.66 -34.48 -9.35
N THR A 123 5.50 -35.37 -8.83
CA THR A 123 6.23 -36.27 -9.70
C THR A 123 5.30 -37.37 -10.20
N THR A 124 5.84 -38.28 -11.01
CA THR A 124 5.08 -39.46 -11.43
C THR A 124 4.67 -40.28 -10.23
N TYR A 125 5.60 -40.49 -9.30
CA TYR A 125 5.32 -41.20 -8.07
C TYR A 125 4.23 -40.53 -7.26
N GLU A 126 4.37 -39.23 -7.02
CA GLU A 126 3.40 -38.52 -6.20
C GLU A 126 2.02 -38.47 -6.87
N ASN A 127 2.00 -38.38 -8.20
CA ASN A 127 0.74 -38.40 -8.94
C ASN A 127 0.04 -39.74 -8.77
N VAL A 128 0.77 -40.85 -8.92
CA VAL A 128 0.13 -42.15 -8.76
C VAL A 128 -0.23 -42.39 -7.29
N GLU A 129 0.55 -41.83 -6.37
CA GLU A 129 0.34 -42.05 -4.95
C GLU A 129 -0.81 -41.23 -4.38
N MET A 130 -1.18 -40.12 -5.03
CA MET A 130 -2.24 -39.27 -4.52
C MET A 130 -3.56 -39.97 -4.20
N PRO A 131 -4.11 -40.86 -5.05
CA PRO A 131 -5.34 -41.56 -4.64
C PRO A 131 -5.19 -42.35 -3.36
N LEU A 132 -4.01 -42.92 -3.11
CA LEU A 132 -3.79 -43.68 -1.89
C LEU A 132 -3.72 -42.77 -0.68
N ALA A 133 -3.17 -41.57 -0.85
CA ALA A 133 -3.22 -40.58 0.22
C ALA A 133 -4.65 -40.13 0.48
N LEU A 134 -5.44 -39.96 -0.58
CA LEU A 134 -6.83 -39.54 -0.41
C LEU A 134 -7.64 -40.62 0.28
N LYS A 135 -7.36 -41.88 0.00
CA LYS A 135 -7.98 -42.96 0.74
C LYS A 135 -7.32 -43.21 2.09
N GLY A 136 -6.23 -42.52 2.38
CA GLY A 136 -5.50 -42.65 3.63
C GLY A 136 -5.12 -44.08 3.94
N ILE A 137 -4.21 -44.68 3.15
CA ILE A 137 -3.92 -46.08 3.34
C ILE A 137 -2.83 -46.26 4.39
N LYS A 138 -1.60 -45.88 4.04
CA LYS A 138 -0.46 -45.73 4.92
C LYS A 138 0.69 -45.20 4.07
N PRO A 139 1.43 -44.19 4.52
CA PRO A 139 2.59 -43.76 3.71
C PRO A 139 3.62 -44.85 3.50
N SER A 140 3.76 -45.76 4.47
CA SER A 140 4.69 -46.88 4.31
C SER A 140 4.12 -47.93 3.35
N GLU A 141 2.82 -48.23 3.47
CA GLU A 141 2.21 -49.21 2.59
C GLU A 141 1.95 -48.66 1.20
N ARG A 142 2.14 -47.36 1.01
CA ARG A 142 1.98 -46.73 -0.29
C ARG A 142 3.18 -46.98 -1.20
N LYS A 143 4.37 -47.15 -0.61
CA LYS A 143 5.58 -47.31 -1.39
C LYS A 143 5.49 -48.51 -2.31
N GLN A 144 5.15 -49.67 -1.76
CA GLN A 144 5.08 -50.90 -2.54
C GLN A 144 4.00 -50.81 -3.60
N LYS A 145 2.85 -50.23 -3.25
CA LYS A 145 1.75 -50.11 -4.20
C LYS A 145 2.12 -49.25 -5.39
N VAL A 146 2.67 -48.06 -5.12
CA VAL A 146 3.03 -47.17 -6.22
C VAL A 146 4.16 -47.75 -7.05
N GLN A 147 5.15 -48.38 -6.41
CA GLN A 147 6.24 -48.99 -7.15
C GLN A 147 5.73 -50.10 -8.07
N ASP A 148 4.87 -50.97 -7.55
CA ASP A 148 4.36 -52.06 -8.36
C ASP A 148 3.50 -51.52 -9.51
N MET A 149 2.68 -50.50 -9.23
CA MET A 149 1.86 -49.92 -10.27
C MET A 149 2.71 -49.28 -11.36
N LEU A 150 3.76 -48.56 -10.97
CA LEU A 150 4.64 -47.94 -11.95
C LEU A 150 5.37 -48.98 -12.77
N LYS A 151 5.77 -50.09 -12.15
CA LYS A 151 6.42 -51.16 -12.91
C LYS A 151 5.44 -51.82 -13.87
N ARG A 152 4.17 -51.95 -13.48
CA ARG A 152 3.19 -52.58 -14.35
C ARG A 152 2.92 -51.74 -15.60
N VAL A 153 3.07 -50.42 -15.51
CA VAL A 153 2.91 -49.55 -16.67
C VAL A 153 4.25 -49.13 -17.25
N GLY A 154 5.34 -49.80 -16.88
CA GLY A 154 6.65 -49.50 -17.44
C GLY A 154 7.17 -48.11 -17.15
N LEU A 155 6.98 -47.62 -15.92
CA LEU A 155 7.41 -46.30 -15.51
C LEU A 155 8.24 -46.34 -14.23
N GLU A 156 8.98 -47.43 -14.03
CA GLU A 156 9.80 -47.56 -12.83
C GLU A 156 10.88 -46.49 -12.79
N ASN A 157 11.49 -46.21 -13.94
CA ASN A 157 12.60 -45.27 -14.03
C ASN A 157 12.18 -43.82 -14.11
N HIS A 158 10.88 -43.54 -14.21
CA HIS A 158 10.39 -42.18 -14.38
C HIS A 158 9.63 -41.68 -13.16
N ALA A 159 9.76 -42.37 -12.02
CA ALA A 159 9.00 -42.00 -10.83
C ALA A 159 9.36 -40.61 -10.34
N ALA A 160 10.62 -40.21 -10.53
CA ALA A 160 11.06 -38.90 -10.08
C ALA A 160 10.71 -37.80 -11.08
N HIS A 161 10.35 -38.15 -12.30
CA HIS A 161 10.02 -37.16 -13.31
C HIS A 161 8.72 -36.45 -12.99
N TYR A 162 8.64 -35.22 -13.38
CA TYR A 162 7.38 -34.51 -13.39
C TYR A 162 6.66 -34.73 -14.72
N PRO A 163 5.36 -34.44 -14.78
CA PRO A 163 4.66 -34.56 -16.07
C PRO A 163 5.27 -33.72 -17.17
N ASN A 164 5.88 -32.58 -16.82
CA ASN A 164 6.72 -31.83 -17.74
C ASN A 164 7.77 -32.70 -18.40
N GLU A 165 8.36 -33.61 -17.62
CA GLU A 165 9.51 -34.40 -18.03
C GLU A 165 9.13 -35.79 -18.51
N LEU A 166 7.94 -35.94 -19.06
CA LEU A 166 7.46 -37.24 -19.51
C LEU A 166 7.00 -37.13 -20.95
N SER A 167 7.02 -38.26 -21.64
CA SER A 167 6.37 -38.39 -22.93
C SER A 167 4.86 -38.35 -22.78
N GLY A 168 4.19 -38.14 -23.90
CA GLY A 168 2.73 -38.20 -23.88
C GLY A 168 2.21 -39.56 -23.46
N GLY A 169 2.82 -40.62 -23.96
CA GLY A 169 2.43 -41.96 -23.55
C GLY A 169 2.83 -42.29 -22.14
N GLN A 170 3.91 -41.70 -21.65
CA GLN A 170 4.28 -41.88 -20.25
C GLN A 170 3.33 -41.13 -19.34
N GLN A 171 2.89 -39.93 -19.72
CA GLN A 171 1.86 -39.24 -18.97
C GLN A 171 0.55 -40.01 -19.02
N GLN A 172 0.24 -40.60 -20.17
CA GLN A 172 -0.92 -41.46 -20.29
C GLN A 172 -0.85 -42.63 -19.31
N ARG A 173 0.33 -43.24 -19.20
CA ARG A 173 0.48 -44.36 -18.28
C ARG A 173 0.50 -43.92 -16.83
N VAL A 174 0.93 -42.68 -16.56
CA VAL A 174 0.77 -42.15 -15.21
C VAL A 174 -0.71 -42.01 -14.88
N SER A 175 -1.49 -41.52 -15.84
CA SER A 175 -2.94 -41.45 -15.65
C SER A 175 -3.55 -42.84 -15.44
N ILE A 176 -3.10 -43.82 -16.23
CA ILE A 176 -3.57 -45.20 -16.07
C ILE A 176 -3.23 -45.74 -14.69
N ALA A 177 -1.99 -45.53 -14.26
CA ALA A 177 -1.52 -46.01 -12.97
C ALA A 177 -2.26 -45.34 -11.83
N ARG A 178 -2.51 -44.03 -11.95
CA ARG A 178 -3.27 -43.33 -10.92
C ARG A 178 -4.71 -43.81 -10.86
N ALA A 179 -5.30 -44.16 -12.00
CA ALA A 179 -6.66 -44.67 -11.99
C ALA A 179 -6.73 -46.09 -11.42
N LEU A 180 -5.73 -46.91 -11.72
CA LEU A 180 -5.73 -48.30 -11.31
C LEU A 180 -5.12 -48.54 -9.93
N ILE A 181 -4.54 -47.51 -9.31
CA ILE A 181 -3.77 -47.73 -8.09
C ILE A 181 -4.67 -48.18 -6.94
N LEU A 182 -5.91 -47.70 -6.89
CA LEU A 182 -6.83 -48.03 -5.81
C LEU A 182 -7.62 -49.30 -6.08
N ASN A 183 -7.45 -49.92 -7.24
CA ASN A 183 -8.29 -51.02 -7.69
C ASN A 183 -9.77 -50.70 -7.55
N PRO A 184 -10.26 -49.68 -8.25
CA PRO A 184 -11.67 -49.30 -8.11
C PRO A 184 -12.59 -50.31 -8.77
N SER A 185 -13.86 -50.26 -8.39
CA SER A 185 -14.82 -51.18 -8.98
C SER A 185 -15.13 -50.81 -10.43
N ILE A 186 -14.99 -49.55 -10.79
CA ILE A 186 -15.21 -49.08 -12.15
C ILE A 186 -14.02 -48.25 -12.57
N ILE A 187 -13.49 -48.52 -13.76
CA ILE A 187 -12.47 -47.68 -14.38
C ILE A 187 -13.07 -47.09 -15.65
N LEU A 188 -13.12 -45.77 -15.70
CA LEU A 188 -13.55 -45.05 -16.91
C LEU A 188 -12.28 -44.60 -17.61
N ALA A 189 -11.95 -45.26 -18.71
CA ALA A 189 -10.75 -44.99 -19.46
C ALA A 189 -11.11 -44.21 -20.72
N ASP A 190 -10.57 -43.00 -20.82
CA ASP A 190 -10.82 -42.12 -21.95
C ASP A 190 -9.63 -42.25 -22.90
N GLU A 191 -9.79 -43.10 -23.92
CA GLU A 191 -8.74 -43.36 -24.90
C GLU A 191 -7.39 -43.71 -24.26
N PRO A 192 -7.36 -44.73 -23.39
CA PRO A 192 -6.18 -44.94 -22.53
C PRO A 192 -4.95 -45.44 -23.25
N THR A 193 -5.01 -45.68 -24.56
CA THR A 193 -3.86 -46.20 -25.30
C THR A 193 -3.55 -45.36 -26.53
N GLY A 194 -4.12 -44.16 -26.65
CA GLY A 194 -3.92 -43.36 -27.84
C GLY A 194 -2.52 -42.84 -28.01
N SER A 195 -1.78 -42.69 -26.91
CA SER A 195 -0.42 -42.19 -26.93
C SER A 195 0.61 -43.30 -26.81
N LEU A 196 0.20 -44.56 -26.97
CA LEU A 196 1.06 -45.70 -26.73
C LEU A 196 1.36 -46.41 -28.04
N ASP A 197 2.58 -46.93 -28.15
CA ASP A 197 2.91 -47.82 -29.25
C ASP A 197 2.25 -49.18 -29.03
N SER A 198 2.40 -50.06 -30.02
CA SER A 198 1.70 -51.34 -29.98
C SER A 198 2.14 -52.19 -28.79
N GLU A 199 3.42 -52.19 -28.47
CA GLU A 199 3.91 -53.01 -27.36
C GLU A 199 3.44 -52.47 -26.01
N THR A 200 3.60 -51.17 -25.79
CA THR A 200 3.15 -50.57 -24.53
C THR A 200 1.64 -50.67 -24.41
N GLU A 201 0.92 -50.45 -25.51
CA GLU A 201 -0.52 -50.59 -25.51
C GLU A 201 -0.93 -52.03 -25.21
N HIS A 202 -0.20 -53.01 -25.75
CA HIS A 202 -0.50 -54.40 -25.45
C HIS A 202 -0.26 -54.71 -23.98
N GLU A 203 0.81 -54.15 -23.40
CA GLU A 203 1.04 -54.33 -21.97
C GLU A 203 -0.07 -53.71 -21.14
N VAL A 204 -0.53 -52.53 -21.53
CA VAL A 204 -1.62 -51.87 -20.80
C VAL A 204 -2.92 -52.65 -20.95
N LEU A 205 -3.21 -53.15 -22.15
CA LEU A 205 -4.39 -53.97 -22.36
C LEU A 205 -4.34 -55.25 -21.56
N GLU A 206 -3.16 -55.87 -21.48
CA GLU A 206 -3.00 -57.07 -20.66
C GLU A 206 -3.22 -56.76 -19.19
N LEU A 207 -2.72 -55.62 -18.73
CA LEU A 207 -2.96 -55.20 -17.35
C LEU A 207 -4.44 -54.96 -17.09
N ILE A 208 -5.13 -54.33 -18.04
CA ILE A 208 -6.56 -54.08 -17.91
C ILE A 208 -7.32 -55.40 -17.85
N GLN A 209 -6.97 -56.34 -18.71
CA GLN A 209 -7.66 -57.63 -18.72
C GLN A 209 -7.36 -58.42 -17.46
N GLN A 210 -6.13 -58.32 -16.95
CA GLN A 210 -5.81 -58.97 -15.68
C GLN A 210 -6.62 -58.39 -14.54
N LEU A 211 -6.75 -57.06 -14.49
CA LEU A 211 -7.55 -56.44 -13.43
C LEU A 211 -9.02 -56.83 -13.55
N ASN A 212 -9.53 -56.86 -14.78
CA ASN A 212 -10.92 -57.27 -15.00
C ASN A 212 -11.15 -58.72 -14.59
N ARG A 213 -10.20 -59.61 -14.88
CA ARG A 213 -10.35 -61.01 -14.51
C ARG A 213 -10.23 -61.20 -13.01
N GLU A 214 -9.20 -60.61 -12.39
CA GLU A 214 -8.88 -60.93 -11.01
C GLU A 214 -9.69 -60.10 -10.02
N ARG A 215 -9.65 -58.77 -10.16
CA ARG A 215 -10.40 -57.93 -9.24
C ARG A 215 -11.85 -57.76 -9.66
N GLY A 216 -12.22 -58.23 -10.85
CA GLY A 216 -13.57 -58.02 -11.34
C GLY A 216 -13.91 -56.58 -11.62
N ILE A 217 -12.94 -55.80 -12.07
CA ILE A 217 -13.13 -54.37 -12.28
C ILE A 217 -13.92 -54.15 -13.56
N THR A 218 -14.97 -53.34 -13.47
CA THR A 218 -15.73 -52.94 -14.63
C THR A 218 -15.01 -51.82 -15.37
N PHE A 219 -14.82 -51.98 -16.66
CA PHE A 219 -14.13 -50.99 -17.47
C PHE A 219 -15.09 -50.41 -18.49
N VAL A 220 -15.07 -49.09 -18.63
CA VAL A 220 -15.72 -48.42 -19.74
C VAL A 220 -14.61 -47.68 -20.47
N ILE A 221 -14.23 -48.21 -21.63
CA ILE A 221 -13.04 -47.74 -22.35
C ILE A 221 -13.50 -47.09 -23.64
N ILE A 222 -13.30 -45.80 -23.75
CA ILE A 222 -13.35 -45.12 -25.04
C ILE A 222 -12.08 -45.43 -25.79
N THR A 223 -12.20 -45.77 -27.06
CA THR A 223 -11.00 -46.08 -27.82
C THR A 223 -11.24 -45.82 -29.30
N HIS A 224 -10.17 -45.47 -30.00
CA HIS A 224 -10.15 -45.41 -31.44
C HIS A 224 -9.37 -46.56 -32.05
N ASP A 225 -8.89 -47.49 -31.23
CA ASP A 225 -8.07 -48.60 -31.69
C ASP A 225 -8.93 -49.86 -31.77
N ASP A 226 -8.75 -50.61 -32.86
CA ASP A 226 -9.55 -51.82 -33.07
C ASP A 226 -9.20 -52.92 -32.07
N GLU A 227 -7.91 -53.03 -31.69
CA GLU A 227 -7.51 -54.04 -30.73
C GLU A 227 -8.09 -53.76 -29.35
N VAL A 228 -8.00 -52.51 -28.90
CA VAL A 228 -8.55 -52.12 -27.61
C VAL A 228 -10.05 -52.35 -27.58
N ALA A 229 -10.74 -51.97 -28.66
CA ALA A 229 -12.17 -52.25 -28.75
C ALA A 229 -12.45 -53.74 -28.78
N SER A 230 -11.51 -54.54 -29.28
CA SER A 230 -11.69 -55.98 -29.35
C SER A 230 -11.52 -56.66 -28.00
N ILE A 231 -10.73 -56.08 -27.09
CA ILE A 231 -10.61 -56.69 -25.77
C ILE A 231 -11.91 -56.62 -24.98
N GLY A 232 -12.87 -55.80 -25.42
CA GLY A 232 -14.07 -55.61 -24.62
C GLY A 232 -15.11 -56.70 -24.85
N HIS A 233 -15.85 -56.99 -23.78
CA HIS A 233 -17.01 -57.88 -23.87
C HIS A 233 -18.23 -57.16 -24.44
N SER A 234 -18.22 -55.84 -24.43
CA SER A 234 -19.30 -55.02 -24.96
C SER A 234 -18.71 -53.97 -25.89
N LYS A 235 -19.45 -53.66 -26.94
CA LYS A 235 -19.07 -52.61 -27.88
C LYS A 235 -20.25 -51.68 -28.06
N PHE A 236 -20.00 -50.38 -27.94
CA PHE A 236 -21.04 -49.37 -28.10
C PHE A 236 -20.54 -48.30 -29.06
N GLN A 237 -21.34 -48.03 -30.08
CA GLN A 237 -21.00 -47.04 -31.09
C GLN A 237 -21.72 -45.73 -30.78
N LEU A 238 -20.96 -44.64 -30.71
CA LEU A 238 -21.52 -43.31 -30.53
C LEU A 238 -21.51 -42.61 -31.88
N HIS A 239 -22.70 -42.36 -32.41
CA HIS A 239 -22.84 -41.66 -33.68
C HIS A 239 -24.04 -40.74 -33.58
N ASP A 240 -23.83 -39.47 -33.92
CA ASP A 240 -24.88 -38.45 -33.86
C ASP A 240 -25.49 -38.39 -32.46
N GLY A 241 -24.66 -38.58 -31.45
CA GLY A 241 -25.12 -38.54 -30.08
C GLY A 241 -25.95 -39.72 -29.64
N VAL A 242 -26.01 -40.79 -30.42
CA VAL A 242 -26.80 -41.95 -30.12
C VAL A 242 -25.87 -43.14 -29.88
N LEU A 243 -26.06 -43.83 -28.77
CA LEU A 243 -25.24 -44.98 -28.41
C LEU A 243 -25.89 -46.25 -28.96
N LYS A 244 -25.72 -46.44 -30.26
CA LYS A 244 -26.31 -47.59 -30.96
C LYS A 244 -25.33 -48.77 -31.03
N GLY A 245 -24.77 -49.14 -29.88
CA GLY A 245 -23.91 -50.31 -29.84
C GLY A 245 -24.62 -51.58 -29.43
N GLY A 246 -25.26 -51.55 -28.27
CA GLY A 246 -26.01 -52.68 -27.73
C GLY A 246 -25.41 -54.05 -27.94
N ILE A 247 -24.11 -54.19 -27.71
CA ILE A 247 -23.38 -55.43 -28.00
C ILE A 247 -23.01 -56.08 -26.67
N THR A 248 -23.45 -57.32 -26.49
CA THR A 248 -23.14 -58.08 -25.28
C THR A 248 -23.15 -59.56 -25.66
N VAL A 249 -21.97 -60.14 -25.86
CA VAL A 249 -21.82 -61.52 -26.29
C VAL A 249 -20.90 -62.23 -25.31
N GLU A 250 -21.01 -63.55 -25.27
CA GLU A 250 -20.18 -64.36 -24.39
C GLU A 250 -18.73 -64.37 -24.87
N VAL A 251 -17.84 -64.77 -23.97
CA VAL A 251 -16.41 -64.80 -24.26
C VAL A 251 -15.89 -66.23 -24.28
N MET B 1 -7.86 -38.32 3.96
CA MET B 1 -6.48 -37.87 3.82
C MET B 1 -5.91 -37.39 5.15
N ARG B 2 -4.83 -38.02 5.59
CA ARG B 2 -4.21 -37.67 6.85
C ARG B 2 -3.65 -36.25 6.78
N PHE B 3 -3.50 -35.64 7.96
CA PHE B 3 -2.92 -34.31 8.04
C PHE B 3 -1.50 -34.30 7.51
N LYS B 4 -0.72 -35.34 7.82
CA LYS B 4 0.64 -35.44 7.32
C LYS B 4 0.67 -35.52 5.80
N ASP B 5 -0.25 -36.28 5.20
CA ASP B 5 -0.35 -36.32 3.75
C ASP B 5 -0.68 -34.96 3.16
N GLN B 6 -1.62 -34.25 3.78
CA GLN B 6 -1.97 -32.92 3.30
C GLN B 6 -0.78 -31.98 3.35
N VAL B 7 -0.04 -32.01 4.47
CA VAL B 7 1.15 -31.17 4.61
C VAL B 7 2.18 -31.55 3.56
N HIS B 8 2.40 -32.85 3.36
CA HIS B 8 3.39 -33.32 2.40
C HIS B 8 3.06 -32.83 0.99
N PHE B 9 1.80 -32.94 0.60
CA PHE B 9 1.45 -32.56 -0.77
C PHE B 9 1.42 -31.05 -0.95
N ILE B 10 1.02 -30.31 0.08
CA ILE B 10 1.14 -28.86 0.03
C ILE B 10 2.60 -28.45 -0.13
N ARG B 11 3.49 -29.10 0.62
CA ARG B 11 4.91 -28.78 0.53
C ARG B 11 5.48 -29.10 -0.85
N ARG B 12 5.10 -30.25 -1.41
CA ARG B 12 5.59 -30.62 -2.73
C ARG B 12 5.15 -29.63 -3.79
N ASN B 13 3.87 -29.25 -3.77
CA ASN B 13 3.39 -28.28 -4.73
C ASN B 13 4.00 -26.91 -4.50
N MET B 14 4.27 -26.55 -3.24
CA MET B 14 4.98 -25.31 -2.94
C MET B 14 6.39 -25.33 -3.52
N LYS B 15 7.07 -26.47 -3.40
CA LYS B 15 8.43 -26.59 -3.92
C LYS B 15 8.47 -26.51 -5.42
N LYS B 16 7.44 -26.99 -6.11
CA LYS B 16 7.45 -26.93 -7.57
C LYS B 16 6.87 -25.64 -8.12
N ASN B 17 6.41 -24.74 -7.27
CA ASN B 17 5.77 -23.48 -7.66
C ASN B 17 6.40 -22.33 -6.91
N ARG B 18 7.73 -22.27 -6.92
CA ARG B 18 8.45 -21.33 -6.07
C ARG B 18 8.13 -19.87 -6.40
N LEU B 19 7.92 -19.56 -7.68
CA LEU B 19 7.60 -18.18 -8.06
C LEU B 19 6.23 -17.77 -7.52
N ARG B 20 5.23 -18.62 -7.66
CA ARG B 20 3.89 -18.29 -7.18
C ARG B 20 3.86 -18.18 -5.66
N VAL B 21 4.51 -19.13 -4.97
CA VAL B 21 4.55 -19.10 -3.52
C VAL B 21 5.32 -17.88 -3.03
N PHE B 22 6.42 -17.55 -3.71
CA PHE B 22 7.17 -16.35 -3.35
C PHE B 22 6.36 -15.09 -3.59
N MET B 23 5.59 -15.05 -4.67
CA MET B 23 4.74 -13.89 -4.93
C MET B 23 3.72 -13.70 -3.82
N THR B 24 3.08 -14.79 -3.39
CA THR B 24 2.10 -14.68 -2.32
C THR B 24 2.75 -14.31 -0.99
N ILE B 25 3.88 -14.92 -0.66
CA ILE B 25 4.58 -14.60 0.57
C ILE B 25 5.05 -13.15 0.55
N LEU B 26 5.50 -12.68 -0.62
CA LEU B 26 5.93 -11.30 -0.75
C LEU B 26 4.76 -10.34 -0.60
N ALA B 27 3.60 -10.68 -1.15
CA ALA B 27 2.43 -9.84 -0.97
C ALA B 27 2.05 -9.72 0.50
N THR B 28 1.98 -10.86 1.19
CA THR B 28 1.62 -10.83 2.61
C THR B 28 2.69 -10.12 3.44
N THR B 29 3.97 -10.37 3.12
CA THR B 29 5.07 -9.74 3.84
C THR B 29 5.07 -8.24 3.66
N MET B 30 4.92 -7.78 2.42
CA MET B 30 4.94 -6.35 2.15
C MET B 30 3.70 -5.67 2.73
N ALA B 31 2.55 -6.35 2.70
CA ALA B 31 1.37 -5.80 3.34
C ALA B 31 1.59 -5.63 4.85
N CYS B 32 2.07 -6.68 5.51
CA CYS B 32 2.29 -6.62 6.94
C CYS B 32 3.35 -5.56 7.29
N ALA B 33 4.46 -5.57 6.55
CA ALA B 33 5.53 -4.63 6.82
C ALA B 33 5.08 -3.19 6.58
N PHE B 34 4.34 -2.95 5.49
CA PHE B 34 3.87 -1.60 5.22
C PHE B 34 2.89 -1.15 6.29
N LEU B 35 1.96 -2.01 6.68
CA LEU B 35 1.01 -1.64 7.72
C LEU B 35 1.72 -1.30 9.01
N VAL B 36 2.65 -2.16 9.44
CA VAL B 36 3.32 -1.94 10.72
C VAL B 36 4.22 -0.71 10.65
N VAL B 37 4.95 -0.54 9.56
CA VAL B 37 5.89 0.58 9.46
C VAL B 37 5.15 1.91 9.37
N LEU B 38 4.08 1.98 8.58
CA LEU B 38 3.29 3.20 8.49
C LEU B 38 2.63 3.52 9.82
N SER B 39 1.95 2.53 10.40
CA SER B 39 1.31 2.77 11.69
C SER B 39 2.34 3.03 12.78
N SER B 40 3.57 2.57 12.61
CA SER B 40 4.61 2.86 13.58
C SER B 40 5.08 4.30 13.47
N VAL B 41 5.11 4.84 12.25
CA VAL B 41 5.35 6.27 12.11
C VAL B 41 4.22 7.05 12.77
N GLY B 42 2.98 6.61 12.59
CA GLY B 42 1.87 7.27 13.26
C GLY B 42 1.95 7.17 14.77
N PHE B 43 2.30 6.00 15.28
CA PHE B 43 2.43 5.80 16.72
C PHE B 43 3.60 6.60 17.27
N GLY B 44 4.67 6.73 16.51
CA GLY B 44 5.80 7.55 16.93
C GLY B 44 5.44 9.02 16.96
N ILE B 45 4.64 9.49 16.01
CA ILE B 45 4.15 10.87 16.07
C ILE B 45 3.29 11.08 17.30
N GLN B 46 2.39 10.12 17.57
CA GLN B 46 1.55 10.24 18.76
C GLN B 46 2.39 10.24 20.03
N LYS B 47 3.42 9.39 20.08
CA LYS B 47 4.30 9.35 21.23
C LYS B 47 5.09 10.64 21.38
N THR B 48 5.56 11.20 20.26
CA THR B 48 6.28 12.47 20.30
C THR B 48 5.38 13.59 20.80
N ILE B 49 4.13 13.62 20.35
CA ILE B 49 3.18 14.64 20.81
C ILE B 49 2.89 14.46 22.29
N THR B 50 2.71 13.21 22.73
CA THR B 50 2.47 12.96 24.15
C THR B 50 3.67 13.38 25.00
N ASP B 51 4.88 13.11 24.52
CA ASP B 51 6.07 13.51 25.26
C ASP B 51 6.23 15.03 25.28
N MET B 52 5.91 15.69 24.16
CA MET B 52 5.90 17.15 24.12
C MET B 52 4.89 17.72 25.11
N THR B 53 3.70 17.13 25.17
CA THR B 53 2.69 17.57 26.12
C THR B 53 3.16 17.35 27.55
N MET B 54 3.81 16.21 27.80
CA MET B 54 4.25 15.87 29.15
C MET B 54 5.42 16.72 29.61
N SER B 55 6.22 17.22 28.68
CA SER B 55 7.42 17.96 29.07
C SER B 55 7.27 19.48 28.95
N GLN B 56 6.72 19.97 27.84
CA GLN B 56 6.72 21.41 27.58
C GLN B 56 5.86 22.17 28.57
N GLN B 57 4.62 21.74 28.76
CA GLN B 57 3.66 22.32 29.70
C GLN B 57 3.16 23.68 29.23
N ILE B 58 3.78 24.25 28.20
CA ILE B 58 3.18 25.37 27.49
C ILE B 58 2.09 24.88 26.54
N VAL B 59 2.15 23.61 26.13
CA VAL B 59 1.15 23.04 25.25
C VAL B 59 -0.21 23.02 25.94
N THR B 60 -0.24 22.61 27.20
CA THR B 60 -1.47 22.41 27.93
C THR B 60 -1.76 23.52 28.93
N LYS B 61 -0.99 24.59 28.92
CA LYS B 61 -1.23 25.70 29.83
C LYS B 61 -2.41 26.53 29.35
N VAL B 62 -3.31 26.82 30.26
CA VAL B 62 -4.37 27.80 30.05
C VAL B 62 -4.20 28.83 31.16
N SER B 63 -3.41 29.86 30.91
CA SER B 63 -3.09 30.83 31.95
C SER B 63 -4.24 31.79 32.14
N VAL B 64 -4.63 31.99 33.40
CA VAL B 64 -5.73 32.87 33.77
C VAL B 64 -5.13 34.17 34.28
N MET B 65 -5.36 35.25 33.55
CA MET B 65 -4.84 36.57 33.90
C MET B 65 -5.88 37.47 34.53
N GLY B 66 -7.05 36.94 34.86
CA GLY B 66 -8.08 37.75 35.48
C GLY B 66 -9.43 37.09 35.34
N LYS B 67 -10.46 37.88 35.64
CA LYS B 67 -11.83 37.41 35.55
C LYS B 67 -12.75 38.61 35.36
N GLU B 68 -13.78 38.43 34.53
CA GLU B 68 -14.77 39.47 34.35
C GLU B 68 -15.61 39.59 35.61
N GLY B 69 -15.96 40.82 35.97
CA GLY B 69 -16.58 41.05 37.26
C GLY B 69 -15.60 40.72 38.35
N ASP B 70 -14.58 41.57 38.51
CA ASP B 70 -13.39 41.26 39.30
C ASP B 70 -13.75 40.68 40.66
N LYS B 71 -13.34 39.43 40.86
CA LYS B 71 -13.48 38.71 42.12
C LYS B 71 -12.18 37.94 42.33
N PRO B 72 -11.81 37.65 43.57
CA PRO B 72 -10.59 36.87 43.82
C PRO B 72 -10.71 35.47 43.23
N ILE B 73 -9.81 35.16 42.28
CA ILE B 73 -9.82 33.87 41.63
C ILE B 73 -9.38 32.80 42.62
N LYS B 74 -10.16 31.73 42.72
CA LYS B 74 -9.88 30.64 43.63
C LYS B 74 -9.39 29.42 42.85
N LYS B 75 -8.25 28.86 43.28
CA LYS B 75 -7.70 27.69 42.61
C LYS B 75 -8.63 26.48 42.74
N ALA B 76 -9.31 26.35 43.88
CA ALA B 76 -10.10 25.15 44.14
C ALA B 76 -11.23 25.00 43.12
N ASP B 77 -11.89 26.11 42.76
CA ASP B 77 -12.96 26.04 41.78
C ASP B 77 -12.46 25.89 40.36
N LEU B 78 -11.20 26.24 40.09
CA LEU B 78 -10.64 26.08 38.75
C LEU B 78 -10.39 24.62 38.42
N GLU B 79 -10.09 23.81 39.42
CA GLU B 79 -9.90 22.38 39.19
C GLU B 79 -11.22 21.65 38.96
N LYS B 80 -12.35 22.28 39.25
CA LYS B 80 -13.65 21.66 39.03
C LYS B 80 -13.96 21.47 37.55
N TYR B 81 -13.32 22.23 36.67
CA TYR B 81 -13.51 22.06 35.25
C TYR B 81 -12.98 20.71 34.80
N ASP B 82 -13.56 20.21 33.71
CA ASP B 82 -13.17 18.90 33.22
C ASP B 82 -11.80 18.94 32.57
N HIS B 83 -11.12 17.80 32.60
CA HIS B 83 -9.83 17.63 31.91
C HIS B 83 -8.80 18.64 32.38
N VAL B 84 -8.75 18.87 33.69
CA VAL B 84 -7.77 19.77 34.30
C VAL B 84 -6.81 18.91 35.09
N ARG B 85 -5.60 18.71 34.57
CA ARG B 85 -4.62 17.88 35.27
C ARG B 85 -3.99 18.60 36.45
N SER B 86 -4.01 19.93 36.46
CA SER B 86 -3.47 20.69 37.59
C SER B 86 -3.87 22.14 37.44
N VAL B 87 -3.79 22.88 38.53
CA VAL B 87 -3.98 24.33 38.56
C VAL B 87 -2.86 24.91 39.41
N VAL B 88 -1.95 25.64 38.79
CA VAL B 88 -0.78 26.17 39.47
C VAL B 88 -0.98 27.66 39.68
N GLU B 89 -1.18 28.06 40.92
CA GLU B 89 -1.23 29.47 41.29
C GLU B 89 0.11 29.85 41.89
N ARG B 90 0.81 30.78 41.24
CA ARG B 90 2.12 31.23 41.68
C ARG B 90 1.99 32.64 42.22
N THR B 91 2.36 32.82 43.49
CA THR B 91 2.32 34.13 44.13
C THR B 91 3.73 34.72 44.10
N GLN B 92 4.07 35.30 42.95
CA GLN B 92 5.41 35.85 42.76
C GLN B 92 5.55 37.14 43.57
N VAL B 93 6.45 37.12 44.55
CA VAL B 93 6.70 38.26 45.42
C VAL B 93 8.08 38.82 45.08
N TYR B 94 8.14 40.12 44.84
CA TYR B 94 9.39 40.79 44.49
C TYR B 94 10.02 41.48 45.70
N GLU B 95 9.61 41.11 46.90
CA GLU B 95 10.14 41.74 48.10
C GLU B 95 11.60 41.35 48.30
N PRO B 96 12.38 42.18 49.00
CA PRO B 96 13.79 41.87 49.22
C PRO B 96 13.98 40.57 50.00
N ASN B 97 15.09 39.89 49.70
CA ASN B 97 15.41 38.62 50.33
C ASN B 97 16.92 38.48 50.41
N LYS B 98 17.36 37.58 51.30
CA LYS B 98 18.77 37.39 51.60
C LYS B 98 19.12 35.90 51.61
N ALA B 99 18.73 35.19 50.55
CA ALA B 99 19.06 33.77 50.42
C ALA B 99 20.58 33.58 50.41
N THR B 100 21.12 32.95 51.44
CA THR B 100 22.56 32.82 51.62
C THR B 100 22.94 31.35 51.76
N LEU B 101 23.98 30.94 51.06
CA LEU B 101 24.54 29.60 51.18
C LEU B 101 25.79 29.59 52.06
N GLY B 102 26.11 30.71 52.70
CA GLY B 102 27.33 30.81 53.47
C GLY B 102 28.12 32.06 53.15
N ASN B 103 29.32 31.89 52.59
CA ASN B 103 30.15 33.03 52.22
C ASN B 103 29.55 33.82 51.06
N ARG B 104 28.66 33.23 50.28
CA ARG B 104 28.03 33.88 49.14
C ARG B 104 26.56 34.11 49.42
N THR B 105 26.06 35.28 49.04
CA THR B 105 24.67 35.66 49.27
C THR B 105 23.99 35.98 47.95
N ASN B 106 22.67 35.99 48.00
CA ASN B 106 21.82 36.26 46.85
C ASN B 106 20.82 37.35 47.21
N GLU B 107 20.55 38.24 46.26
CA GLU B 107 19.64 39.34 46.49
C GLU B 107 18.59 39.41 45.39
N SER B 108 18.97 39.01 44.17
CA SER B 108 18.13 39.15 43.00
C SER B 108 17.12 38.02 42.83
N SER B 109 17.12 37.03 43.72
CA SER B 109 16.18 35.93 43.60
C SER B 109 14.77 36.39 43.92
N ASN B 110 13.80 35.90 43.15
CA ASN B 110 12.40 36.29 43.28
C ASN B 110 11.63 35.14 43.91
N LEU B 111 10.96 35.41 45.01
CA LEU B 111 10.21 34.37 45.70
C LEU B 111 8.93 34.06 44.94
N ILE B 112 8.57 32.79 44.90
CA ILE B 112 7.35 32.31 44.25
C ILE B 112 6.70 31.29 45.16
N PHE B 113 5.49 31.57 45.61
CA PHE B 113 4.75 30.68 46.51
C PHE B 113 3.73 29.91 45.68
N THR B 114 3.96 28.61 45.51
CA THR B 114 3.10 27.78 44.68
C THR B 114 2.90 26.42 45.33
N ASN B 115 1.73 25.84 45.10
CA ASN B 115 1.44 24.50 45.58
C ASN B 115 2.37 23.50 44.92
N MET B 116 3.23 22.87 45.72
CA MET B 116 4.22 21.96 45.18
C MET B 116 3.58 20.74 44.53
N ASN B 117 2.50 20.23 45.12
CA ASN B 117 1.77 19.12 44.50
C ASN B 117 1.19 19.53 43.16
N ASP B 118 0.68 20.77 43.07
CA ASP B 118 0.17 21.27 41.80
C ASP B 118 1.28 21.38 40.76
N GLU B 119 2.46 21.84 41.17
CA GLU B 119 3.59 21.92 40.25
C GLU B 119 4.01 20.53 39.77
N LEU B 120 3.99 19.55 40.68
CA LEU B 120 4.32 18.19 40.29
C LEU B 120 3.27 17.63 39.33
N LYS B 121 1.99 17.94 39.56
CA LYS B 121 0.94 17.45 38.69
C LYS B 121 0.95 18.15 37.34
N ALA B 122 1.44 19.38 37.29
CA ALA B 122 1.52 20.16 36.07
C ALA B 122 2.80 19.92 35.29
N ASN B 123 3.62 18.96 35.72
CA ASN B 123 4.89 18.64 35.07
C ASN B 123 5.80 19.86 35.02
N MET B 124 6.17 20.33 36.20
CA MET B 124 7.10 21.45 36.30
C MET B 124 8.38 21.16 35.54
N GLU B 125 8.78 22.09 34.68
CA GLU B 125 9.97 21.89 33.87
C GLU B 125 11.21 22.03 34.72
N LEU B 126 11.93 20.92 34.92
CA LEU B 126 13.14 20.90 35.72
C LEU B 126 14.31 20.47 34.87
N GLU B 127 15.41 21.22 34.96
CA GLU B 127 16.66 20.76 34.36
C GLU B 127 17.22 19.56 35.11
N LYS B 128 17.22 19.62 36.44
CA LYS B 128 17.71 18.53 37.27
C LYS B 128 16.97 18.54 38.59
N GLY B 129 16.97 17.40 39.25
CA GLY B 129 16.24 17.26 40.49
C GLY B 129 14.76 16.98 40.25
N ARG B 130 14.00 17.08 41.32
CA ARG B 130 12.57 16.83 41.29
C ARG B 130 11.84 17.92 42.05
N VAL B 131 10.54 18.02 41.79
CA VAL B 131 9.73 19.04 42.45
C VAL B 131 9.70 18.78 43.95
N ALA B 132 9.74 19.84 44.74
CA ALA B 132 9.70 19.73 46.19
C ALA B 132 8.43 19.00 46.64
N LYS B 133 8.60 18.04 47.54
CA LYS B 133 7.48 17.28 48.07
C LYS B 133 7.18 17.57 49.54
N SER B 134 8.15 18.06 50.29
CA SER B 134 7.96 18.39 51.70
C SER B 134 7.77 19.89 51.87
N GLU B 135 7.43 20.27 53.11
CA GLU B 135 7.25 21.69 53.42
C GLU B 135 8.56 22.45 53.33
N ASN B 136 9.67 21.84 53.76
CA ASN B 136 10.96 22.51 53.79
C ASN B 136 11.59 22.61 52.41
N GLU B 137 11.44 21.57 51.58
CA GLU B 137 12.12 21.52 50.29
C GLU B 137 11.62 22.63 49.37
N ILE B 138 12.54 23.17 48.57
CA ILE B 138 12.22 24.19 47.58
C ILE B 138 12.87 23.85 46.26
N VAL B 139 12.33 24.45 45.20
CA VAL B 139 12.88 24.38 43.85
C VAL B 139 13.32 25.77 43.48
N VAL B 140 14.55 25.89 42.96
CA VAL B 140 15.06 27.19 42.55
C VAL B 140 15.34 27.17 41.05
N GLY B 141 15.50 28.36 40.49
CA GLY B 141 15.66 28.51 39.06
C GLY B 141 17.04 28.13 38.57
N TYR B 142 17.17 28.10 37.25
CA TYR B 142 18.44 27.70 36.63
C TYR B 142 19.56 28.65 37.02
N ASP B 143 19.26 29.95 37.09
CA ASP B 143 20.26 30.97 37.35
C ASP B 143 20.41 31.31 38.83
N PHE B 144 19.74 30.57 39.73
CA PHE B 144 19.87 30.87 41.15
C PHE B 144 21.28 30.63 41.65
N ALA B 145 21.89 29.51 41.26
CA ALA B 145 23.25 29.22 41.70
C ALA B 145 24.24 30.26 41.17
N LYS B 146 24.08 30.66 39.91
CA LYS B 146 24.99 31.63 39.31
C LYS B 146 24.87 33.01 39.97
N ARG B 147 23.77 33.28 40.66
CA ARG B 147 23.59 34.55 41.36
C ARG B 147 24.16 34.54 42.78
N LEU B 148 24.62 33.39 43.26
CA LEU B 148 25.23 33.30 44.59
C LEU B 148 26.60 33.95 44.53
N LEU B 149 26.70 35.18 45.02
CA LEU B 149 27.91 35.98 44.90
C LEU B 149 28.33 36.55 46.25
N THR B 150 29.62 36.47 46.53
CA THR B 150 30.21 37.13 47.68
C THR B 150 30.63 38.55 47.30
N LYS B 151 30.93 39.35 48.32
CA LYS B 151 31.28 40.75 48.09
C LYS B 151 32.54 40.89 47.24
N LYS B 152 33.42 39.90 47.28
CA LYS B 152 34.70 39.98 46.56
C LYS B 152 34.47 40.23 45.08
N GLU B 153 33.65 39.40 44.43
CA GLU B 153 33.29 39.64 43.04
C GLU B 153 32.12 40.60 42.89
N SER B 154 31.38 40.87 43.96
CA SER B 154 30.30 41.84 43.89
C SER B 154 30.85 43.24 43.61
N GLU B 155 31.97 43.59 44.24
CA GLU B 155 32.59 44.89 43.95
C GLU B 155 33.03 44.97 42.50
N GLU B 156 33.63 43.90 41.97
CA GLU B 156 34.04 43.88 40.58
C GLU B 156 32.84 44.02 39.65
N TYR B 157 31.74 43.33 39.98
CA TYR B 157 30.53 43.45 39.15
C TYR B 157 29.99 44.88 39.18
N ASN B 158 29.96 45.50 40.36
CA ASN B 158 29.45 46.85 40.47
C ASN B 158 30.31 47.83 39.67
N LYS B 159 31.64 47.72 39.78
CA LYS B 159 32.51 48.63 39.05
C LYS B 159 32.43 48.38 37.54
N LYS B 160 32.31 47.13 37.12
CA LYS B 160 32.17 46.82 35.70
C LYS B 160 30.87 47.38 35.14
N ILE B 161 29.78 47.25 35.91
CA ILE B 161 28.50 47.80 35.46
C ILE B 161 28.55 49.31 35.37
N GLU B 162 29.16 49.96 36.38
CA GLU B 162 29.20 51.43 36.39
C GLU B 162 30.15 51.98 35.33
N GLU B 163 31.20 51.24 34.99
CA GLU B 163 32.20 51.74 34.04
C GLU B 163 31.82 51.55 32.59
N ALA B 164 30.74 50.82 32.30
CA ALA B 164 30.33 50.62 30.91
C ALA B 164 29.97 51.94 30.25
N LYS B 165 29.17 52.76 30.93
CA LYS B 165 28.76 54.09 30.46
C LYS B 165 28.15 54.01 29.05
N GLY B 166 27.04 53.29 28.97
CA GLY B 166 26.32 53.14 27.72
C GLY B 166 26.77 51.98 26.84
N ASN B 167 27.82 51.26 27.23
CA ASN B 167 28.31 50.10 26.49
C ASN B 167 28.45 48.92 27.43
N PRO B 168 27.33 48.31 27.84
CA PRO B 168 27.40 47.12 28.71
C PRO B 168 27.55 45.84 27.92
N GLU B 169 27.95 45.95 26.64
CA GLU B 169 28.10 44.77 25.81
C GLU B 169 29.12 43.80 26.38
N ASP B 170 30.30 44.30 26.75
CA ASP B 170 31.38 43.47 27.26
C ASP B 170 31.39 43.53 28.78
N ILE B 171 30.46 42.79 29.38
CA ILE B 171 30.33 42.71 30.83
C ILE B 171 30.54 41.25 31.24
N LYS B 172 31.51 41.03 32.12
CA LYS B 172 31.86 39.67 32.57
C LYS B 172 31.08 39.38 33.84
N GLU B 173 29.98 38.65 33.70
CA GLU B 173 29.20 38.25 34.86
C GLU B 173 29.94 37.17 35.63
N PRO B 174 30.03 37.28 36.96
CA PRO B 174 30.72 36.24 37.74
C PRO B 174 30.03 34.89 37.58
N LYS B 175 30.84 33.84 37.56
CA LYS B 175 30.31 32.49 37.40
C LYS B 175 29.47 32.03 38.58
N GLY B 176 29.65 32.67 39.74
CA GLY B 176 28.83 32.32 40.90
C GLY B 176 29.11 30.92 41.41
N TYR B 177 28.08 30.32 42.00
CA TYR B 177 28.18 28.98 42.57
C TYR B 177 28.10 27.96 41.43
N THR B 178 29.27 27.61 40.90
CA THR B 178 29.33 26.62 39.82
C THR B 178 29.20 25.19 40.32
N LYS B 179 29.18 24.98 41.63
CA LYS B 179 29.07 23.64 42.19
C LYS B 179 27.63 23.14 42.09
N ASP B 180 27.39 21.96 42.65
CA ASP B 180 26.08 21.31 42.56
C ASP B 180 25.17 21.93 43.61
N ILE B 181 24.37 22.92 43.18
CA ILE B 181 23.45 23.58 44.09
C ILE B 181 22.35 22.63 44.56
N LEU B 182 22.14 21.53 43.84
CA LEU B 182 21.10 20.58 44.22
C LEU B 182 21.42 19.93 45.56
N ASN B 183 20.36 19.57 46.28
CA ASN B 183 20.44 18.86 47.56
C ASN B 183 21.18 19.66 48.63
N LYS B 184 21.27 20.97 48.47
CA LYS B 184 21.92 21.84 49.43
C LYS B 184 20.87 22.58 50.24
N THR B 185 21.33 23.39 51.19
CA THR B 185 20.45 24.15 52.07
C THR B 185 20.83 25.62 52.03
N ILE B 186 19.83 26.49 51.98
CA ILE B 186 20.02 27.92 51.94
C ILE B 186 19.32 28.55 53.14
N GLU B 187 19.68 29.80 53.41
CA GLU B 187 19.13 30.57 54.53
C GLU B 187 18.37 31.75 53.94
N LEU B 188 17.05 31.64 53.89
CA LEU B 188 16.20 32.68 53.32
C LEU B 188 15.80 33.66 54.41
N SER B 189 16.37 34.87 54.35
CA SER B 189 16.09 35.92 55.32
C SER B 189 15.25 37.00 54.65
N VAL B 190 14.11 37.32 55.25
CA VAL B 190 13.18 38.31 54.71
C VAL B 190 12.99 39.41 55.74
N SER B 191 13.16 40.66 55.30
CA SER B 191 13.08 41.82 56.18
C SER B 191 11.67 42.39 56.19
N LYS B 192 11.42 43.29 57.14
CA LYS B 192 10.13 43.95 57.29
C LYS B 192 10.12 45.39 56.81
N THR B 193 11.26 46.09 56.90
CA THR B 193 11.45 47.46 56.41
C THR B 193 10.36 48.41 56.87
N ASP B 194 9.39 48.66 55.99
CA ASP B 194 8.19 49.49 56.17
C ASP B 194 8.51 50.94 56.55
N SER B 195 7.66 51.87 56.10
CA SER B 195 7.92 53.29 56.28
C SER B 195 7.65 53.78 57.69
N LYS B 196 6.92 53.02 58.50
CA LYS B 196 6.62 53.46 59.87
C LYS B 196 7.87 53.45 60.74
N THR B 197 8.82 52.55 60.46
CA THR B 197 10.08 52.51 61.17
C THR B 197 11.25 53.04 60.35
N GLY B 198 11.19 52.94 59.03
CA GLY B 198 12.23 53.50 58.19
C GLY B 198 13.57 52.79 58.26
N ASP B 199 13.58 51.53 58.70
CA ASP B 199 14.81 50.77 58.84
C ASP B 199 14.46 49.29 58.89
N VAL B 200 15.48 48.47 59.14
CA VAL B 200 15.29 47.02 59.22
C VAL B 200 14.71 46.69 60.59
N THR B 201 13.48 46.17 60.60
CA THR B 201 12.82 45.75 61.81
C THR B 201 13.14 44.26 62.04
N LYS B 202 12.37 43.60 62.91
CA LYS B 202 12.61 42.20 63.23
C LYS B 202 12.71 41.35 61.97
N THR B 203 13.69 40.45 61.95
CA THR B 203 13.97 39.61 60.79
C THR B 203 14.03 38.15 61.20
N LYS B 204 13.58 37.28 60.31
CA LYS B 204 13.56 35.85 60.57
C LYS B 204 14.02 35.11 59.32
N THR B 205 14.81 34.06 59.52
CA THR B 205 15.36 33.27 58.43
C THR B 205 14.81 31.85 58.47
N TYR B 206 14.90 31.17 57.32
CA TYR B 206 14.44 29.80 57.19
C TYR B 206 15.49 28.96 56.49
N ASP B 207 15.54 27.68 56.84
CA ASP B 207 16.47 26.73 56.25
C ASP B 207 15.72 25.95 55.18
N PHE B 208 16.03 26.23 53.91
CA PHE B 208 15.33 25.65 52.78
C PHE B 208 16.27 24.77 51.99
N LYS B 209 15.85 23.52 51.75
CA LYS B 209 16.67 22.54 51.05
C LYS B 209 16.28 22.52 49.58
N ILE B 210 17.19 22.95 48.72
CA ILE B 210 16.96 22.91 47.28
C ILE B 210 16.94 21.46 46.82
N VAL B 211 15.88 21.08 46.11
CA VAL B 211 15.74 19.71 45.63
C VAL B 211 15.63 19.71 44.11
N GLY B 212 15.10 20.79 43.56
CA GLY B 212 14.90 20.88 42.12
C GLY B 212 15.50 22.14 41.56
N ILE B 213 15.86 22.06 40.28
CA ILE B 213 16.33 23.20 39.50
C ILE B 213 15.41 23.33 38.29
N THR B 214 14.83 24.51 38.11
CA THR B 214 13.91 24.69 37.00
C THR B 214 14.67 24.67 35.67
N LYS B 215 13.92 24.43 34.60
CA LYS B 215 14.51 24.27 33.29
C LYS B 215 15.26 25.53 32.88
N LYS B 216 16.34 25.35 32.15
CA LYS B 216 17.07 26.49 31.63
C LYS B 216 16.25 27.15 30.53
N PRO B 217 15.88 28.41 30.66
CA PRO B 217 15.13 29.06 29.58
C PRO B 217 15.95 29.12 28.30
N SER B 218 15.28 28.95 27.18
CA SER B 218 15.96 29.00 25.90
C SER B 218 16.38 30.43 25.59
N GLN B 219 17.18 30.58 24.54
CA GLN B 219 17.56 31.86 23.95
C GLN B 219 18.40 32.72 24.89
N ASP B 220 18.72 32.23 26.10
CA ASP B 220 19.45 33.01 27.11
C ASP B 220 18.72 34.31 27.41
N TRP B 221 19.42 35.24 28.08
CA TRP B 221 18.93 36.58 28.41
C TRP B 221 17.85 36.52 29.48
N MET B 222 17.35 35.33 29.78
CA MET B 222 16.28 35.15 30.75
C MET B 222 16.92 34.62 32.04
N GLU B 223 17.10 35.51 33.00
CA GLU B 223 17.74 35.18 34.27
C GLU B 223 16.65 34.63 35.20
N ASP B 224 16.47 33.31 35.16
CA ASP B 224 15.50 32.64 36.01
C ASP B 224 16.15 32.42 37.37
N SER B 225 16.02 33.41 38.24
CA SER B 225 16.54 33.34 39.60
C SER B 225 15.44 33.09 40.63
N ASN B 226 14.28 32.60 40.18
CA ASN B 226 13.16 32.39 41.08
C ASN B 226 13.49 31.29 42.09
N ILE B 227 12.86 31.38 43.26
CA ILE B 227 12.87 30.31 44.25
C ILE B 227 11.44 30.01 44.65
N PHE B 228 11.09 28.73 44.68
CA PHE B 228 9.70 28.29 44.80
C PHE B 228 9.49 27.67 46.17
N ILE B 229 8.58 28.25 46.95
CA ILE B 229 8.25 27.75 48.27
C ILE B 229 6.81 27.29 48.28
N SER B 230 6.52 26.26 49.07
CA SER B 230 5.19 25.69 49.12
C SER B 230 4.20 26.69 49.75
N ASP B 231 2.94 26.59 49.32
CA ASP B 231 1.91 27.47 49.87
C ASP B 231 1.49 27.09 51.28
N GLN B 232 1.86 25.90 51.76
CA GLN B 232 1.67 25.58 53.17
C GLN B 232 2.58 26.40 54.07
N PHE B 233 3.57 27.09 53.49
CA PHE B 233 4.43 28.02 54.21
C PHE B 233 3.95 29.46 54.08
N LYS B 234 2.65 29.67 54.05
CA LYS B 234 2.10 31.00 53.79
C LYS B 234 1.99 31.83 55.06
N LYS B 235 1.95 33.14 54.86
CA LYS B 235 1.85 34.19 55.86
C LYS B 235 3.15 34.35 56.63
N ASP B 236 4.05 33.38 56.50
CA ASP B 236 5.35 33.43 57.16
C ASP B 236 6.30 34.39 56.44
N PHE B 237 5.99 34.73 55.19
CA PHE B 237 6.66 35.81 54.50
C PHE B 237 5.72 36.97 54.22
N SER B 238 4.44 36.83 54.57
CA SER B 238 3.49 37.92 54.38
C SER B 238 3.42 38.83 55.59
N GLU B 239 3.70 38.31 56.80
CA GLU B 239 3.76 39.19 57.96
C GLU B 239 4.89 40.19 57.85
N PHE B 240 5.86 39.93 56.98
CA PHE B 240 6.89 40.90 56.59
C PHE B 240 6.56 41.44 55.21
N LEU B 241 6.25 42.73 55.13
CA LEU B 241 5.90 43.39 53.88
C LEU B 241 4.69 42.70 53.23
N ASP B 242 3.55 42.91 53.89
CA ASP B 242 2.26 42.39 53.44
C ASP B 242 2.02 42.68 51.96
N PHE B 243 1.18 41.87 51.32
CA PHE B 243 0.99 41.96 49.88
C PHE B 243 -0.06 43.02 49.58
N LYS B 244 0.39 44.24 49.31
CA LYS B 244 -0.48 45.35 48.93
C LYS B 244 -0.80 45.37 47.45
N GLY B 245 -0.21 44.47 46.67
CA GLY B 245 -0.43 44.43 45.24
C GLY B 245 0.48 45.32 44.43
N GLY B 246 1.32 46.13 45.08
CA GLY B 246 2.22 46.99 44.34
C GLY B 246 3.28 46.20 43.58
N ASN B 247 3.84 45.18 44.22
CA ASN B 247 4.83 44.32 43.59
C ASN B 247 4.39 42.88 43.43
N VAL B 248 3.48 42.38 44.27
CA VAL B 248 3.07 40.99 44.20
C VAL B 248 2.30 40.76 42.90
N GLU B 249 2.80 39.82 42.10
CA GLU B 249 2.18 39.45 40.84
C GLU B 249 1.78 37.98 40.91
N THR B 250 0.53 37.69 40.60
CA THR B 250 0.01 36.33 40.65
C THR B 250 -0.09 35.76 39.25
N ASN B 251 0.42 34.55 39.06
CA ASN B 251 0.37 33.84 37.78
C ASN B 251 -0.39 32.54 37.99
N ILE B 252 -1.63 32.50 37.49
CA ILE B 252 -2.47 31.30 37.58
C ILE B 252 -2.40 30.58 36.24
N GLY B 253 -2.16 29.27 36.29
CA GLY B 253 -2.14 28.48 35.09
C GLY B 253 -2.91 27.19 35.24
N VAL B 254 -3.94 27.01 34.43
CA VAL B 254 -4.79 25.83 34.48
C VAL B 254 -4.29 24.86 33.42
N PHE B 255 -3.77 23.72 33.86
CA PHE B 255 -3.20 22.75 32.96
C PHE B 255 -4.23 21.70 32.59
N ALA B 256 -4.11 21.18 31.38
CA ALA B 256 -5.01 20.18 30.85
C ALA B 256 -4.26 18.88 30.65
N ASP B 257 -4.97 17.77 30.79
CA ASP B 257 -4.43 16.48 30.38
C ASP B 257 -4.63 16.37 28.88
N LYS B 258 -3.52 16.17 28.15
CA LYS B 258 -3.53 16.12 26.69
C LYS B 258 -3.86 17.48 26.08
N PHE B 259 -3.30 17.75 24.90
CA PHE B 259 -3.61 18.98 24.18
C PHE B 259 -5.02 18.96 23.60
N GLU B 260 -5.57 17.76 23.36
CA GLU B 260 -6.90 17.65 22.77
C GLU B 260 -7.95 18.40 23.57
N ASN B 261 -7.77 18.49 24.88
CA ASN B 261 -8.74 19.13 25.76
C ASN B 261 -8.42 20.57 26.06
N VAL B 262 -7.33 21.11 25.51
CA VAL B 262 -6.97 22.50 25.78
C VAL B 262 -8.03 23.44 25.25
N GLU B 263 -8.52 23.20 24.04
CA GLU B 263 -9.51 24.09 23.46
C GLU B 263 -10.82 24.04 24.23
N GLN B 264 -11.27 22.84 24.60
CA GLN B 264 -12.49 22.71 25.39
C GLN B 264 -12.32 23.38 26.74
N LEU B 265 -11.16 23.21 27.38
CA LEU B 265 -10.89 23.85 28.66
C LEU B 265 -10.91 25.37 28.52
N THR B 266 -10.23 25.90 27.50
CA THR B 266 -10.18 27.34 27.31
C THR B 266 -11.57 27.91 27.09
N ASN B 267 -12.38 27.23 26.27
CA ASN B 267 -13.76 27.66 26.08
C ASN B 267 -14.54 27.58 27.39
N ASP B 268 -14.30 26.54 28.18
CA ASP B 268 -15.00 26.39 29.46
C ASP B 268 -14.73 27.56 30.39
N LEU B 269 -13.45 27.90 30.54
CA LEU B 269 -13.06 29.05 31.41
C LEU B 269 -13.60 30.35 30.82
N THR B 270 -13.58 30.48 29.48
CA THR B 270 -13.99 31.73 28.87
C THR B 270 -15.48 31.98 29.05
N ASP B 271 -16.31 30.95 28.89
CA ASP B 271 -17.74 31.12 29.14
C ASP B 271 -18.04 31.40 30.60
N ASP B 272 -17.09 31.16 31.50
CA ASP B 272 -17.26 31.45 32.91
C ASP B 272 -16.57 32.75 33.33
N GLY B 273 -16.17 33.57 32.36
CA GLY B 273 -15.69 34.90 32.64
C GLY B 273 -14.19 35.02 32.85
N TYR B 274 -13.45 33.92 32.85
CA TYR B 274 -12.01 33.99 33.07
C TYR B 274 -11.32 34.56 31.85
N TYR B 275 -10.26 35.35 32.09
CA TYR B 275 -9.43 35.90 31.03
C TYR B 275 -8.28 34.94 30.80
N VAL B 276 -8.47 33.99 29.89
CA VAL B 276 -7.50 32.94 29.66
C VAL B 276 -6.88 33.13 28.28
N THR B 277 -5.65 32.64 28.12
CA THR B 277 -4.97 32.69 26.83
C THR B 277 -4.77 31.30 26.23
N SER B 278 -4.02 30.42 26.88
CA SER B 278 -3.78 29.09 26.35
C SER B 278 -3.17 29.11 24.94
N VAL B 279 -3.04 27.93 24.33
CA VAL B 279 -2.47 27.82 23.00
C VAL B 279 -3.52 27.99 21.91
N THR B 280 -4.75 27.55 22.18
CA THR B 280 -5.78 27.57 21.15
C THR B 280 -6.29 28.97 20.84
N THR B 281 -6.02 29.95 21.70
CA THR B 281 -6.32 31.32 21.35
C THR B 281 -5.13 32.08 20.80
N GLU B 282 -3.92 31.72 21.20
CA GLU B 282 -2.73 32.27 20.56
C GLU B 282 -2.67 31.84 19.10
N LEU B 283 -2.98 30.58 18.83
CA LEU B 283 -3.00 30.04 17.47
C LEU B 283 -4.43 29.64 17.14
N GLU B 284 -5.06 30.40 16.25
CA GLU B 284 -6.45 30.13 15.89
C GLU B 284 -6.56 28.83 15.10
N GLY B 285 -7.53 28.01 15.45
CA GLY B 285 -7.70 26.74 14.79
C GLY B 285 -6.66 25.70 15.12
N ALA B 286 -5.98 25.83 16.25
CA ALA B 286 -4.96 24.85 16.62
C ALA B 286 -5.58 23.50 16.93
N ASN B 287 -6.67 23.50 17.72
CA ASN B 287 -7.37 22.26 18.00
C ASN B 287 -7.99 21.68 16.73
N THR B 288 -8.50 22.55 15.86
CA THR B 288 -9.03 22.09 14.58
C THR B 288 -7.94 21.42 13.75
N PHE B 289 -6.75 22.02 13.72
CA PHE B 289 -5.65 21.42 12.98
C PHE B 289 -5.27 20.08 13.56
N PHE B 290 -5.22 19.99 14.89
CA PHE B 290 -4.89 18.72 15.52
C PHE B 290 -5.95 17.66 15.22
N MET B 291 -7.22 18.04 15.25
CA MET B 291 -8.29 17.10 14.92
C MET B 291 -8.24 16.67 13.46
N VAL B 292 -7.95 17.61 12.57
CA VAL B 292 -7.83 17.26 11.16
C VAL B 292 -6.63 16.35 10.94
N PHE B 293 -5.55 16.58 11.68
CA PHE B 293 -4.40 15.69 11.60
C PHE B 293 -4.72 14.29 12.11
N LYS B 294 -5.46 14.19 13.21
CA LYS B 294 -5.87 12.88 13.70
C LYS B 294 -6.80 12.18 12.73
N ILE B 295 -7.73 12.92 12.14
CA ILE B 295 -8.61 12.37 11.11
C ILE B 295 -7.80 11.90 9.93
N GLY B 296 -6.77 12.66 9.54
CA GLY B 296 -5.91 12.25 8.46
C GLY B 296 -5.12 11.00 8.79
N LEU B 297 -4.65 10.90 10.03
CA LEU B 297 -3.96 9.68 10.47
C LEU B 297 -4.88 8.47 10.38
N ILE B 298 -6.12 8.63 10.84
CA ILE B 298 -7.07 7.53 10.79
C ILE B 298 -7.38 7.15 9.35
N PHE B 299 -7.63 8.15 8.51
CA PHE B 299 -7.96 7.89 7.11
C PHE B 299 -6.79 7.24 6.38
N VAL B 300 -5.57 7.69 6.69
CA VAL B 300 -4.38 7.12 6.08
C VAL B 300 -4.20 5.68 6.53
N GLY B 301 -4.42 5.40 7.81
CA GLY B 301 -4.38 4.03 8.28
C GLY B 301 -5.43 3.16 7.61
N CYS B 302 -6.62 3.71 7.41
CA CYS B 302 -7.70 2.95 6.77
C CYS B 302 -7.37 2.64 5.32
N ILE B 303 -6.91 3.64 4.56
CA ILE B 303 -6.59 3.39 3.16
C ILE B 303 -5.35 2.52 3.04
N ALA B 304 -4.47 2.56 4.03
CA ALA B 304 -3.32 1.65 4.05
C ALA B 304 -3.77 0.22 4.29
N VAL B 305 -4.69 0.02 5.22
CA VAL B 305 -5.27 -1.30 5.41
C VAL B 305 -5.92 -1.76 4.12
N ILE B 306 -6.60 -0.85 3.42
CA ILE B 306 -7.26 -1.20 2.18
C ILE B 306 -6.25 -1.61 1.12
N ILE B 307 -5.16 -0.85 0.97
CA ILE B 307 -4.19 -1.16 -0.07
C ILE B 307 -3.46 -2.47 0.25
N SER B 308 -3.13 -2.71 1.51
CA SER B 308 -2.46 -3.95 1.88
C SER B 308 -3.39 -5.15 1.71
N ALA B 309 -4.65 -5.01 2.12
CA ALA B 309 -5.62 -6.07 1.95
C ALA B 309 -5.89 -6.34 0.48
N ILE B 310 -5.91 -5.29 -0.34
CA ILE B 310 -6.16 -5.47 -1.76
C ILE B 310 -4.97 -6.15 -2.42
N GLY B 311 -3.75 -5.82 -2.01
CA GLY B 311 -2.60 -6.51 -2.56
C GLY B 311 -2.59 -7.99 -2.22
N ILE B 312 -2.86 -8.30 -0.94
CA ILE B 312 -2.95 -9.70 -0.55
C ILE B 312 -4.06 -10.40 -1.31
N PHE B 313 -5.22 -9.75 -1.43
CA PHE B 313 -6.35 -10.33 -2.15
C PHE B 313 -6.00 -10.60 -3.60
N ASN B 314 -5.39 -9.63 -4.28
CA ASN B 314 -5.00 -9.82 -5.68
C ASN B 314 -4.08 -11.02 -5.82
N THR B 315 -3.01 -11.04 -5.04
CA THR B 315 -2.02 -12.10 -5.20
C THR B 315 -2.58 -13.46 -4.85
N MET B 316 -3.35 -13.56 -3.76
CA MET B 316 -3.84 -14.85 -3.32
C MET B 316 -4.95 -15.35 -4.24
N THR B 317 -5.83 -14.46 -4.70
CA THR B 317 -6.84 -14.86 -5.67
C THR B 317 -6.20 -15.36 -6.95
N MET B 318 -5.18 -14.66 -7.45
CA MET B 318 -4.49 -15.12 -8.63
C MET B 318 -3.87 -16.49 -8.41
N ALA B 319 -3.15 -16.65 -7.29
CA ALA B 319 -2.43 -17.89 -7.03
C ALA B 319 -3.38 -19.07 -6.91
N VAL B 320 -4.50 -18.89 -6.23
CA VAL B 320 -5.39 -20.02 -6.02
C VAL B 320 -6.25 -20.27 -7.25
N THR B 321 -6.53 -19.23 -8.05
CA THR B 321 -7.24 -19.46 -9.31
C THR B 321 -6.35 -20.16 -10.32
N GLU B 322 -5.03 -20.04 -10.18
CA GLU B 322 -4.16 -20.88 -10.99
C GLU B 322 -4.16 -22.34 -10.55
N ARG B 323 -4.78 -22.66 -9.42
CA ARG B 323 -4.86 -24.02 -8.92
C ARG B 323 -6.19 -24.68 -9.23
N THR B 324 -7.04 -24.03 -10.03
CA THR B 324 -8.38 -24.54 -10.27
C THR B 324 -8.34 -25.89 -10.98
N GLN B 325 -7.43 -26.04 -11.95
CA GLN B 325 -7.28 -27.30 -12.65
C GLN B 325 -6.81 -28.40 -11.71
N GLU B 326 -5.89 -28.06 -10.80
CA GLU B 326 -5.43 -29.01 -9.80
C GLU B 326 -6.56 -29.40 -8.85
N ILE B 327 -7.40 -28.45 -8.46
CA ILE B 327 -8.54 -28.75 -7.60
C ILE B 327 -9.53 -29.66 -8.32
N GLY B 328 -9.71 -29.42 -9.63
CA GLY B 328 -10.53 -30.31 -10.42
C GLY B 328 -9.97 -31.72 -10.49
N ILE B 329 -8.65 -31.84 -10.64
CA ILE B 329 -8.03 -33.16 -10.65
C ILE B 329 -8.20 -33.84 -9.30
N MET B 330 -8.01 -33.08 -8.21
CA MET B 330 -8.23 -33.62 -6.88
C MET B 330 -9.65 -34.15 -6.73
N LYS B 331 -10.64 -33.32 -7.09
CA LYS B 331 -12.04 -33.73 -6.96
C LYS B 331 -12.35 -34.93 -7.84
N ALA B 332 -11.77 -34.97 -9.04
CA ALA B 332 -11.98 -36.08 -9.95
C ALA B 332 -11.41 -37.37 -9.41
N ILE B 333 -10.24 -37.31 -8.78
CA ILE B 333 -9.60 -38.49 -8.22
C ILE B 333 -10.39 -39.00 -7.02
N GLY B 334 -11.04 -38.10 -6.30
CA GLY B 334 -11.88 -38.51 -5.19
C GLY B 334 -11.67 -37.68 -3.95
N ALA B 335 -10.86 -36.63 -4.05
CA ALA B 335 -10.67 -35.74 -2.90
C ALA B 335 -11.98 -35.03 -2.60
N SER B 336 -12.38 -35.08 -1.34
CA SER B 336 -13.59 -34.38 -0.93
C SER B 336 -13.37 -32.88 -1.04
N PRO B 337 -14.42 -32.13 -1.38
CA PRO B 337 -14.28 -30.67 -1.39
C PRO B 337 -13.86 -30.09 -0.07
N SER B 338 -14.28 -30.70 1.04
CA SER B 338 -13.87 -30.22 2.35
C SER B 338 -12.38 -30.48 2.58
N ILE B 339 -11.87 -31.61 2.11
CA ILE B 339 -10.44 -31.89 2.22
C ILE B 339 -9.63 -30.91 1.37
N ILE B 340 -10.09 -30.62 0.15
CA ILE B 340 -9.40 -29.66 -0.69
C ILE B 340 -9.44 -28.27 -0.06
N ARG B 341 -10.57 -27.90 0.51
CA ARG B 341 -10.69 -26.61 1.17
C ARG B 341 -9.81 -26.53 2.40
N ARG B 342 -9.71 -27.64 3.15
CA ARG B 342 -8.81 -27.66 4.30
C ARG B 342 -7.35 -27.55 3.87
N MET B 343 -6.98 -28.20 2.77
CA MET B 343 -5.62 -28.10 2.27
C MET B 343 -5.31 -26.68 1.81
N PHE B 344 -6.26 -26.03 1.15
CA PHE B 344 -6.00 -24.67 0.70
C PHE B 344 -6.06 -23.69 1.85
N LEU B 345 -6.85 -23.99 2.88
CA LEU B 345 -6.81 -23.19 4.10
C LEU B 345 -5.47 -23.34 4.81
N MET B 346 -4.93 -24.56 4.86
CA MET B 346 -3.62 -24.76 5.44
C MET B 346 -2.55 -24.03 4.64
N GLU B 347 -2.63 -24.09 3.31
CA GLU B 347 -1.66 -23.39 2.48
C GLU B 347 -1.78 -21.87 2.64
N SER B 348 -3.00 -21.35 2.67
CA SER B 348 -3.20 -19.92 2.83
C SER B 348 -2.76 -19.45 4.21
N ALA B 349 -3.06 -20.24 5.25
CA ALA B 349 -2.62 -19.90 6.59
C ALA B 349 -1.12 -19.94 6.70
N TYR B 350 -0.48 -20.92 6.05
CA TYR B 350 0.97 -20.97 6.06
C TYR B 350 1.57 -19.77 5.34
N ILE B 351 1.04 -19.43 4.17
CA ILE B 351 1.52 -18.27 3.44
C ILE B 351 1.33 -17.01 4.27
N GLY B 352 0.16 -16.87 4.90
CA GLY B 352 -0.12 -15.68 5.69
C GLY B 352 0.75 -15.58 6.92
N ILE B 353 0.97 -16.71 7.61
CA ILE B 353 1.78 -16.69 8.81
C ILE B 353 3.24 -16.44 8.46
N LEU B 354 3.74 -17.08 7.42
CA LEU B 354 5.11 -16.84 6.98
C LEU B 354 5.30 -15.39 6.54
N GLY B 355 4.36 -14.87 5.74
CA GLY B 355 4.45 -13.49 5.31
C GLY B 355 4.32 -12.50 6.45
N CYS B 356 3.44 -12.80 7.41
CA CYS B 356 3.30 -11.93 8.57
C CYS B 356 4.54 -11.95 9.44
N VAL B 357 5.15 -13.12 9.64
CA VAL B 357 6.37 -13.21 10.42
C VAL B 357 7.50 -12.45 9.73
N ILE B 358 7.66 -12.67 8.43
CA ILE B 358 8.72 -11.97 7.70
C ILE B 358 8.45 -10.47 7.71
N GLY B 359 7.20 -10.06 7.54
CA GLY B 359 6.86 -8.65 7.56
C GLY B 359 7.04 -8.01 8.91
N ILE B 360 6.78 -8.75 9.99
CA ILE B 360 7.03 -8.23 11.33
C ILE B 360 8.53 -8.09 11.58
N ILE B 361 9.32 -9.07 11.15
CA ILE B 361 10.76 -8.95 11.28
C ILE B 361 11.28 -7.77 10.47
N ILE B 362 10.79 -7.63 9.24
CA ILE B 362 11.17 -6.50 8.39
C ILE B 362 10.70 -5.19 9.00
N SER B 363 9.53 -5.19 9.63
CA SER B 363 9.01 -3.99 10.26
C SER B 363 9.89 -3.56 11.43
N TYR B 364 10.28 -4.51 12.27
CA TYR B 364 11.16 -4.17 13.39
C TYR B 364 12.52 -3.72 12.90
N GLY B 365 13.04 -4.38 11.86
CA GLY B 365 14.31 -3.95 11.30
C GLY B 365 14.24 -2.56 10.69
N VAL B 366 13.16 -2.28 9.96
CA VAL B 366 12.99 -0.97 9.34
C VAL B 366 12.77 0.09 10.40
N SER B 367 12.02 -0.24 11.45
CA SER B 367 11.82 0.69 12.55
C SER B 367 13.13 1.02 13.23
N TYR B 368 13.96 0.01 13.49
CA TYR B 368 15.28 0.23 14.06
C TYR B 368 16.12 1.10 13.13
N LEU B 369 16.12 0.79 11.84
CA LEU B 369 16.93 1.54 10.89
C LEU B 369 16.49 3.00 10.78
N VAL B 370 15.18 3.25 10.75
CA VAL B 370 14.70 4.62 10.60
C VAL B 370 14.88 5.40 11.90
N ASN B 371 14.74 4.74 13.05
CA ASN B 371 15.02 5.41 14.32
C ASN B 371 16.51 5.71 14.46
N LEU B 372 17.37 4.95 13.80
CA LEU B 372 18.78 5.32 13.72
C LEU B 372 19.01 6.45 12.72
N ALA B 373 18.33 6.40 11.59
CA ALA B 373 18.61 7.29 10.48
C ALA B 373 18.06 8.69 10.68
N VAL B 374 16.89 8.82 11.31
CA VAL B 374 16.28 10.14 11.48
C VAL B 374 17.17 11.09 12.26
N PRO B 375 17.83 10.68 13.36
CA PRO B 375 18.84 11.57 13.95
C PRO B 375 19.94 11.96 12.98
N MET B 376 20.38 11.03 12.12
CA MET B 376 21.41 11.36 11.15
C MET B 376 20.91 12.38 10.13
N ILE B 377 19.68 12.21 9.64
CA ILE B 377 19.11 13.17 8.70
C ILE B 377 18.94 14.53 9.38
N LEU B 378 18.53 14.53 10.65
CA LEU B 378 18.37 15.77 11.37
C LEU B 378 19.71 16.49 11.53
N ALA B 379 20.77 15.75 11.83
CA ALA B 379 22.10 16.35 11.91
C ALA B 379 22.55 16.87 10.55
N ALA B 380 22.25 16.14 9.48
CA ALA B 380 22.69 16.55 8.16
C ALA B 380 21.98 17.81 7.68
N THR B 381 20.66 17.88 7.88
CA THR B 381 19.87 18.93 7.26
C THR B 381 19.93 20.23 8.04
N SER B 382 19.73 20.17 9.36
CA SER B 382 19.67 21.35 10.20
C SER B 382 20.98 21.61 10.94
N GLY B 383 22.05 20.89 10.60
CA GLY B 383 23.23 20.98 11.42
C GLY B 383 22.99 20.24 12.73
N GLY B 384 23.87 20.49 13.70
CA GLY B 384 23.70 19.86 14.99
C GLY B 384 22.93 20.71 15.98
N ASP B 385 21.61 20.50 16.04
CA ASP B 385 20.78 21.10 17.08
C ASP B 385 19.71 20.15 17.61
N ALA B 386 19.66 18.90 17.15
CA ALA B 386 18.61 17.97 17.53
C ALA B 386 18.98 17.30 18.86
N GLY B 387 18.83 18.08 19.92
CA GLY B 387 18.99 17.58 21.26
C GLY B 387 17.99 18.21 22.21
N ASP B 388 16.83 18.62 21.66
CA ASP B 388 15.85 19.39 22.42
C ASP B 388 14.43 18.90 22.23
N LEU B 389 14.20 17.77 21.57
CA LEU B 389 12.85 17.28 21.37
C LEU B 389 12.56 15.97 22.08
N ASN B 390 13.44 14.98 21.96
CA ASN B 390 13.17 13.62 22.41
C ASN B 390 11.93 13.06 21.72
N TYR B 391 12.07 12.90 20.41
CA TYR B 391 11.03 12.33 19.58
C TYR B 391 11.23 10.83 19.43
N THR B 392 10.17 10.16 19.00
CA THR B 392 10.21 8.77 18.55
C THR B 392 9.67 8.78 17.13
N PHE B 393 10.55 8.55 16.16
CA PHE B 393 10.10 8.58 14.77
C PHE B 393 9.16 7.43 14.47
N SER B 394 9.57 6.22 14.80
CA SER B 394 8.80 5.02 14.53
C SER B 394 8.69 4.24 15.83
N TYR B 395 7.47 3.88 16.20
CA TYR B 395 7.23 3.14 17.42
C TYR B 395 6.23 2.04 17.11
N ILE B 396 6.64 0.79 17.30
CA ILE B 396 5.78 -0.36 17.07
C ILE B 396 5.29 -0.86 18.42
N PRO B 397 4.03 -0.68 18.77
CA PRO B 397 3.47 -1.39 19.92
C PRO B 397 3.20 -2.85 19.58
N ALA B 398 3.05 -3.65 20.64
CA ALA B 398 2.68 -5.05 20.43
C ALA B 398 1.28 -5.17 19.87
N SER B 399 0.38 -4.27 20.27
CA SER B 399 -0.97 -4.27 19.74
C SER B 399 -0.97 -4.03 18.23
N LEU B 400 -0.07 -3.17 17.75
CA LEU B 400 0.01 -2.93 16.32
C LEU B 400 0.45 -4.19 15.58
N VAL B 401 1.44 -4.91 16.12
CA VAL B 401 1.87 -6.15 15.51
C VAL B 401 0.72 -7.15 15.49
N ILE B 402 -0.02 -7.24 16.60
CA ILE B 402 -1.14 -8.17 16.67
C ILE B 402 -2.18 -7.83 15.61
N ILE B 403 -2.55 -6.55 15.51
CA ILE B 403 -3.60 -6.15 14.58
C ILE B 403 -3.15 -6.34 13.15
N ALA B 404 -1.92 -5.97 12.84
CA ALA B 404 -1.43 -6.14 11.47
C ALA B 404 -1.34 -7.61 11.09
N VAL B 405 -0.85 -8.46 12.00
CA VAL B 405 -0.79 -9.88 11.71
C VAL B 405 -2.18 -10.45 11.51
N VAL B 406 -3.13 -10.07 12.37
CA VAL B 406 -4.49 -10.57 12.24
C VAL B 406 -5.08 -10.13 10.90
N ILE B 407 -4.92 -8.85 10.56
CA ILE B 407 -5.51 -8.34 9.32
C ILE B 407 -4.88 -9.01 8.10
N CYS B 408 -3.56 -9.05 8.04
CA CYS B 408 -2.89 -9.56 6.84
C CYS B 408 -3.05 -11.07 6.71
N GLY B 409 -2.91 -11.81 7.82
CA GLY B 409 -3.12 -13.24 7.76
C GLY B 409 -4.56 -13.61 7.47
N GLY B 410 -5.51 -12.87 8.04
CA GLY B 410 -6.90 -13.12 7.73
C GLY B 410 -7.22 -12.83 6.27
N VAL B 411 -6.68 -11.74 5.74
CA VAL B 411 -6.91 -11.45 4.34
C VAL B 411 -6.27 -12.53 3.48
N ALA B 412 -5.08 -13.01 3.86
CA ALA B 412 -4.45 -14.09 3.12
C ALA B 412 -5.32 -15.35 3.14
N VAL B 413 -5.88 -15.67 4.30
CA VAL B 413 -6.68 -16.89 4.44
C VAL B 413 -7.96 -16.79 3.61
N ILE B 414 -8.70 -15.69 3.77
CA ILE B 414 -9.95 -15.54 3.03
C ILE B 414 -9.70 -15.41 1.52
N SER B 415 -8.66 -14.67 1.12
CA SER B 415 -8.37 -14.53 -0.30
C SER B 415 -7.85 -15.81 -0.93
N GLY B 416 -7.21 -16.68 -0.17
CA GLY B 416 -6.83 -17.97 -0.71
C GLY B 416 -7.88 -19.03 -0.59
N MET B 417 -8.90 -18.79 0.22
CA MET B 417 -9.97 -19.75 0.41
C MET B 417 -11.19 -19.47 -0.46
N ASN B 418 -11.40 -18.23 -0.90
CA ASN B 418 -12.55 -17.94 -1.74
C ASN B 418 -12.44 -18.60 -3.11
N PRO B 419 -11.36 -18.42 -3.88
CA PRO B 419 -11.26 -19.15 -5.16
C PRO B 419 -11.21 -20.66 -4.99
N ALA B 420 -10.60 -21.15 -3.91
CA ALA B 420 -10.59 -22.58 -3.66
C ALA B 420 -12.00 -23.10 -3.43
N ARG B 421 -12.79 -22.36 -2.65
CA ARG B 421 -14.19 -22.73 -2.46
C ARG B 421 -14.94 -22.70 -3.78
N LYS B 422 -14.71 -21.68 -4.60
CA LYS B 422 -15.39 -21.62 -5.89
C LYS B 422 -15.04 -22.83 -6.76
N ALA B 423 -13.77 -23.22 -6.76
CA ALA B 423 -13.34 -24.37 -7.57
C ALA B 423 -13.91 -25.67 -7.02
N THR B 424 -14.01 -25.80 -5.70
CA THR B 424 -14.57 -27.03 -5.15
C THR B 424 -16.08 -27.11 -5.33
N LYS B 425 -16.75 -25.96 -5.45
CA LYS B 425 -18.22 -25.98 -5.58
C LYS B 425 -18.66 -26.28 -7.01
N THR B 426 -17.86 -25.92 -8.01
CA THR B 426 -18.22 -26.20 -9.39
C THR B 426 -18.11 -27.68 -9.68
N ASN B 427 -18.65 -28.09 -10.82
CA ASN B 427 -18.44 -29.45 -11.27
C ASN B 427 -16.99 -29.64 -11.72
N VAL B 428 -16.57 -30.90 -11.74
CA VAL B 428 -15.15 -31.21 -11.98
C VAL B 428 -14.72 -30.74 -13.35
N LEU B 429 -15.55 -30.98 -14.37
CA LEU B 429 -15.15 -30.65 -15.73
C LEU B 429 -14.94 -29.16 -15.91
N THR B 430 -15.71 -28.34 -15.20
CA THR B 430 -15.50 -26.89 -15.28
C THR B 430 -14.11 -26.52 -14.78
N ALA B 431 -13.66 -27.15 -13.68
CA ALA B 431 -12.34 -26.86 -13.15
C ALA B 431 -11.25 -27.47 -14.02
N LEU B 432 -11.48 -28.68 -14.52
CA LEU B 432 -10.50 -29.33 -15.40
C LEU B 432 -10.27 -28.53 -16.67
N ARG B 433 -11.27 -27.78 -17.11
CA ARG B 433 -11.17 -26.93 -18.28
C ARG B 433 -10.77 -25.49 -17.94
N ARG B 434 -10.50 -25.20 -16.67
CA ARG B 434 -10.21 -23.85 -16.22
C ARG B 434 -11.33 -22.89 -16.62
N GLU B 435 -12.52 -23.15 -16.05
CA GLU B 435 -13.77 -22.49 -16.38
C GLU B 435 -14.14 -22.73 -17.84
N LEU B 436 -15.19 -22.06 -18.32
CA LEU B 436 -15.62 -22.19 -19.70
C LEU B 436 -15.02 -21.07 -20.54
N MET C 1 1.61 -9.71 -36.10
CA MET C 1 2.55 -8.95 -36.92
C MET C 1 2.07 -7.51 -37.08
N ARG C 2 0.98 -7.32 -37.82
CA ARG C 2 0.40 -5.98 -37.96
C ARG C 2 -0.10 -5.50 -36.61
N PHE C 3 -0.05 -4.18 -36.41
CA PHE C 3 -0.47 -3.61 -35.14
C PHE C 3 -1.93 -3.92 -34.85
N LYS C 4 -2.77 -3.88 -35.89
CA LYS C 4 -4.18 -4.18 -35.72
C LYS C 4 -4.39 -5.64 -35.29
N ASP C 5 -3.62 -6.56 -35.87
CA ASP C 5 -3.69 -7.95 -35.43
C ASP C 5 -3.24 -8.11 -33.99
N GLN C 6 -2.18 -7.41 -33.61
CA GLN C 6 -1.70 -7.49 -32.23
C GLN C 6 -2.76 -7.00 -31.27
N VAL C 7 -3.41 -5.87 -31.59
CA VAL C 7 -4.47 -5.35 -30.75
C VAL C 7 -5.63 -6.34 -30.69
N HIS C 8 -6.00 -6.90 -31.85
CA HIS C 8 -7.10 -7.86 -31.90
C HIS C 8 -6.84 -9.04 -30.97
N PHE C 9 -5.64 -9.61 -31.05
CA PHE C 9 -5.39 -10.82 -30.28
C PHE C 9 -5.19 -10.52 -28.80
N ILE C 10 -4.59 -9.37 -28.47
CA ILE C 10 -4.53 -8.94 -27.08
C ILE C 10 -5.94 -8.78 -26.51
N ARG C 11 -6.83 -8.15 -27.29
CA ARG C 11 -8.19 -7.93 -26.83
C ARG C 11 -8.93 -9.24 -26.63
N ARG C 12 -8.76 -10.18 -27.56
CA ARG C 12 -9.47 -11.45 -27.43
C ARG C 12 -8.98 -12.25 -26.22
N ASN C 13 -7.67 -12.30 -26.02
CA ASN C 13 -7.16 -12.96 -24.83
C ASN C 13 -7.58 -12.24 -23.56
N MET C 14 -7.68 -10.91 -23.60
CA MET C 14 -8.20 -10.17 -22.46
C MET C 14 -9.65 -10.54 -22.17
N LYS C 15 -10.45 -10.69 -23.22
CA LYS C 15 -11.86 -11.03 -23.06
C LYS C 15 -12.04 -12.42 -22.48
N LYS C 16 -11.13 -13.35 -22.80
CA LYS C 16 -11.29 -14.69 -22.27
C LYS C 16 -10.58 -14.90 -20.93
N ASN C 17 -9.93 -13.86 -20.39
CA ASN C 17 -9.20 -13.94 -19.14
C ASN C 17 -9.60 -12.79 -18.23
N ARG C 18 -10.90 -12.61 -18.05
CA ARG C 18 -11.42 -11.42 -17.39
C ARG C 18 -10.97 -11.32 -15.94
N LEU C 19 -10.84 -12.44 -15.24
CA LEU C 19 -10.37 -12.40 -13.85
C LEU C 19 -8.92 -11.93 -13.76
N ARG C 20 -8.05 -12.44 -14.62
CA ARG C 20 -6.65 -12.04 -14.61
C ARG C 20 -6.49 -10.56 -14.97
N VAL C 21 -7.20 -10.13 -16.02
CA VAL C 21 -7.13 -8.74 -16.45
C VAL C 21 -7.69 -7.83 -15.36
N PHE C 22 -8.79 -8.24 -14.73
CA PHE C 22 -9.35 -7.45 -13.65
C PHE C 22 -8.40 -7.39 -12.46
N MET C 23 -7.73 -8.48 -12.13
CA MET C 23 -6.76 -8.47 -11.04
C MET C 23 -5.64 -7.47 -11.32
N THR C 24 -5.12 -7.47 -12.55
CA THR C 24 -4.03 -6.55 -12.87
C THR C 24 -4.51 -5.11 -12.90
N ILE C 25 -5.69 -4.85 -13.49
CA ILE C 25 -6.23 -3.51 -13.52
C ILE C 25 -6.53 -3.02 -12.12
N LEU C 26 -7.03 -3.91 -11.25
CA LEU C 26 -7.29 -3.55 -9.88
C LEU C 26 -6.00 -3.24 -9.13
N ALA C 27 -4.94 -4.01 -9.38
CA ALA C 27 -3.67 -3.72 -8.73
C ALA C 27 -3.16 -2.35 -9.14
N THR C 28 -3.16 -2.06 -10.44
CA THR C 28 -2.69 -0.76 -10.90
C THR C 28 -3.59 0.37 -10.42
N THR C 29 -4.90 0.15 -10.43
CA THR C 29 -5.86 1.16 -9.98
C THR C 29 -5.69 1.46 -8.52
N MET C 30 -5.59 0.42 -7.68
CA MET C 30 -5.47 0.62 -6.26
C MET C 30 -4.12 1.22 -5.90
N ALA C 31 -3.07 0.85 -6.63
CA ALA C 31 -1.77 1.48 -6.41
C ALA C 31 -1.83 2.97 -6.73
N CYS C 32 -2.38 3.32 -7.90
CA CYS C 32 -2.47 4.73 -8.29
C CYS C 32 -3.35 5.50 -7.33
N ALA C 33 -4.51 4.95 -7.00
CA ALA C 33 -5.44 5.63 -6.10
C ALA C 33 -4.85 5.80 -4.71
N PHE C 34 -4.19 4.76 -4.20
CA PHE C 34 -3.57 4.87 -2.88
C PHE C 34 -2.47 5.91 -2.88
N LEU C 35 -1.61 5.90 -3.90
CA LEU C 35 -0.54 6.87 -3.99
C LEU C 35 -1.09 8.29 -4.02
N VAL C 36 -2.07 8.53 -4.89
CA VAL C 36 -2.60 9.88 -5.03
C VAL C 36 -3.35 10.31 -3.79
N VAL C 37 -4.16 9.42 -3.20
CA VAL C 37 -4.96 9.80 -2.03
C VAL C 37 -4.06 10.05 -0.82
N LEU C 38 -3.06 9.19 -0.60
CA LEU C 38 -2.15 9.39 0.50
C LEU C 38 -1.33 10.66 0.33
N SER C 39 -0.72 10.83 -0.85
CA SER C 39 0.03 12.05 -1.09
C SER C 39 -0.85 13.27 -1.11
N SER C 40 -2.15 13.12 -1.38
CA SER C 40 -3.05 14.25 -1.33
C SER C 40 -3.36 14.64 0.10
N VAL C 41 -3.44 13.67 1.01
CA VAL C 41 -3.50 14.01 2.43
C VAL C 41 -2.24 14.75 2.85
N GLY C 42 -1.08 14.29 2.37
CA GLY C 42 0.15 15.00 2.66
C GLY C 42 0.18 16.41 2.10
N PHE C 43 -0.27 16.57 0.86
CA PHE C 43 -0.32 17.89 0.24
C PHE C 43 -1.34 18.79 0.91
N GLY C 44 -2.45 18.23 1.38
CA GLY C 44 -3.41 19.01 2.13
C GLY C 44 -2.86 19.45 3.47
N ILE C 45 -2.09 18.58 4.14
CA ILE C 45 -1.42 18.99 5.38
C ILE C 45 -0.45 20.13 5.10
N GLN C 46 0.36 20.00 4.06
CA GLN C 46 1.30 21.05 3.71
C GLN C 46 0.57 22.35 3.36
N LYS C 47 -0.52 22.24 2.62
CA LYS C 47 -1.30 23.42 2.26
C LYS C 47 -1.93 24.06 3.49
N THR C 48 -2.42 23.25 4.43
CA THR C 48 -2.97 23.78 5.67
C THR C 48 -1.91 24.50 6.48
N ILE C 49 -0.71 23.92 6.57
CA ILE C 49 0.37 24.56 7.31
C ILE C 49 0.76 25.87 6.66
N THR C 50 0.86 25.89 5.33
CA THR C 50 1.19 27.12 4.63
C THR C 50 0.11 28.17 4.82
N ASP C 51 -1.16 27.76 4.80
CA ASP C 51 -2.25 28.70 5.01
C ASP C 51 -2.25 29.25 6.43
N MET C 52 -1.94 28.41 7.42
CA MET C 52 -1.78 28.89 8.78
C MET C 52 -0.62 29.88 8.87
N THR C 53 0.47 29.62 8.16
CA THR C 53 1.59 30.54 8.15
C THR C 53 1.20 31.89 7.55
N MET C 54 0.44 31.88 6.45
CA MET C 54 -0.04 33.14 5.89
C MET C 54 -0.98 33.85 6.86
N SER C 55 -1.91 33.14 7.46
CA SER C 55 -2.95 33.77 8.25
C SER C 55 -2.42 34.25 9.61
N GLN C 56 -1.98 33.31 10.43
CA GLN C 56 -1.55 33.62 11.79
C GLN C 56 -0.14 34.20 11.76
N GLN C 57 0.01 35.41 12.29
CA GLN C 57 1.32 36.04 12.35
C GLN C 57 2.21 35.41 13.41
N ILE C 58 1.60 34.82 14.45
CA ILE C 58 2.37 34.29 15.55
C ILE C 58 3.26 33.13 15.13
N VAL C 59 2.91 32.42 14.05
CA VAL C 59 3.69 31.25 13.63
C VAL C 59 5.10 31.68 13.22
N THR C 60 5.20 32.73 12.41
CA THR C 60 6.46 33.19 11.86
C THR C 60 7.00 34.42 12.58
N LYS C 61 6.38 34.84 13.67
CA LYS C 61 6.83 36.02 14.40
C LYS C 61 8.06 35.68 15.23
N VAL C 62 9.02 36.57 15.22
CA VAL C 62 10.15 36.54 16.13
C VAL C 62 10.16 37.90 16.81
N SER C 63 9.50 38.00 17.95
CA SER C 63 9.42 39.27 18.66
C SER C 63 10.78 39.67 19.20
N VAL C 64 11.21 40.89 18.89
CA VAL C 64 12.46 41.45 19.39
C VAL C 64 12.09 42.46 20.46
N MET C 65 12.48 42.18 21.70
CA MET C 65 12.13 43.03 22.83
C MET C 65 13.36 43.56 23.56
N GLY C 66 14.44 43.77 22.84
CA GLY C 66 15.63 44.36 23.42
C GLY C 66 16.88 43.85 22.72
N LYS C 67 18.02 44.22 23.29
CA LYS C 67 19.31 43.83 22.75
C LYS C 67 20.35 43.90 23.86
N GLU C 68 21.26 42.94 23.86
CA GLU C 68 22.35 42.96 24.82
C GLU C 68 23.29 44.12 24.52
N GLY C 69 23.81 44.75 25.57
CA GLY C 69 24.52 45.99 25.37
C GLY C 69 23.57 47.05 24.85
N ASP C 70 22.67 47.51 25.72
CA ASP C 70 21.50 48.28 25.32
C ASP C 70 21.84 49.39 24.34
N LYS C 71 21.31 49.26 23.13
CA LYS C 71 21.43 50.23 22.06
C LYS C 71 20.11 50.24 21.29
N PRO C 72 19.78 51.35 20.64
CA PRO C 72 18.55 51.38 19.84
C PRO C 72 18.58 50.33 18.74
N ILE C 73 17.44 49.68 18.53
CA ILE C 73 17.31 48.63 17.53
C ILE C 73 16.91 49.27 16.21
N LYS C 74 17.67 49.00 15.16
CA LYS C 74 17.42 49.54 13.84
C LYS C 74 16.65 48.51 13.02
N LYS C 75 15.48 48.91 12.52
CA LYS C 75 14.68 48.01 11.69
C LYS C 75 15.39 47.64 10.40
N ALA C 76 16.22 48.55 9.87
CA ALA C 76 16.88 48.31 8.59
C ALA C 76 17.82 47.11 8.67
N ASP C 77 18.57 47.00 9.77
CA ASP C 77 19.52 45.89 9.90
C ASP C 77 18.86 44.57 10.21
N LEU C 78 17.64 44.58 10.77
CA LEU C 78 16.95 43.33 11.06
C LEU C 78 16.50 42.63 9.79
N GLU C 79 16.29 43.37 8.71
CA GLU C 79 15.95 42.75 7.44
C GLU C 79 17.16 42.16 6.73
N LYS C 80 18.38 42.43 7.22
CA LYS C 80 19.57 41.88 6.59
C LYS C 80 19.68 40.37 6.76
N TYR C 81 19.10 39.83 7.82
CA TYR C 81 19.09 38.39 8.02
C TYR C 81 18.28 37.73 6.91
N ASP C 82 18.69 36.51 6.53
CA ASP C 82 18.00 35.83 5.46
C ASP C 82 16.69 35.23 5.96
N HIS C 83 15.81 34.93 5.01
CA HIS C 83 14.50 34.35 5.30
C HIS C 83 13.68 35.24 6.22
N VAL C 84 13.82 36.56 6.06
CA VAL C 84 13.04 37.53 6.79
C VAL C 84 12.00 38.09 5.83
N ARG C 85 10.74 37.68 6.02
CA ARG C 85 9.68 38.11 5.13
C ARG C 85 9.32 39.57 5.38
N SER C 86 9.35 40.02 6.63
CA SER C 86 9.08 41.41 6.96
C SER C 86 9.64 41.70 8.35
N VAL C 87 9.75 42.99 8.65
CA VAL C 87 10.13 43.46 9.98
C VAL C 87 9.17 44.58 10.34
N VAL C 88 8.31 44.35 11.32
CA VAL C 88 7.28 45.31 11.70
C VAL C 88 7.68 45.95 13.01
N GLU C 89 8.00 47.23 12.97
CA GLU C 89 8.27 48.02 14.17
C GLU C 89 7.03 48.86 14.46
N ARG C 90 6.41 48.61 15.60
CA ARG C 90 5.19 49.30 16.00
C ARG C 90 5.52 50.25 17.14
N THR C 91 5.27 51.54 16.93
CA THR C 91 5.53 52.57 17.93
C THR C 91 4.21 52.86 18.63
N GLN C 92 3.90 52.05 19.65
CA GLN C 92 2.64 52.17 20.37
C GLN C 92 2.71 53.35 21.32
N VAL C 93 1.90 54.37 21.07
CA VAL C 93 1.84 55.56 21.89
C VAL C 93 0.51 55.57 22.63
N TYR C 94 0.57 55.76 23.94
CA TYR C 94 -0.62 55.79 24.80
C TYR C 94 -1.07 57.21 25.11
N GLU C 95 -0.60 58.20 24.36
CA GLU C 95 -0.98 59.57 24.59
C GLU C 95 -2.45 59.78 24.25
N PRO C 96 -3.10 60.76 24.87
CA PRO C 96 -4.53 61.00 24.59
C PRO C 96 -4.77 61.36 23.14
N ASN C 97 -5.92 60.94 22.63
CA ASN C 97 -6.33 61.21 21.26
C ASN C 97 -7.84 61.40 21.21
N LYS C 98 -8.30 62.02 20.13
CA LYS C 98 -9.69 62.43 19.98
C LYS C 98 -10.22 62.07 18.59
N ALA C 99 -10.01 60.80 18.20
CA ALA C 99 -10.53 60.34 16.91
C ALA C 99 -12.05 60.45 16.89
N THR C 100 -12.58 61.24 15.95
CA THR C 100 -13.99 61.54 15.90
C THR C 100 -14.54 61.26 14.50
N LEU C 101 -15.73 60.65 14.45
CA LEU C 101 -16.47 60.46 13.22
C LEU C 101 -17.62 61.45 13.07
N GLY C 102 -17.65 62.49 13.92
CA GLY C 102 -18.76 63.42 13.92
C GLY C 102 -19.36 63.61 15.29
N ASN C 103 -20.60 63.17 15.46
CA ASN C 103 -21.27 63.28 16.77
C ASN C 103 -20.62 62.36 17.80
N ARG C 104 -20.12 61.21 17.36
CA ARG C 104 -19.51 60.24 18.26
C ARG C 104 -18.00 60.39 18.23
N THR C 105 -17.38 60.42 19.41
CA THR C 105 -15.95 60.58 19.55
C THR C 105 -15.35 59.38 20.26
N ASN C 106 -14.02 59.26 20.17
CA ASN C 106 -13.26 58.16 20.74
C ASN C 106 -12.13 58.73 21.59
N GLU C 107 -11.87 58.07 22.72
CA GLU C 107 -10.83 58.53 23.63
C GLU C 107 -9.85 57.41 23.95
N SER C 108 -10.36 56.18 24.01
CA SER C 108 -9.56 55.03 24.47
C SER C 108 -8.69 54.42 23.39
N SER C 109 -8.72 54.96 22.17
CA SER C 109 -7.89 54.42 21.10
C SER C 109 -6.42 54.63 21.42
N ASN C 110 -5.60 53.65 21.03
CA ASN C 110 -4.15 53.70 21.23
C ASN C 110 -3.49 53.84 19.86
N LEU C 111 -2.66 54.87 19.71
CA LEU C 111 -1.98 55.10 18.45
C LEU C 111 -0.86 54.09 18.26
N ILE C 112 -0.72 53.60 17.04
CA ILE C 112 0.37 52.70 16.67
C ILE C 112 0.95 53.17 15.35
N PHE C 113 2.23 53.56 15.37
CA PHE C 113 2.91 54.05 14.18
C PHE C 113 3.75 52.92 13.61
N THR C 114 3.31 52.36 12.49
CA THR C 114 3.97 51.22 11.89
C THR C 114 4.06 51.38 10.38
N ASN C 115 5.13 50.85 9.80
CA ASN C 115 5.30 50.86 8.35
C ASN C 115 4.24 49.97 7.71
N MET C 116 3.36 50.59 6.92
CA MET C 116 2.25 49.85 6.33
C MET C 116 2.73 48.81 5.32
N ASN C 117 3.81 49.10 4.59
CA ASN C 117 4.38 48.09 3.71
C ASN C 117 4.87 46.88 4.49
N ASP C 118 5.47 47.11 5.65
CA ASP C 118 5.90 46.01 6.51
C ASP C 118 4.70 45.19 6.99
N GLU C 119 3.61 45.86 7.38
CA GLU C 119 2.43 45.13 7.83
C GLU C 119 1.82 44.33 6.68
N LEU C 120 1.82 44.88 5.48
CA LEU C 120 1.32 44.14 4.32
C LEU C 120 2.22 42.94 4.01
N LYS C 121 3.53 43.11 4.14
CA LYS C 121 4.46 42.01 3.87
C LYS C 121 4.38 40.94 4.96
N ALA C 122 4.13 41.34 6.20
CA ALA C 122 4.02 40.45 7.33
C ALA C 122 2.66 39.80 7.43
N ASN C 123 1.78 40.02 6.44
CA ASN C 123 0.43 39.46 6.42
C ASN C 123 -0.34 39.86 7.69
N MET C 124 -0.54 41.16 7.82
CA MET C 124 -1.29 41.69 8.95
C MET C 124 -2.67 41.05 9.01
N GLU C 125 -3.04 40.56 10.19
CA GLU C 125 -4.30 39.84 10.35
C GLU C 125 -5.43 40.86 10.40
N LEU C 126 -6.28 40.86 9.37
CA LEU C 126 -7.38 41.79 9.26
C LEU C 126 -8.68 41.02 9.17
N GLU C 127 -9.69 41.48 9.92
CA GLU C 127 -11.02 40.91 9.79
C GLU C 127 -11.65 41.28 8.45
N LYS C 128 -11.55 42.56 8.07
CA LYS C 128 -12.11 43.04 6.82
C LYS C 128 -11.26 44.19 6.30
N GLY C 129 -11.34 44.42 5.00
CA GLY C 129 -10.53 45.43 4.38
C GLY C 129 -9.13 44.94 4.10
N ARG C 130 -8.28 45.88 3.70
CA ARG C 130 -6.89 45.59 3.38
C ARG C 130 -5.98 46.60 4.07
N VAL C 131 -4.71 46.23 4.19
CA VAL C 131 -3.76 47.09 4.88
C VAL C 131 -3.60 48.40 4.11
N ALA C 132 -3.38 49.48 4.87
CA ALA C 132 -3.23 50.79 4.26
C ALA C 132 -2.05 50.81 3.29
N LYS C 133 -2.27 51.39 2.11
CA LYS C 133 -1.23 51.54 1.12
C LYS C 133 -0.72 52.96 0.98
N SER C 134 -1.62 53.94 0.98
CA SER C 134 -1.23 55.35 0.91
C SER C 134 -0.81 55.82 2.30
N GLU C 135 -0.65 57.14 2.46
CA GLU C 135 -0.22 57.69 3.74
C GLU C 135 -1.38 57.97 4.67
N ASN C 136 -2.43 58.65 4.19
CA ASN C 136 -3.55 59.00 5.05
C ASN C 136 -4.43 57.79 5.38
N GLU C 137 -4.33 56.71 4.62
CA GLU C 137 -5.09 55.51 4.92
C GLU C 137 -4.57 54.87 6.20
N ILE C 138 -5.50 54.39 7.03
CA ILE C 138 -5.17 53.80 8.32
C ILE C 138 -5.96 52.52 8.52
N VAL C 139 -5.45 51.67 9.41
CA VAL C 139 -6.11 50.46 9.86
C VAL C 139 -6.43 50.65 11.33
N VAL C 140 -7.63 50.25 11.74
CA VAL C 140 -8.03 50.36 13.14
C VAL C 140 -8.45 48.99 13.64
N GLY C 141 -8.45 48.84 14.96
CA GLY C 141 -8.74 47.57 15.57
C GLY C 141 -10.20 47.18 15.49
N TYR C 142 -10.47 45.94 15.89
CA TYR C 142 -11.83 45.41 15.81
C TYR C 142 -12.79 46.19 16.70
N ASP C 143 -12.29 46.77 17.80
CA ASP C 143 -13.14 47.46 18.76
C ASP C 143 -13.08 48.97 18.61
N PHE C 144 -12.51 49.49 17.52
CA PHE C 144 -12.45 50.93 17.34
C PHE C 144 -13.84 51.52 17.13
N ALA C 145 -14.64 50.91 16.24
CA ALA C 145 -16.00 51.38 16.03
C ALA C 145 -16.83 51.23 17.30
N LYS C 146 -16.62 50.14 18.05
CA LYS C 146 -17.36 49.91 19.28
C LYS C 146 -17.08 51.01 20.30
N ARG C 147 -15.93 51.68 20.20
CA ARG C 147 -15.57 52.73 21.14
C ARG C 147 -16.04 54.11 20.69
N LEU C 148 -16.67 54.23 19.52
CA LEU C 148 -17.17 55.51 19.05
C LEU C 148 -18.47 55.81 19.79
N LEU C 149 -18.43 56.79 20.70
CA LEU C 149 -19.57 57.09 21.57
C LEU C 149 -19.86 58.59 21.54
N THR C 150 -21.14 58.92 21.36
CA THR C 150 -21.61 60.29 21.45
C THR C 150 -21.69 60.69 22.93
N LYS C 151 -21.99 61.97 23.19
CA LYS C 151 -22.01 62.47 24.56
C LYS C 151 -23.07 61.76 25.40
N LYS C 152 -24.24 61.49 24.82
CA LYS C 152 -25.32 60.88 25.58
C LYS C 152 -24.95 59.49 26.07
N GLU C 153 -24.48 58.63 25.15
CA GLU C 153 -24.08 57.28 25.55
C GLU C 153 -22.83 57.32 26.41
N SER C 154 -21.96 58.32 26.23
CA SER C 154 -20.82 58.46 27.13
C SER C 154 -21.27 58.75 28.56
N GLU C 155 -22.26 59.63 28.71
CA GLU C 155 -22.82 59.90 30.04
C GLU C 155 -23.48 58.65 30.63
N GLU C 156 -24.21 57.91 29.79
CA GLU C 156 -24.81 56.66 30.27
C GLU C 156 -23.75 55.69 30.74
N TYR C 157 -22.66 55.55 29.98
CA TYR C 157 -21.57 54.65 30.36
C TYR C 157 -20.92 55.10 31.66
N ASN C 158 -20.66 56.40 31.80
CA ASN C 158 -20.06 56.90 33.03
C ASN C 158 -20.95 56.62 34.23
N LYS C 159 -22.25 56.86 34.09
CA LYS C 159 -23.18 56.58 35.18
C LYS C 159 -23.22 55.10 35.50
N LYS C 160 -23.25 54.25 34.47
CA LYS C 160 -23.32 52.81 34.69
C LYS C 160 -22.05 52.25 35.31
N ILE C 161 -20.90 52.88 35.09
CA ILE C 161 -19.66 52.34 35.65
C ILE C 161 -19.31 52.97 36.99
N GLU C 162 -19.84 54.16 37.30
CA GLU C 162 -19.50 54.79 38.57
C GLU C 162 -20.61 54.65 39.63
N GLU C 163 -21.89 54.67 39.22
CA GLU C 163 -22.96 54.50 40.18
C GLU C 163 -23.09 53.05 40.61
N ALA C 164 -22.99 52.11 39.66
CA ALA C 164 -23.17 50.71 39.97
C ALA C 164 -21.98 50.16 40.75
N LYS C 165 -20.81 50.14 40.12
CA LYS C 165 -19.57 49.59 40.69
C LYS C 165 -19.88 48.18 41.16
N GLY C 166 -19.53 47.80 42.39
CA GLY C 166 -19.83 46.48 42.90
C GLY C 166 -19.19 45.36 42.11
N ASN C 167 -20.00 44.56 41.42
CA ASN C 167 -19.49 43.50 40.56
C ASN C 167 -19.76 43.88 39.11
N PRO C 168 -18.73 44.19 38.32
CA PRO C 168 -18.95 44.67 36.95
C PRO C 168 -19.21 43.57 35.93
N GLU C 169 -19.61 42.38 36.39
CA GLU C 169 -19.77 41.23 35.50
C GLU C 169 -20.62 41.57 34.28
N ASP C 170 -21.79 42.14 34.50
CA ASP C 170 -22.76 42.40 33.42
C ASP C 170 -23.10 43.89 33.40
N ILE C 171 -22.38 44.64 32.57
CA ILE C 171 -22.68 46.04 32.31
C ILE C 171 -22.94 46.17 30.81
N LYS C 172 -24.05 46.81 30.46
CA LYS C 172 -24.47 46.91 29.06
C LYS C 172 -23.56 47.91 28.34
N GLU C 173 -22.61 47.39 27.58
CA GLU C 173 -21.72 48.25 26.81
C GLU C 173 -22.49 48.84 25.63
N PRO C 174 -22.36 50.14 25.36
CA PRO C 174 -23.02 50.72 24.18
C PRO C 174 -22.51 50.08 22.90
N LYS C 175 -23.42 49.93 21.93
CA LYS C 175 -23.06 49.33 20.65
C LYS C 175 -22.09 50.20 19.86
N GLY C 176 -21.96 51.48 20.22
CA GLY C 176 -21.06 52.36 19.50
C GLY C 176 -21.47 52.51 18.05
N TYR C 177 -20.48 52.48 17.16
CA TYR C 177 -20.71 52.61 15.73
C TYR C 177 -20.96 51.22 15.16
N THR C 178 -22.22 50.78 15.21
CA THR C 178 -22.59 49.49 14.64
C THR C 178 -22.45 49.48 13.13
N LYS C 179 -22.47 50.64 12.48
CA LYS C 179 -22.41 50.72 11.03
C LYS C 179 -21.00 50.35 10.55
N ASP C 180 -20.82 50.41 9.23
CA ASP C 180 -19.57 49.99 8.59
C ASP C 180 -18.53 51.09 8.77
N ILE C 181 -17.66 50.91 9.77
CA ILE C 181 -16.58 51.86 9.99
C ILE C 181 -15.58 51.85 8.84
N LEU C 182 -15.55 50.77 8.07
CA LEU C 182 -14.63 50.67 6.94
C LEU C 182 -14.92 51.74 5.90
N ASN C 183 -13.85 52.20 5.24
CA ASN C 183 -13.95 53.19 4.16
C ASN C 183 -14.61 54.48 4.63
N LYS C 184 -14.24 54.95 5.83
CA LYS C 184 -14.74 56.20 6.39
C LYS C 184 -13.57 57.04 6.88
N THR C 185 -13.83 58.32 7.10
CA THR C 185 -12.80 59.27 7.48
C THR C 185 -13.04 59.73 8.91
N ILE C 186 -11.97 59.76 9.70
CA ILE C 186 -12.02 60.22 11.09
C ILE C 186 -11.13 61.44 11.25
N GLU C 187 -11.30 62.14 12.37
CA GLU C 187 -10.51 63.31 12.71
C GLU C 187 -9.73 63.02 13.98
N LEU C 188 -8.42 62.85 13.84
CA LEU C 188 -7.56 62.56 14.98
C LEU C 188 -7.02 63.86 15.56
N SER C 189 -7.38 64.15 16.81
CA SER C 189 -6.91 65.34 17.52
C SER C 189 -6.04 64.90 18.68
N VAL C 190 -4.85 65.50 18.79
CA VAL C 190 -3.88 65.13 19.81
C VAL C 190 -3.52 66.38 20.61
N SER C 191 -3.60 66.28 21.93
CA SER C 191 -3.32 67.40 22.83
C SER C 191 -1.93 67.25 23.44
N LYS C 192 -1.29 68.40 23.68
CA LYS C 192 0.08 68.42 24.17
C LYS C 192 0.20 68.53 25.67
N THR C 193 -0.79 69.14 26.34
CA THR C 193 -0.81 69.35 27.79
C THR C 193 0.51 69.91 28.31
N ASP C 194 1.34 69.04 28.89
CA ASP C 194 2.65 69.40 29.45
C ASP C 194 2.51 70.25 30.71
N SER C 195 3.47 70.12 31.63
CA SER C 195 3.44 70.90 32.86
C SER C 195 3.85 72.35 32.65
N LYS C 196 4.56 72.65 31.56
CA LYS C 196 5.00 74.02 31.32
C LYS C 196 3.83 74.96 31.09
N THR C 197 2.83 74.51 30.31
CA THR C 197 1.63 75.30 30.08
C THR C 197 0.47 74.89 30.97
N GLY C 198 0.40 73.63 31.36
CA GLY C 198 -0.63 73.18 32.28
C GLY C 198 -2.03 73.16 31.72
N ASP C 199 -2.18 73.16 30.40
CA ASP C 199 -3.49 73.18 29.77
C ASP C 199 -3.34 72.72 28.32
N VAL C 200 -4.44 72.78 27.58
CA VAL C 200 -4.45 72.36 26.18
C VAL C 200 -3.89 73.50 25.34
N THR C 201 -2.68 73.31 24.82
CA THR C 201 -2.05 74.27 23.94
C THR C 201 -2.39 73.88 22.50
N LYS C 202 -1.67 74.44 21.52
CA LYS C 202 -1.90 74.22 20.09
C LYS C 202 -2.25 72.76 19.78
N THR C 203 -3.33 72.57 19.03
CA THR C 203 -3.84 71.25 18.68
C THR C 203 -4.17 71.21 17.20
N LYS C 204 -3.82 70.11 16.54
CA LYS C 204 -4.04 69.93 15.11
C LYS C 204 -4.73 68.59 14.87
N THR C 205 -5.65 68.56 13.92
CA THR C 205 -6.41 67.37 13.58
C THR C 205 -5.99 66.84 12.21
N TYR C 206 -6.03 65.52 12.08
CA TYR C 206 -5.68 64.83 10.85
C TYR C 206 -6.90 64.10 10.31
N ASP C 207 -7.04 64.09 8.98
CA ASP C 207 -8.14 63.42 8.31
C ASP C 207 -7.65 62.07 7.83
N PHE C 208 -8.05 61.01 8.53
CA PHE C 208 -7.55 59.65 8.29
C PHE C 208 -8.68 58.77 7.80
N LYS C 209 -8.44 58.05 6.70
CA LYS C 209 -9.43 57.18 6.10
C LYS C 209 -9.15 55.73 6.50
N ILE C 210 -10.10 55.11 7.21
CA ILE C 210 -9.97 53.73 7.60
C ILE C 210 -10.15 52.85 6.37
N VAL C 211 -9.19 51.95 6.13
CA VAL C 211 -9.25 51.05 4.99
C VAL C 211 -9.31 49.61 5.49
N GLY C 212 -8.71 49.36 6.65
CA GLY C 212 -8.65 48.02 7.17
C GLY C 212 -9.14 47.96 8.61
N ILE C 213 -9.63 46.79 8.98
CA ILE C 213 -10.02 46.48 10.35
C ILE C 213 -9.20 45.28 10.79
N THR C 214 -8.49 45.40 11.91
CA THR C 214 -7.66 44.31 12.36
C THR C 214 -8.51 43.13 12.81
N LYS C 215 -7.87 41.97 12.90
CA LYS C 215 -8.56 40.75 13.25
C LYS C 215 -9.20 40.88 14.62
N LYS C 216 -10.35 40.22 14.79
CA LYS C 216 -10.99 40.21 16.08
C LYS C 216 -10.06 39.53 17.08
N PRO C 217 -9.85 40.10 18.27
CA PRO C 217 -8.94 39.50 19.23
C PRO C 217 -9.34 38.07 19.57
N SER C 218 -8.36 37.33 20.10
CA SER C 218 -8.54 35.90 20.32
C SER C 218 -9.75 35.62 21.20
N GLN C 219 -9.91 36.36 22.30
CA GLN C 219 -11.04 36.19 23.19
C GLN C 219 -11.74 37.52 23.38
N ASP C 220 -13.02 37.45 23.75
CA ASP C 220 -13.85 38.65 23.84
C ASP C 220 -13.33 39.63 24.89
N TRP C 221 -12.65 39.13 25.92
CA TRP C 221 -12.16 40.00 26.97
C TRP C 221 -11.01 40.91 26.52
N MET C 222 -10.41 40.63 25.37
CA MET C 222 -9.32 41.44 24.85
C MET C 222 -9.91 42.56 23.99
N GLU C 223 -9.57 43.80 24.31
CA GLU C 223 -10.06 44.96 23.60
C GLU C 223 -8.97 45.49 22.68
N ASP C 224 -9.27 45.51 21.39
CA ASP C 224 -8.34 46.02 20.37
C ASP C 224 -8.90 47.34 19.84
N SER C 225 -8.56 48.43 20.52
CA SER C 225 -8.93 49.76 20.09
C SER C 225 -7.77 50.49 19.42
N ASN C 226 -6.77 49.76 18.98
CA ASN C 226 -5.60 50.37 18.36
C ASN C 226 -5.98 51.05 17.05
N ILE C 227 -5.20 52.06 16.68
CA ILE C 227 -5.35 52.78 15.43
C ILE C 227 -3.97 52.94 14.82
N PHE C 228 -3.80 52.46 13.59
CA PHE C 228 -2.49 52.31 12.98
C PHE C 228 -2.24 53.43 11.99
N ILE C 229 -1.24 54.27 12.26
CA ILE C 229 -0.83 55.36 11.39
C ILE C 229 0.49 54.98 10.73
N SER C 230 0.65 55.39 9.48
CA SER C 230 1.89 55.11 8.76
C SER C 230 3.06 55.83 9.43
N ASP C 231 4.26 55.25 9.28
CA ASP C 231 5.44 55.84 9.88
C ASP C 231 5.86 57.14 9.20
N GLN C 232 5.28 57.47 8.04
CA GLN C 232 5.52 58.77 7.42
C GLN C 232 4.95 59.92 8.25
N PHE C 233 3.93 59.66 9.05
CA PHE C 233 3.39 60.66 9.98
C PHE C 233 4.14 60.68 11.30
N LYS C 234 5.12 59.81 11.48
CA LYS C 234 5.93 59.84 12.69
C LYS C 234 6.72 61.14 12.79
N LYS C 235 7.24 61.63 11.67
CA LYS C 235 7.96 62.90 11.68
C LYS C 235 7.03 64.05 12.06
N ASP C 236 5.80 64.04 11.54
CA ASP C 236 4.84 65.09 11.89
C ASP C 236 4.49 65.02 13.38
N PHE C 237 4.23 63.83 13.89
CA PHE C 237 3.87 63.68 15.29
C PHE C 237 5.05 63.93 16.22
N SER C 238 6.29 63.79 15.73
CA SER C 238 7.45 64.19 16.50
C SER C 238 7.62 65.70 16.51
N GLU C 239 7.36 66.35 15.38
CA GLU C 239 7.32 67.80 15.35
C GLU C 239 6.19 68.36 16.19
N PHE C 240 5.16 67.56 16.47
CA PHE C 240 4.03 68.01 17.27
C PHE C 240 4.21 67.68 18.75
N LEU C 241 4.57 66.44 19.07
CA LEU C 241 4.78 66.01 20.45
C LEU C 241 6.04 65.17 20.53
N ASP C 242 6.53 64.97 21.75
CA ASP C 242 7.73 64.18 22.01
C ASP C 242 7.29 62.89 22.71
N PHE C 243 7.26 61.79 21.96
CA PHE C 243 6.88 60.49 22.50
C PHE C 243 8.14 59.70 22.86
N LYS C 244 8.75 60.11 23.97
CA LYS C 244 9.98 59.50 24.46
C LYS C 244 9.73 58.95 25.86
N GLY C 245 9.56 57.63 25.96
CA GLY C 245 9.42 56.98 27.24
C GLY C 245 8.11 57.26 27.94
N GLY C 246 7.81 56.48 28.99
CA GLY C 246 6.61 56.68 29.77
C GLY C 246 5.38 56.07 29.13
N ASN C 247 4.98 56.60 27.98
CA ASN C 247 3.78 56.16 27.27
C ASN C 247 4.10 55.63 25.89
N VAL C 248 5.32 55.13 25.69
CA VAL C 248 5.75 54.54 24.42
C VAL C 248 6.20 53.12 24.68
N GLU C 249 5.64 52.17 23.94
CA GLU C 249 5.96 50.75 24.06
C GLU C 249 6.20 50.21 22.65
N THR C 250 7.46 50.28 22.20
CA THR C 250 7.80 49.77 20.88
C THR C 250 7.67 48.26 20.85
N ASN C 251 7.10 47.74 19.77
CA ASN C 251 6.93 46.30 19.55
C ASN C 251 7.54 45.96 18.20
N ILE C 252 8.71 45.34 18.21
CA ILE C 252 9.40 44.93 16.99
C ILE C 252 9.14 43.45 16.76
N GLY C 253 8.75 43.10 15.54
CA GLY C 253 8.54 41.72 15.19
C GLY C 253 9.16 41.35 13.87
N VAL C 254 10.09 40.41 13.88
CA VAL C 254 10.76 39.97 12.67
C VAL C 254 10.07 38.72 12.17
N PHE C 255 9.56 38.76 10.94
CA PHE C 255 8.77 37.69 10.38
C PHE C 255 9.62 36.84 9.45
N ALA C 256 9.34 35.55 9.42
CA ALA C 256 10.02 34.62 8.55
C ALA C 256 9.12 34.27 7.39
N ASP C 257 9.74 33.95 6.24
CA ASP C 257 8.95 33.57 5.08
C ASP C 257 8.19 32.28 5.33
N LYS C 258 8.82 31.32 5.98
CA LYS C 258 8.21 30.05 6.33
C LYS C 258 8.51 29.74 7.78
N PHE C 259 7.70 28.85 8.36
CA PHE C 259 7.94 28.43 9.74
C PHE C 259 9.27 27.69 9.86
N GLU C 260 9.63 26.90 8.84
CA GLU C 260 10.86 26.12 8.92
C GLU C 260 12.09 27.01 9.01
N ASN C 261 11.97 28.28 8.66
CA ASN C 261 13.06 29.23 8.81
C ASN C 261 13.01 29.98 10.12
N VAL C 262 11.97 29.78 10.93
CA VAL C 262 11.82 30.55 12.17
C VAL C 262 12.95 30.20 13.15
N GLU C 263 13.27 28.91 13.29
CA GLU C 263 14.31 28.53 14.23
C GLU C 263 15.67 29.10 13.83
N GLN C 264 16.01 29.00 12.54
CA GLN C 264 17.26 29.57 12.07
C GLN C 264 17.29 31.08 12.26
N LEU C 265 16.18 31.75 11.95
CA LEU C 265 16.11 33.20 12.15
C LEU C 265 16.28 33.57 13.62
N THR C 266 15.61 32.84 14.51
CA THR C 266 15.72 33.14 15.93
C THR C 266 17.15 32.94 16.41
N ASN C 267 17.81 31.86 15.95
CA ASN C 267 19.19 31.63 16.33
C ASN C 267 20.10 32.73 15.79
N ASP C 268 19.85 33.18 14.56
CA ASP C 268 20.62 34.25 13.96
C ASP C 268 20.52 35.53 14.76
N LEU C 269 19.30 35.91 15.17
CA LEU C 269 19.15 37.14 15.95
C LEU C 269 19.67 36.96 17.37
N THR C 270 19.55 35.76 17.94
CA THR C 270 20.08 35.52 19.28
C THR C 270 21.59 35.64 19.32
N ASP C 271 22.28 35.07 18.34
CA ASP C 271 23.74 35.16 18.36
C ASP C 271 24.25 36.53 17.95
N ASP C 272 23.36 37.42 17.49
CA ASP C 272 23.66 38.84 17.35
C ASP C 272 23.17 39.64 18.54
N GLY C 273 22.88 38.98 19.66
CA GLY C 273 22.56 39.67 20.89
C GLY C 273 21.19 40.28 20.97
N TYR C 274 20.25 39.83 20.15
CA TYR C 274 18.88 40.31 20.23
C TYR C 274 18.08 39.45 21.19
N TYR C 275 17.24 40.10 22.00
CA TYR C 275 16.35 39.42 22.93
C TYR C 275 15.09 39.04 22.17
N VAL C 276 15.08 37.85 21.57
CA VAL C 276 14.03 37.45 20.65
C VAL C 276 13.26 36.28 21.24
N THR C 277 11.94 36.35 21.18
CA THR C 277 11.07 35.23 21.48
C THR C 277 10.28 34.87 20.23
N SER C 278 10.31 33.60 19.87
CA SER C 278 9.58 33.11 18.72
C SER C 278 8.81 31.86 19.13
N VAL C 279 8.22 31.18 18.15
CA VAL C 279 7.58 29.91 18.43
C VAL C 279 8.61 28.89 18.89
N THR C 280 9.81 28.94 18.33
CA THR C 280 10.83 27.95 18.65
C THR C 280 11.46 28.17 20.02
N THR C 281 11.34 29.37 20.59
CA THR C 281 11.79 29.56 21.96
C THR C 281 10.70 29.20 22.96
N GLU C 282 9.44 29.50 22.64
CA GLU C 282 8.35 29.14 23.53
C GLU C 282 8.14 27.64 23.57
N LEU C 283 8.22 26.98 22.43
CA LEU C 283 8.05 25.53 22.33
C LEU C 283 9.39 24.93 21.96
N GLU C 284 10.04 24.30 22.93
CA GLU C 284 11.34 23.70 22.69
C GLU C 284 11.22 22.51 21.75
N GLY C 285 12.06 22.47 20.73
CA GLY C 285 12.01 21.40 19.78
C GLY C 285 10.92 21.51 18.74
N ALA C 286 10.31 22.69 18.57
CA ALA C 286 9.26 22.85 17.58
C ALA C 286 9.80 22.67 16.17
N ASN C 287 10.97 23.24 15.88
CA ASN C 287 11.55 23.09 14.56
C ASN C 287 11.92 21.64 14.26
N THR C 288 12.50 20.94 15.23
CA THR C 288 12.85 19.56 14.99
C THR C 288 11.62 18.67 14.94
N PHE C 289 10.53 19.04 15.63
CA PHE C 289 9.29 18.32 15.45
C PHE C 289 8.76 18.48 14.03
N PHE C 290 8.79 19.71 13.52
CA PHE C 290 8.40 19.93 12.14
C PHE C 290 9.31 19.15 11.18
N MET C 291 10.61 19.10 11.48
CA MET C 291 11.55 18.39 10.64
C MET C 291 11.31 16.89 10.65
N VAL C 292 11.07 16.31 11.83
CA VAL C 292 10.78 14.88 11.88
C VAL C 292 9.43 14.58 11.27
N PHE C 293 8.48 15.52 11.33
CA PHE C 293 7.22 15.33 10.64
C PHE C 293 7.40 15.33 9.13
N LYS C 294 8.21 16.24 8.60
CA LYS C 294 8.49 16.26 7.17
C LYS C 294 9.26 15.01 6.74
N ILE C 295 10.21 14.57 7.56
CA ILE C 295 10.93 13.33 7.29
C ILE C 295 9.96 12.16 7.30
N GLY C 296 9.02 12.15 8.23
CA GLY C 296 8.02 11.11 8.26
C GLY C 296 7.12 11.12 7.05
N LEU C 297 6.75 12.31 6.59
CA LEU C 297 5.95 12.42 5.37
C LEU C 297 6.71 11.86 4.18
N ILE C 298 8.00 12.20 4.08
CA ILE C 298 8.82 11.69 2.98
C ILE C 298 8.94 10.18 3.06
N PHE C 299 9.24 9.66 4.26
CA PHE C 299 9.41 8.23 4.44
C PHE C 299 8.12 7.48 4.17
N VAL C 300 6.98 8.05 4.59
CA VAL C 300 5.68 7.43 4.35
C VAL C 300 5.38 7.42 2.86
N GLY C 301 5.68 8.52 2.17
CA GLY C 301 5.51 8.53 0.72
C GLY C 301 6.40 7.50 0.04
N CYS C 302 7.63 7.34 0.52
CA CYS C 302 8.54 6.38 -0.08
C CYS C 302 8.06 4.95 0.12
N ILE C 303 7.66 4.61 1.36
CA ILE C 303 7.19 3.25 1.61
C ILE C 303 5.84 3.01 0.94
N ALA C 304 5.05 4.07 0.72
CA ALA C 304 3.83 3.93 -0.04
C ALA C 304 4.11 3.65 -1.51
N VAL C 305 5.08 4.36 -2.08
CA VAL C 305 5.51 4.05 -3.44
C VAL C 305 5.99 2.62 -3.51
N ILE C 306 6.70 2.16 -2.47
CA ILE C 306 7.21 0.79 -2.45
C ILE C 306 6.07 -0.22 -2.40
N ILE C 307 5.07 0.02 -1.55
CA ILE C 307 3.97 -0.93 -1.44
C ILE C 307 3.14 -0.95 -2.72
N SER C 308 2.91 0.22 -3.33
CA SER C 308 2.17 0.28 -4.58
C SER C 308 2.93 -0.42 -5.70
N ALA C 309 4.23 -0.15 -5.81
CA ALA C 309 5.04 -0.77 -6.83
C ALA C 309 5.12 -2.27 -6.63
N ILE C 310 5.19 -2.72 -5.37
CA ILE C 310 5.27 -4.14 -5.08
C ILE C 310 3.95 -4.83 -5.44
N GLY C 311 2.82 -4.18 -5.15
CA GLY C 311 1.55 -4.77 -5.52
C GLY C 311 1.40 -4.90 -7.03
N ILE C 312 1.74 -3.83 -7.75
CA ILE C 312 1.69 -3.90 -9.21
C ILE C 312 2.64 -4.97 -9.73
N PHE C 313 3.86 -5.00 -9.19
CA PHE C 313 4.85 -5.97 -9.63
C PHE C 313 4.38 -7.40 -9.40
N ASN C 314 3.84 -7.67 -8.23
CA ASN C 314 3.35 -9.01 -7.93
C ASN C 314 2.25 -9.42 -8.88
N THR C 315 1.23 -8.57 -9.03
CA THR C 315 0.10 -8.93 -9.87
C THR C 315 0.52 -9.10 -11.32
N MET C 316 1.36 -8.20 -11.83
CA MET C 316 1.73 -8.25 -13.23
C MET C 316 2.69 -9.40 -13.51
N THR C 317 3.63 -9.68 -12.60
CA THR C 317 4.51 -10.82 -12.75
C THR C 317 3.71 -12.12 -12.75
N MET C 318 2.76 -12.24 -11.82
CA MET C 318 1.90 -13.42 -11.80
C MET C 318 1.14 -13.56 -13.11
N ALA C 319 0.51 -12.47 -13.57
CA ALA C 319 -0.33 -12.53 -14.75
C ALA C 319 0.47 -12.91 -15.99
N VAL C 320 1.67 -12.33 -16.15
CA VAL C 320 2.45 -12.61 -17.34
C VAL C 320 3.12 -13.97 -17.25
N THR C 321 3.45 -14.45 -16.04
CA THR C 321 3.99 -15.78 -15.90
C THR C 321 2.92 -16.84 -16.15
N GLU C 322 1.65 -16.49 -15.98
CA GLU C 322 0.60 -17.39 -16.41
C GLU C 322 0.48 -17.48 -17.92
N ARG C 323 1.17 -16.61 -18.67
CA ARG C 323 1.12 -16.62 -20.13
C ARG C 323 2.38 -17.22 -20.75
N THR C 324 3.23 -17.85 -19.95
CA THR C 324 4.47 -18.40 -20.47
C THR C 324 4.21 -19.48 -21.51
N GLN C 325 3.23 -20.34 -21.25
CA GLN C 325 2.86 -21.38 -22.20
C GLN C 325 2.35 -20.78 -23.50
N GLU C 326 1.56 -19.71 -23.40
CA GLU C 326 1.08 -19.02 -24.59
C GLU C 326 2.22 -18.38 -25.38
N ILE C 327 3.20 -17.79 -24.66
CA ILE C 327 4.36 -17.22 -25.32
C ILE C 327 5.16 -18.32 -26.03
N GLY C 328 5.27 -19.47 -25.39
CA GLY C 328 5.91 -20.60 -26.04
C GLY C 328 5.18 -21.07 -27.28
N ILE C 329 3.86 -21.12 -27.22
CA ILE C 329 3.08 -21.50 -28.39
C ILE C 329 3.27 -20.49 -29.51
N MET C 330 3.22 -19.21 -29.19
CA MET C 330 3.42 -18.18 -30.20
C MET C 330 4.80 -18.25 -30.82
N LYS C 331 5.83 -18.45 -30.00
CA LYS C 331 7.19 -18.58 -30.53
C LYS C 331 7.33 -19.83 -31.38
N ALA C 332 6.67 -20.92 -30.99
CA ALA C 332 6.68 -22.16 -31.75
C ALA C 332 6.02 -21.99 -33.10
N ILE C 333 4.91 -21.24 -33.14
CA ILE C 333 4.19 -21.00 -34.38
C ILE C 333 5.01 -20.12 -35.31
N GLY C 334 5.82 -19.23 -34.77
CA GLY C 334 6.70 -18.43 -35.58
C GLY C 334 6.71 -16.98 -35.19
N ALA C 335 6.02 -16.63 -34.11
CA ALA C 335 6.04 -15.26 -33.63
C ALA C 335 7.44 -14.91 -33.16
N SER C 336 7.96 -13.78 -33.65
CA SER C 336 9.26 -13.33 -33.22
C SER C 336 9.21 -12.93 -31.76
N PRO C 337 10.31 -13.13 -31.02
CA PRO C 337 10.34 -12.67 -29.64
C PRO C 337 10.09 -11.19 -29.50
N SER C 338 10.54 -10.39 -30.46
CA SER C 338 10.30 -8.96 -30.42
C SER C 338 8.82 -8.64 -30.60
N ILE C 339 8.14 -9.37 -31.48
CA ILE C 339 6.70 -9.18 -31.64
C ILE C 339 5.95 -9.57 -30.37
N ILE C 340 6.35 -10.68 -29.75
CA ILE C 340 5.70 -11.11 -28.51
C ILE C 340 5.94 -10.10 -27.41
N ARG C 341 7.17 -9.57 -27.32
CA ARG C 341 7.47 -8.57 -26.31
C ARG C 341 6.73 -7.26 -26.57
N ARG C 342 6.56 -6.91 -27.84
CA ARG C 342 5.76 -5.73 -28.17
C ARG C 342 4.30 -5.93 -27.81
N MET C 343 3.77 -7.12 -28.05
CA MET C 343 2.38 -7.40 -27.67
C MET C 343 2.21 -7.34 -26.17
N PHE C 344 3.17 -7.88 -25.41
CA PHE C 344 3.03 -7.85 -23.96
C PHE C 344 3.31 -6.46 -23.42
N LEU C 345 4.13 -5.67 -24.09
CA LEU C 345 4.31 -4.28 -23.72
C LEU C 345 3.03 -3.49 -23.98
N MET C 346 2.37 -3.74 -25.11
CA MET C 346 1.09 -3.10 -25.37
C MET C 346 0.05 -3.51 -24.34
N GLU C 347 0.00 -4.79 -23.99
CA GLU C 347 -0.96 -5.26 -23.00
C GLU C 347 -0.68 -4.66 -21.63
N SER C 348 0.59 -4.63 -21.22
CA SER C 348 0.93 -4.11 -19.91
C SER C 348 0.74 -2.60 -19.86
N ALA C 349 1.04 -1.90 -20.96
CA ALA C 349 0.80 -0.47 -21.03
C ALA C 349 -0.68 -0.16 -21.01
N TYR C 350 -1.48 -0.97 -21.68
CA TYR C 350 -2.93 -0.78 -21.62
C TYR C 350 -3.46 -1.01 -20.22
N ILE C 351 -2.99 -2.07 -19.57
CA ILE C 351 -3.40 -2.34 -18.18
C ILE C 351 -2.98 -1.19 -17.29
N GLY C 352 -1.75 -0.70 -17.45
CA GLY C 352 -1.27 0.38 -16.62
C GLY C 352 -2.00 1.68 -16.85
N ILE C 353 -2.29 2.01 -18.12
CA ILE C 353 -2.99 3.25 -18.42
C ILE C 353 -4.43 3.18 -17.95
N LEU C 354 -5.10 2.05 -18.18
CA LEU C 354 -6.47 1.89 -17.68
C LEU C 354 -6.52 1.94 -16.17
N GLY C 355 -5.61 1.24 -15.50
CA GLY C 355 -5.57 1.27 -14.05
C GLY C 355 -5.22 2.64 -13.50
N CYS C 356 -4.31 3.35 -14.17
CA CYS C 356 -3.97 4.70 -13.74
C CYS C 356 -5.13 5.65 -13.93
N VAL C 357 -5.84 5.55 -15.05
CA VAL C 357 -7.00 6.40 -15.29
C VAL C 357 -8.08 6.14 -14.25
N ILE C 358 -8.38 4.86 -14.01
CA ILE C 358 -9.39 4.52 -13.02
C ILE C 358 -8.94 4.96 -11.63
N GLY C 359 -7.66 4.79 -11.32
CA GLY C 359 -7.16 5.19 -10.02
C GLY C 359 -7.16 6.69 -9.83
N ILE C 360 -6.91 7.45 -10.89
CA ILE C 360 -6.97 8.90 -10.81
C ILE C 360 -8.41 9.37 -10.64
N ILE C 361 -9.34 8.75 -11.36
CA ILE C 361 -10.75 9.08 -11.19
C ILE C 361 -11.19 8.76 -9.77
N ILE C 362 -10.80 7.59 -9.26
CA ILE C 362 -11.13 7.19 -7.90
C ILE C 362 -10.45 8.12 -6.90
N SER C 363 -9.24 8.57 -7.20
CA SER C 363 -8.53 9.48 -6.33
C SER C 363 -9.24 10.82 -6.22
N TYR C 364 -9.67 11.36 -7.36
CA TYR C 364 -10.39 12.62 -7.32
C TYR C 364 -11.74 12.46 -6.64
N GLY C 365 -12.43 11.34 -6.86
CA GLY C 365 -13.67 11.11 -6.16
C GLY C 365 -13.49 10.96 -4.67
N VAL C 366 -12.45 10.23 -4.26
CA VAL C 366 -12.17 10.05 -2.83
C VAL C 366 -11.73 11.36 -2.21
N SER C 367 -10.96 12.16 -2.94
CA SER C 367 -10.56 13.47 -2.45
C SER C 367 -11.77 14.37 -2.23
N TYR C 368 -12.68 14.38 -3.20
CA TYR C 368 -13.92 15.12 -3.05
C TYR C 368 -14.72 14.63 -1.84
N LEU C 369 -14.85 13.30 -1.71
CA LEU C 369 -15.63 12.73 -0.63
C LEU C 369 -15.03 13.05 0.73
N VAL C 370 -13.70 12.96 0.86
CA VAL C 370 -13.08 13.22 2.16
C VAL C 370 -13.05 14.70 2.48
N ASN C 371 -12.90 15.56 1.46
CA ASN C 371 -13.00 17.00 1.71
C ASN C 371 -14.41 17.41 2.06
N LEU C 372 -15.42 16.59 1.70
CA LEU C 372 -16.76 16.82 2.21
C LEU C 372 -16.95 16.23 3.61
N ALA C 373 -16.36 15.06 3.86
CA ALA C 373 -16.62 14.32 5.09
C ALA C 373 -15.89 14.90 6.28
N VAL C 374 -14.67 15.41 6.08
CA VAL C 374 -13.89 15.92 7.21
C VAL C 374 -14.59 17.08 7.89
N PRO C 375 -15.19 18.05 7.18
CA PRO C 375 -16.04 19.02 7.89
C PRO C 375 -17.17 18.37 8.67
N MET C 376 -17.78 17.31 8.13
CA MET C 376 -18.86 16.63 8.84
C MET C 376 -18.35 15.96 10.11
N ILE C 377 -17.21 15.26 10.03
CA ILE C 377 -16.62 14.63 11.21
C ILE C 377 -16.22 15.69 12.23
N LEU C 378 -15.68 16.81 11.75
CA LEU C 378 -15.29 17.89 12.65
C LEU C 378 -16.50 18.47 13.38
N ALA C 379 -17.61 18.66 12.67
CA ALA C 379 -18.83 19.12 13.32
C ALA C 379 -19.35 18.10 14.31
N ALA C 380 -19.27 16.81 13.96
CA ALA C 380 -19.73 15.77 14.87
C ALA C 380 -18.91 15.75 16.16
N THR C 381 -17.59 15.91 16.05
CA THR C 381 -16.69 15.78 17.18
C THR C 381 -16.18 17.12 17.70
N SER C 382 -16.83 18.22 17.33
CA SER C 382 -16.35 19.54 17.75
C SER C 382 -16.57 19.75 19.24
N GLY C 383 -17.78 19.44 19.72
CA GLY C 383 -18.10 19.71 21.12
C GLY C 383 -18.05 21.18 21.48
N GLY C 384 -18.59 22.04 20.61
CA GLY C 384 -18.52 23.47 20.84
C GLY C 384 -17.90 24.24 19.69
N ASP C 385 -17.99 23.68 18.49
CA ASP C 385 -17.58 24.28 17.22
C ASP C 385 -16.06 24.41 17.09
N ALA C 386 -15.29 24.06 18.11
CA ALA C 386 -13.84 24.07 18.11
C ALA C 386 -13.34 25.45 17.66
N GLY C 387 -12.18 25.50 17.00
CA GLY C 387 -11.65 26.71 16.44
C GLY C 387 -11.94 26.84 14.96
N ASP C 388 -11.56 27.99 14.41
CA ASP C 388 -11.82 28.31 13.01
C ASP C 388 -10.51 28.20 12.23
N LEU C 389 -10.42 27.18 11.38
CA LEU C 389 -9.23 26.92 10.59
C LEU C 389 -9.65 26.70 9.14
N ASN C 390 -8.92 27.31 8.22
CA ASN C 390 -9.12 27.08 6.79
C ASN C 390 -8.14 26.00 6.37
N TYR C 391 -8.58 24.76 6.45
CA TYR C 391 -7.72 23.60 6.18
C TYR C 391 -8.11 22.98 4.85
N THR C 392 -7.11 22.37 4.22
CA THR C 392 -7.31 21.44 3.12
C THR C 392 -6.97 20.06 3.64
N PHE C 393 -7.93 19.15 3.58
CA PHE C 393 -7.64 17.80 4.05
C PHE C 393 -6.88 17.02 2.99
N SER C 394 -7.48 16.86 1.82
CA SER C 394 -6.87 16.19 0.70
C SER C 394 -6.75 17.18 -0.44
N TYR C 395 -5.54 17.34 -0.96
CA TYR C 395 -5.29 18.24 -2.07
C TYR C 395 -4.46 17.49 -3.10
N ILE C 396 -4.99 17.33 -4.30
CA ILE C 396 -4.31 16.66 -5.39
C ILE C 396 -3.77 17.71 -6.35
N PRO C 397 -2.47 17.94 -6.40
CA PRO C 397 -1.89 18.73 -7.49
C PRO C 397 -1.83 17.92 -8.78
N ALA C 398 -1.69 18.64 -9.89
CA ALA C 398 -1.51 17.96 -11.17
C ALA C 398 -0.18 17.23 -11.22
N SER C 399 0.85 17.78 -10.57
CA SER C 399 2.14 17.11 -10.53
C SER C 399 2.04 15.78 -9.81
N LEU C 400 1.22 15.70 -8.77
CA LEU C 400 1.03 14.43 -8.08
C LEU C 400 0.38 13.40 -8.98
N VAL C 401 -0.63 13.81 -9.75
CA VAL C 401 -1.25 12.89 -10.70
C VAL C 401 -0.24 12.42 -11.72
N ILE C 402 0.58 13.34 -12.23
CA ILE C 402 1.60 12.98 -13.22
C ILE C 402 2.57 11.96 -12.63
N ILE C 403 3.06 12.23 -11.43
CA ILE C 403 4.08 11.36 -10.84
C ILE C 403 3.49 9.99 -10.51
N ALA C 404 2.28 9.97 -9.96
CA ALA C 404 1.66 8.68 -9.63
C ALA C 404 1.37 7.88 -10.88
N VAL C 405 0.86 8.53 -11.93
CA VAL C 405 0.61 7.81 -13.18
C VAL C 405 1.90 7.28 -13.77
N VAL C 406 2.95 8.10 -13.77
CA VAL C 406 4.24 7.65 -14.30
C VAL C 406 4.75 6.46 -13.51
N ILE C 407 4.72 6.55 -12.18
CA ILE C 407 5.25 5.47 -11.34
C ILE C 407 4.45 4.20 -11.55
N CYS C 408 3.13 4.29 -11.45
CA CYS C 408 2.31 3.08 -11.48
C CYS C 408 2.27 2.46 -12.87
N GLY C 409 2.13 3.28 -13.92
CA GLY C 409 2.17 2.75 -15.27
C GLY C 409 3.53 2.20 -15.64
N GLY C 410 4.61 2.86 -15.21
CA GLY C 410 5.93 2.32 -15.47
C GLY C 410 6.17 1.01 -14.76
N VAL C 411 5.71 0.91 -13.52
CA VAL C 411 5.85 -0.36 -12.81
C VAL C 411 5.01 -1.43 -13.49
N ALA C 412 3.81 -1.08 -13.94
CA ALA C 412 2.99 -2.04 -14.67
C ALA C 412 3.68 -2.52 -15.93
N VAL C 413 4.28 -1.59 -16.68
CA VAL C 413 4.95 -1.95 -17.93
C VAL C 413 6.17 -2.83 -17.66
N ILE C 414 7.02 -2.43 -16.73
CA ILE C 414 8.24 -3.19 -16.44
C ILE C 414 7.89 -4.56 -15.86
N SER C 415 6.91 -4.63 -14.96
CA SER C 415 6.53 -5.90 -14.36
C SER C 415 5.78 -6.80 -15.32
N GLY C 416 5.14 -6.26 -16.35
CA GLY C 416 4.51 -7.10 -17.33
C GLY C 416 5.46 -7.49 -18.43
N MET C 417 6.57 -6.76 -18.54
CA MET C 417 7.54 -7.02 -19.58
C MET C 417 8.67 -7.94 -19.13
N ASN C 418 8.96 -7.98 -17.82
CA ASN C 418 10.03 -8.87 -17.37
C ASN C 418 9.71 -10.34 -17.57
N PRO C 419 8.58 -10.88 -17.09
CA PRO C 419 8.28 -12.30 -17.38
C PRO C 419 8.14 -12.59 -18.86
N ALA C 420 7.56 -11.67 -19.62
CA ALA C 420 7.44 -11.87 -21.05
C ALA C 420 8.80 -11.94 -21.72
N ARG C 421 9.72 -11.06 -21.31
CA ARG C 421 11.06 -11.08 -21.86
C ARG C 421 11.75 -12.40 -21.53
N LYS C 422 11.65 -12.85 -20.29
CA LYS C 422 12.34 -14.09 -19.94
C LYS C 422 11.68 -15.32 -20.57
N ALA C 423 10.39 -15.23 -20.88
CA ALA C 423 9.74 -16.34 -21.59
C ALA C 423 10.12 -16.35 -23.06
N THR C 424 10.31 -15.19 -23.66
CA THR C 424 10.78 -15.15 -25.04
C THR C 424 12.25 -15.49 -25.16
N LYS C 425 13.01 -15.34 -24.07
CA LYS C 425 14.45 -15.64 -24.12
C LYS C 425 14.73 -17.13 -24.01
N THR C 426 13.93 -17.86 -23.25
CA THR C 426 14.14 -19.30 -23.10
C THR C 426 13.79 -20.02 -24.39
N ASN C 427 14.18 -21.29 -24.47
CA ASN C 427 13.77 -22.10 -25.59
C ASN C 427 12.28 -22.40 -25.52
N VAL C 428 11.70 -22.76 -26.67
CA VAL C 428 10.25 -22.89 -26.77
C VAL C 428 9.74 -23.99 -25.85
N LEU C 429 10.42 -25.13 -25.82
CA LEU C 429 9.94 -26.26 -25.04
C LEU C 429 9.91 -25.95 -23.55
N THR C 430 10.83 -25.11 -23.08
CA THR C 430 10.79 -24.70 -21.68
C THR C 430 9.50 -23.94 -21.37
N ALA C 431 9.09 -23.06 -22.28
CA ALA C 431 7.86 -22.31 -22.07
C ALA C 431 6.63 -23.18 -22.28
N LEU C 432 6.67 -24.07 -23.27
CA LEU C 432 5.55 -24.97 -23.51
C LEU C 432 5.31 -25.88 -22.32
N ARG C 433 6.35 -26.18 -21.56
CA ARG C 433 6.23 -26.97 -20.35
C ARG C 433 6.04 -26.13 -19.09
N ARG C 434 5.95 -24.80 -19.22
CA ARG C 434 5.86 -23.89 -18.09
C ARG C 434 7.06 -24.10 -17.15
N GLU C 435 8.24 -23.78 -17.67
CA GLU C 435 9.52 -24.00 -17.01
C GLU C 435 9.73 -25.46 -16.70
N LEU C 436 10.67 -25.76 -15.80
CA LEU C 436 10.90 -27.13 -15.36
C LEU C 436 9.82 -27.56 -14.38
N MET D 21 13.74 -30.33 -46.72
CA MET D 21 14.85 -31.22 -46.40
C MET D 21 15.34 -31.04 -44.99
N ILE D 22 15.36 -32.14 -44.24
CA ILE D 22 15.85 -32.18 -42.87
C ILE D 22 17.11 -33.01 -42.86
N ASP D 23 18.17 -32.48 -42.25
CA ASP D 23 19.44 -33.17 -42.11
C ASP D 23 19.83 -33.14 -40.64
N VAL D 24 19.41 -34.15 -39.90
CA VAL D 24 19.80 -34.34 -38.51
C VAL D 24 21.06 -35.20 -38.51
N GLN D 25 22.14 -34.69 -37.95
CA GLN D 25 23.46 -35.32 -38.08
C GLN D 25 24.04 -35.58 -36.71
N HIS D 26 24.15 -36.86 -36.35
CA HIS D 26 24.83 -37.31 -35.14
C HIS D 26 24.34 -36.54 -33.92
N ILE D 27 23.02 -36.46 -33.78
CA ILE D 27 22.39 -35.68 -32.72
C ILE D 27 22.33 -36.52 -31.46
N ASP D 28 23.01 -36.05 -30.43
CA ASP D 28 22.85 -36.54 -29.07
C ASP D 28 22.10 -35.51 -28.26
N HIS D 29 21.09 -35.94 -27.53
CA HIS D 29 20.39 -35.06 -26.62
C HIS D 29 20.16 -35.76 -25.30
N SER D 30 20.38 -35.03 -24.22
CA SER D 30 20.07 -35.49 -22.87
C SER D 30 19.31 -34.40 -22.15
N PHE D 31 18.64 -34.80 -21.08
CA PHE D 31 17.93 -33.87 -20.22
C PHE D 31 18.57 -33.90 -18.84
N THR D 32 18.52 -32.77 -18.14
CA THR D 32 18.97 -32.68 -16.76
C THR D 32 17.76 -32.43 -15.88
N ILE D 33 17.56 -33.30 -14.90
CA ILE D 33 16.44 -33.16 -13.97
C ILE D 33 16.95 -33.34 -12.55
N GLY D 34 16.11 -32.94 -11.60
CA GLY D 34 16.41 -33.06 -10.20
C GLY D 34 16.67 -31.71 -9.54
N LYS D 35 16.72 -31.74 -8.22
CA LYS D 35 17.02 -30.54 -7.45
C LYS D 35 18.47 -30.12 -7.66
N LYS D 36 18.75 -28.86 -7.34
CA LYS D 36 20.12 -28.35 -7.43
C LYS D 36 21.05 -29.20 -6.57
N GLY D 37 22.21 -29.53 -7.13
CA GLY D 37 23.08 -30.50 -6.50
C GLY D 37 22.96 -31.86 -7.16
N ARG D 38 22.16 -32.75 -6.57
CA ARG D 38 21.95 -34.07 -7.13
C ARG D 38 21.09 -33.98 -8.38
N GLU D 39 21.73 -33.92 -9.54
CA GLU D 39 21.03 -33.79 -10.82
C GLU D 39 21.32 -35.03 -11.67
N ASN D 40 20.27 -35.61 -12.22
CA ASN D 40 20.39 -36.79 -13.07
C ASN D 40 20.47 -36.38 -14.53
N GLU D 41 20.96 -37.30 -15.35
CA GLU D 41 20.99 -37.14 -16.79
C GLU D 41 20.05 -38.15 -17.43
N VAL D 42 19.26 -37.69 -18.39
CA VAL D 42 18.34 -38.55 -19.11
C VAL D 42 18.84 -38.62 -20.55
N PRO D 43 19.70 -39.56 -20.89
CA PRO D 43 20.09 -39.73 -22.29
C PRO D 43 18.91 -40.15 -23.13
N VAL D 44 18.50 -39.31 -24.06
CA VAL D 44 17.32 -39.54 -24.86
C VAL D 44 17.69 -40.00 -26.26
N LEU D 45 18.57 -39.26 -26.93
CA LEU D 45 18.97 -39.54 -28.29
C LEU D 45 20.48 -39.74 -28.34
N LYS D 46 20.91 -40.76 -29.08
CA LYS D 46 22.32 -41.10 -29.23
C LYS D 46 22.65 -41.22 -30.70
N ASP D 47 23.46 -40.30 -31.20
CA ASP D 47 23.99 -40.34 -32.57
C ASP D 47 22.86 -40.45 -33.59
N VAL D 48 21.77 -39.74 -33.33
CA VAL D 48 20.59 -39.82 -34.19
C VAL D 48 20.88 -39.09 -35.49
N SER D 49 20.73 -39.78 -36.60
CA SER D 49 20.89 -39.20 -37.93
C SER D 49 19.61 -39.44 -38.69
N LEU D 50 19.02 -38.37 -39.21
CA LEU D 50 17.76 -38.44 -39.93
C LEU D 50 17.84 -37.51 -41.14
N SER D 51 17.75 -38.07 -42.32
CA SER D 51 17.70 -37.30 -43.57
C SER D 51 16.32 -37.46 -44.18
N VAL D 52 15.64 -36.34 -44.41
CA VAL D 52 14.34 -36.32 -45.07
C VAL D 52 14.50 -35.50 -46.33
N ALA D 53 14.15 -36.09 -47.47
CA ALA D 53 14.25 -35.38 -48.74
C ALA D 53 13.11 -34.36 -48.86
N LYS D 54 13.30 -33.42 -49.77
CA LYS D 54 12.28 -32.41 -50.03
C LYS D 54 11.05 -33.07 -50.64
N GLY D 55 9.88 -32.76 -50.10
CA GLY D 55 8.65 -33.33 -50.59
C GLY D 55 8.44 -34.78 -50.24
N GLU D 56 9.08 -35.27 -49.19
CA GLU D 56 8.97 -36.64 -48.74
C GLU D 56 8.31 -36.68 -47.38
N ILE D 57 7.48 -37.69 -47.16
CA ILE D 57 6.89 -37.94 -45.85
C ILE D 57 7.75 -38.98 -45.13
N ALA D 58 8.41 -38.56 -44.07
CA ALA D 58 9.16 -39.46 -43.22
C ALA D 58 8.32 -39.77 -41.99
N CYS D 59 8.12 -41.05 -41.71
CA CYS D 59 7.36 -41.49 -40.55
C CYS D 59 8.34 -42.05 -39.52
N ILE D 60 8.29 -41.53 -38.31
CA ILE D 60 9.15 -41.96 -37.22
C ILE D 60 8.28 -42.74 -36.24
N VAL D 61 8.58 -44.02 -36.09
CA VAL D 61 7.86 -44.89 -35.17
C VAL D 61 8.82 -45.35 -34.09
N GLY D 62 8.27 -45.62 -32.92
CA GLY D 62 9.08 -46.04 -31.81
C GLY D 62 8.20 -46.16 -30.59
N ARG D 63 8.77 -46.73 -29.53
CA ARG D 63 8.03 -46.94 -28.31
C ARG D 63 7.86 -45.63 -27.55
N SER D 64 6.84 -45.59 -26.70
CA SER D 64 6.60 -44.43 -25.86
C SER D 64 7.84 -44.13 -25.02
N GLY D 65 8.31 -42.89 -25.11
CA GLY D 65 9.49 -42.47 -24.40
C GLY D 65 10.80 -42.74 -25.10
N SER D 66 10.78 -43.05 -26.39
CA SER D 66 12.02 -43.35 -27.09
C SER D 66 12.75 -42.10 -27.57
N GLY D 67 12.11 -40.94 -27.54
CA GLY D 67 12.72 -39.70 -27.95
C GLY D 67 12.22 -39.10 -29.23
N LYS D 68 11.10 -39.58 -29.78
CA LYS D 68 10.59 -39.07 -31.03
C LYS D 68 10.16 -37.61 -30.92
N SER D 69 9.43 -37.27 -29.85
CA SER D 69 9.06 -35.87 -29.65
C SER D 69 10.29 -35.03 -29.38
N THR D 70 11.27 -35.59 -28.68
CA THR D 70 12.54 -34.89 -28.48
C THR D 70 13.21 -34.62 -29.82
N LEU D 71 13.16 -35.59 -30.73
CA LEU D 71 13.74 -35.39 -32.05
C LEU D 71 13.03 -34.27 -32.81
N LEU D 72 11.70 -34.28 -32.79
CA LEU D 72 10.97 -33.20 -33.47
C LEU D 72 11.23 -31.85 -32.82
N ASN D 73 11.31 -31.80 -31.49
CA ASN D 73 11.60 -30.55 -30.80
C ASN D 73 13.00 -30.06 -31.12
N LEU D 74 13.93 -30.97 -31.41
CA LEU D 74 15.25 -30.56 -31.85
C LEU D 74 15.22 -30.04 -33.27
N ILE D 75 14.47 -30.70 -34.15
CA ILE D 75 14.37 -30.27 -35.54
C ILE D 75 13.76 -28.88 -35.63
N SER D 76 12.73 -28.62 -34.83
CA SER D 76 12.06 -27.32 -34.84
C SER D 76 12.76 -26.29 -33.97
N GLY D 77 13.83 -26.65 -33.28
CA GLY D 77 14.53 -25.71 -32.44
C GLY D 77 13.87 -25.39 -31.13
N TYR D 78 12.88 -26.17 -30.72
CA TYR D 78 12.26 -25.96 -29.42
C TYR D 78 13.23 -26.24 -28.28
N ILE D 79 14.18 -27.14 -28.51
CA ILE D 79 15.33 -27.35 -27.65
C ILE D 79 16.57 -27.44 -28.52
N SER D 80 17.70 -27.13 -27.92
CA SER D 80 18.98 -27.23 -28.59
C SER D 80 19.64 -28.55 -28.26
N PRO D 81 20.22 -29.25 -29.23
CA PRO D 81 20.81 -30.55 -28.94
C PRO D 81 22.01 -30.43 -28.02
N THR D 82 22.20 -31.48 -27.21
CA THR D 82 23.40 -31.54 -26.38
C THR D 82 24.65 -31.54 -27.24
N LYS D 83 24.62 -32.29 -28.34
CA LYS D 83 25.61 -32.15 -29.39
C LYS D 83 25.01 -32.68 -30.68
N GLY D 84 25.62 -32.29 -31.79
CA GLY D 84 25.13 -32.66 -33.10
C GLY D 84 24.74 -31.45 -33.90
N ARG D 85 24.32 -31.72 -35.13
CA ARG D 85 24.11 -30.68 -36.14
C ARG D 85 22.75 -30.90 -36.78
N ILE D 86 21.93 -29.85 -36.83
CA ILE D 86 20.66 -29.89 -37.54
C ILE D 86 20.73 -28.89 -38.68
N VAL D 87 20.51 -29.38 -39.90
CA VAL D 87 20.56 -28.56 -41.10
C VAL D 87 19.22 -28.70 -41.81
N ILE D 88 18.52 -27.60 -41.97
CA ILE D 88 17.22 -27.59 -42.62
C ILE D 88 17.30 -26.72 -43.85
N ASN D 89 16.91 -27.27 -45.00
CA ASN D 89 16.92 -26.55 -46.27
C ASN D 89 18.32 -26.06 -46.62
N GLY D 90 19.34 -26.71 -46.07
CA GLY D 90 20.71 -26.34 -46.33
C GLY D 90 21.31 -25.36 -45.35
N THR D 91 20.52 -24.76 -44.46
CA THR D 91 21.01 -23.80 -43.50
C THR D 91 21.15 -24.46 -42.13
N ASP D 92 22.35 -24.36 -41.55
CA ASP D 92 22.61 -24.81 -40.20
C ASP D 92 21.75 -24.05 -39.20
N VAL D 93 20.79 -24.72 -38.59
CA VAL D 93 19.88 -24.07 -37.67
C VAL D 93 20.30 -24.23 -36.22
N THR D 94 21.18 -25.18 -35.92
CA THR D 94 21.78 -25.22 -34.59
C THR D 94 22.65 -23.98 -34.41
N GLY D 95 22.52 -23.36 -33.25
CA GLY D 95 23.12 -22.06 -33.04
C GLY D 95 22.21 -20.89 -33.34
N PHE D 96 21.00 -21.14 -33.83
CA PHE D 96 20.02 -20.08 -33.98
C PHE D 96 19.58 -19.60 -32.60
N ASN D 97 19.43 -18.29 -32.44
CA ASN D 97 18.83 -17.77 -31.24
C ASN D 97 17.30 -17.87 -31.35
N GLU D 98 16.60 -17.36 -30.35
CA GLU D 98 15.14 -17.43 -30.37
C GLU D 98 14.57 -16.64 -31.54
N LYS D 99 15.15 -15.48 -31.85
CA LYS D 99 14.64 -14.66 -32.95
C LYS D 99 14.87 -15.35 -34.29
N GLU D 100 16.08 -15.87 -34.51
CA GLU D 100 16.38 -16.58 -35.75
C GLU D 100 15.49 -17.81 -35.89
N TRP D 101 15.32 -18.56 -34.81
CA TRP D 101 14.50 -19.77 -34.85
C TRP D 101 13.03 -19.44 -35.11
N ALA D 102 12.52 -18.39 -34.48
CA ALA D 102 11.13 -18.03 -34.69
C ALA D 102 10.89 -17.58 -36.13
N GLN D 103 11.80 -16.79 -36.70
CA GLN D 103 11.68 -16.40 -38.09
C GLN D 103 11.75 -17.62 -39.01
N PHE D 104 12.67 -18.54 -38.72
CA PHE D 104 12.79 -19.75 -39.53
C PHE D 104 11.54 -20.61 -39.44
N ARG D 105 10.96 -20.73 -38.25
CA ARG D 105 9.74 -21.50 -38.09
C ARG D 105 8.58 -20.87 -38.83
N LEU D 106 8.45 -19.54 -38.75
CA LEU D 106 7.39 -18.87 -39.48
C LEU D 106 7.57 -19.06 -40.99
N ASP D 107 8.81 -19.04 -41.46
CA ASP D 107 9.04 -19.14 -42.90
C ASP D 107 8.83 -20.57 -43.41
N HIS D 108 9.29 -21.57 -42.67
CA HIS D 108 9.40 -22.93 -43.20
C HIS D 108 8.61 -23.98 -42.46
N PHE D 109 8.25 -23.77 -41.21
CA PHE D 109 7.81 -24.85 -40.34
C PHE D 109 6.34 -24.73 -39.99
N GLY D 110 5.65 -25.85 -40.02
CA GLY D 110 4.41 -26.04 -39.29
C GLY D 110 4.60 -27.19 -38.33
N PHE D 111 4.07 -27.04 -37.13
CA PHE D 111 4.24 -28.05 -36.09
C PHE D 111 2.87 -28.47 -35.56
N ILE D 112 2.59 -29.76 -35.65
CA ILE D 112 1.43 -30.35 -35.01
C ILE D 112 1.91 -30.94 -33.70
N PHE D 113 1.41 -30.40 -32.59
CA PHE D 113 1.89 -30.79 -31.27
C PHE D 113 1.15 -32.00 -30.76
N GLN D 114 1.87 -32.80 -29.96
CA GLN D 114 1.28 -33.99 -29.37
C GLN D 114 0.17 -33.65 -28.39
N SER D 115 0.36 -32.61 -27.58
CA SER D 115 -0.67 -32.09 -26.70
C SER D 115 -1.45 -30.95 -27.33
N PHE D 116 -1.24 -30.73 -28.63
CA PHE D 116 -1.97 -29.83 -29.53
C PHE D 116 -1.66 -28.36 -29.30
N GLN D 117 -1.11 -28.04 -28.14
CA GLN D 117 -0.62 -26.71 -27.79
C GLN D 117 -1.50 -25.59 -28.34
N LEU D 118 -2.79 -25.66 -28.05
CA LEU D 118 -3.71 -24.62 -28.47
C LEU D 118 -3.74 -23.48 -27.45
N ILE D 119 -3.94 -22.27 -27.93
CA ILE D 119 -4.01 -21.10 -27.06
C ILE D 119 -5.40 -21.07 -26.43
N PRO D 120 -5.50 -21.15 -25.10
CA PRO D 120 -6.82 -21.29 -24.47
C PRO D 120 -7.74 -20.10 -24.68
N GLY D 121 -7.19 -18.90 -24.78
CA GLY D 121 -7.96 -17.68 -24.91
C GLY D 121 -8.43 -17.35 -26.30
N LEU D 122 -8.08 -18.17 -27.29
CA LEU D 122 -8.52 -17.98 -28.66
C LEU D 122 -9.51 -19.07 -29.03
N THR D 123 -10.41 -18.77 -29.96
CA THR D 123 -11.31 -19.80 -30.44
C THR D 123 -10.56 -20.73 -31.40
N THR D 124 -11.28 -21.71 -31.93
CA THR D 124 -10.72 -22.57 -32.96
C THR D 124 -10.29 -21.75 -34.17
N TYR D 125 -11.15 -20.83 -34.59
CA TYR D 125 -10.86 -19.94 -35.69
C TYR D 125 -9.63 -19.09 -35.42
N GLU D 126 -9.59 -18.42 -34.27
CA GLU D 126 -8.46 -17.54 -33.96
C GLU D 126 -7.18 -18.33 -33.79
N ASN D 127 -7.26 -19.54 -33.26
CA ASN D 127 -6.09 -20.41 -33.16
C ASN D 127 -5.54 -20.76 -34.54
N VAL D 128 -6.41 -21.13 -35.47
CA VAL D 128 -5.91 -21.49 -36.80
C VAL D 128 -5.43 -20.25 -37.54
N GLU D 129 -6.02 -19.09 -37.29
CA GLU D 129 -5.64 -17.86 -37.98
C GLU D 129 -4.45 -17.16 -37.36
N MET D 130 -3.99 -17.58 -36.18
CA MET D 130 -2.83 -16.95 -35.57
C MET D 130 -1.58 -16.95 -36.45
N PRO D 131 -1.15 -18.07 -37.05
CA PRO D 131 0.01 -18.00 -37.94
C PRO D 131 -0.19 -17.08 -39.14
N LEU D 132 -1.41 -16.97 -39.65
CA LEU D 132 -1.68 -16.04 -40.74
C LEU D 132 -1.52 -14.59 -40.28
N ALA D 133 -1.95 -14.28 -39.06
CA ALA D 133 -1.68 -12.96 -38.51
C ALA D 133 -0.18 -12.73 -38.34
N LEU D 134 0.54 -13.75 -37.88
CA LEU D 134 1.98 -13.62 -37.69
C LEU D 134 2.71 -13.41 -39.00
N LYS D 135 2.17 -13.95 -40.10
CA LYS D 135 2.77 -13.77 -41.41
C LYS D 135 2.24 -12.55 -42.15
N GLY D 136 1.32 -11.80 -41.56
CA GLY D 136 0.73 -10.66 -42.23
C GLY D 136 -0.07 -11.07 -43.46
N ILE D 137 -1.21 -11.73 -43.25
CA ILE D 137 -1.98 -12.32 -44.34
C ILE D 137 -3.34 -11.65 -44.46
N LYS D 138 -3.40 -10.32 -44.25
CA LYS D 138 -4.50 -9.47 -44.69
C LYS D 138 -5.88 -10.06 -44.37
N PRO D 139 -6.40 -9.81 -43.15
CA PRO D 139 -7.57 -10.55 -42.62
C PRO D 139 -8.70 -10.94 -43.58
N SER D 140 -8.95 -10.14 -44.61
CA SER D 140 -9.96 -10.51 -45.60
C SER D 140 -9.63 -11.86 -46.24
N GLU D 141 -8.38 -12.06 -46.65
CA GLU D 141 -7.97 -13.35 -47.19
C GLU D 141 -7.86 -14.40 -46.08
N ARG D 142 -7.54 -13.96 -44.86
CA ARG D 142 -7.45 -14.88 -43.73
C ARG D 142 -8.78 -15.55 -43.47
N LYS D 143 -9.88 -14.83 -43.66
CA LYS D 143 -11.20 -15.41 -43.42
C LYS D 143 -11.39 -16.66 -44.27
N GLN D 144 -11.15 -16.53 -45.58
CA GLN D 144 -11.33 -17.67 -46.49
C GLN D 144 -10.32 -18.76 -46.20
N LYS D 145 -9.08 -18.40 -45.89
CA LYS D 145 -8.07 -19.42 -45.63
C LYS D 145 -8.44 -20.26 -44.41
N VAL D 146 -8.84 -19.61 -43.32
CA VAL D 146 -9.19 -20.34 -42.11
C VAL D 146 -10.47 -21.14 -42.30
N GLN D 147 -11.45 -20.58 -43.02
CA GLN D 147 -12.67 -21.35 -43.29
C GLN D 147 -12.36 -22.61 -44.07
N ASP D 148 -11.56 -22.50 -45.13
CA ASP D 148 -11.25 -23.68 -45.93
C ASP D 148 -10.46 -24.70 -45.12
N MET D 149 -9.50 -24.22 -44.32
CA MET D 149 -8.70 -25.14 -43.50
C MET D 149 -9.55 -25.85 -42.47
N LEU D 150 -10.46 -25.13 -41.82
CA LEU D 150 -11.34 -25.76 -40.84
C LEU D 150 -12.27 -26.76 -41.49
N LYS D 151 -12.77 -26.46 -42.69
CA LYS D 151 -13.59 -27.44 -43.40
C LYS D 151 -12.78 -28.67 -43.80
N ARG D 152 -11.50 -28.50 -44.15
CA ARG D 152 -10.69 -29.64 -44.55
C ARG D 152 -10.44 -30.60 -43.39
N VAL D 153 -10.42 -30.10 -42.16
CA VAL D 153 -10.21 -30.94 -40.99
C VAL D 153 -11.52 -31.20 -40.25
N GLY D 154 -12.66 -30.98 -40.90
CA GLY D 154 -13.95 -31.29 -40.29
C GLY D 154 -14.29 -30.49 -39.06
N LEU D 155 -13.88 -29.22 -39.02
CA LEU D 155 -14.11 -28.35 -37.86
C LEU D 155 -14.88 -27.09 -38.26
N GLU D 156 -15.69 -27.18 -39.33
CA GLU D 156 -16.38 -26.00 -39.82
C GLU D 156 -17.38 -25.48 -38.80
N ASN D 157 -18.01 -26.38 -38.05
CA ASN D 157 -19.03 -26.03 -37.08
C ASN D 157 -18.46 -25.68 -35.70
N HIS D 158 -17.16 -25.80 -35.50
CA HIS D 158 -16.56 -25.59 -34.19
C HIS D 158 -15.66 -24.37 -34.15
N ALA D 159 -15.77 -23.49 -35.15
CA ALA D 159 -14.87 -22.34 -35.25
C ALA D 159 -15.02 -21.41 -34.06
N ALA D 160 -16.23 -21.30 -33.52
CA ALA D 160 -16.47 -20.42 -32.39
C ALA D 160 -16.07 -21.04 -31.06
N HIS D 161 -15.86 -22.35 -31.03
CA HIS D 161 -15.50 -23.03 -29.80
C HIS D 161 -14.11 -22.66 -29.33
N TYR D 162 -13.94 -22.62 -28.06
CA TYR D 162 -12.61 -22.53 -27.48
C TYR D 162 -12.01 -23.92 -27.33
N PRO D 163 -10.68 -24.02 -27.17
CA PRO D 163 -10.07 -25.35 -27.07
C PRO D 163 -10.63 -26.19 -25.93
N ASN D 164 -11.03 -25.57 -24.82
CA ASN D 164 -11.62 -26.33 -23.73
C ASN D 164 -13.08 -26.70 -24.01
N GLU D 165 -13.66 -26.21 -25.11
CA GLU D 165 -14.96 -26.65 -25.59
C GLU D 165 -14.86 -27.58 -26.79
N LEU D 166 -13.77 -28.32 -26.90
CA LEU D 166 -13.53 -29.21 -28.03
C LEU D 166 -13.18 -30.60 -27.50
N SER D 167 -13.40 -31.58 -28.36
CA SER D 167 -12.88 -32.92 -28.12
C SER D 167 -11.37 -32.94 -28.27
N GLY D 168 -10.77 -34.01 -27.76
CA GLY D 168 -9.34 -34.19 -27.95
C GLY D 168 -8.95 -34.29 -29.41
N GLY D 169 -9.70 -35.05 -30.19
CA GLY D 169 -9.45 -35.12 -31.62
C GLY D 169 -9.75 -33.84 -32.34
N GLN D 170 -10.72 -33.07 -31.84
CA GLN D 170 -10.99 -31.76 -32.42
C GLN D 170 -9.87 -30.78 -32.12
N GLN D 171 -9.32 -30.81 -30.91
CA GLN D 171 -8.15 -29.99 -30.61
C GLN D 171 -6.94 -30.44 -31.43
N GLN D 172 -6.82 -31.75 -31.63
CA GLN D 172 -5.78 -32.26 -32.50
C GLN D 172 -5.91 -31.71 -33.92
N ARG D 173 -7.14 -31.66 -34.42
CA ARG D 173 -7.34 -31.14 -35.77
C ARG D 173 -7.20 -29.63 -35.82
N VAL D 174 -7.46 -28.93 -34.72
CA VAL D 174 -7.12 -27.51 -34.66
C VAL D 174 -5.62 -27.33 -34.78
N SER D 175 -4.85 -28.17 -34.07
CA SER D 175 -3.40 -28.14 -34.18
C SER D 175 -2.95 -28.45 -35.62
N ILE D 176 -3.57 -29.44 -36.25
CA ILE D 176 -3.25 -29.79 -37.63
C ILE D 176 -3.54 -28.62 -38.56
N ALA D 177 -4.70 -28.00 -38.38
CA ALA D 177 -5.11 -26.87 -39.22
C ALA D 177 -4.21 -25.67 -39.02
N ARG D 178 -3.80 -25.40 -37.78
CA ARG D 178 -2.88 -24.31 -37.51
C ARG D 178 -1.51 -24.57 -38.13
N ALA D 179 -1.08 -25.83 -38.14
CA ALA D 179 0.20 -26.14 -38.74
C ALA D 179 0.16 -26.06 -40.25
N LEU D 180 -0.96 -26.48 -40.86
CA LEU D 180 -1.07 -26.56 -42.31
C LEU D 180 -1.58 -25.28 -42.95
N ILE D 181 -2.02 -24.29 -42.17
CA ILE D 181 -2.70 -23.14 -42.74
C ILE D 181 -1.75 -22.30 -43.58
N LEU D 182 -0.47 -22.23 -43.20
CA LEU D 182 0.50 -21.43 -43.92
C LEU D 182 1.12 -22.17 -45.10
N ASN D 183 0.78 -23.44 -45.30
CA ASN D 183 1.44 -24.31 -46.26
C ASN D 183 2.96 -24.25 -46.12
N PRO D 184 3.51 -24.63 -44.97
CA PRO D 184 4.96 -24.55 -44.78
C PRO D 184 5.68 -25.60 -45.59
N SER D 185 6.98 -25.39 -45.78
CA SER D 185 7.78 -26.35 -46.53
C SER D 185 7.99 -27.64 -45.75
N ILE D 186 7.97 -27.56 -44.43
CA ILE D 186 8.14 -28.71 -43.56
C ILE D 186 7.02 -28.70 -42.52
N ILE D 187 6.35 -29.85 -42.35
CA ILE D 187 5.39 -30.04 -41.28
C ILE D 187 5.95 -31.12 -40.37
N LEU D 188 6.16 -30.77 -39.11
CA LEU D 188 6.56 -31.72 -38.08
C LEU D 188 5.30 -32.09 -37.30
N ALA D 189 4.81 -33.30 -37.54
CA ALA D 189 3.58 -33.77 -36.93
C ALA D 189 3.92 -34.75 -35.82
N ASP D 190 3.54 -34.41 -34.60
CA ASP D 190 3.78 -35.23 -33.43
C ASP D 190 2.51 -36.02 -33.14
N GLU D 191 2.48 -37.26 -33.62
CA GLU D 191 1.33 -38.15 -33.46
C GLU D 191 0.01 -37.49 -33.89
N PRO D 192 -0.08 -36.98 -35.12
CA PRO D 192 -1.19 -36.10 -35.49
C PRO D 192 -2.54 -36.79 -35.63
N THR D 193 -2.61 -38.10 -35.42
CA THR D 193 -3.87 -38.83 -35.57
C THR D 193 -4.19 -39.69 -34.37
N GLY D 194 -3.49 -39.49 -33.25
CA GLY D 194 -3.70 -40.34 -32.09
C GLY D 194 -5.04 -40.16 -31.41
N SER D 195 -5.66 -39.00 -31.58
CA SER D 195 -6.94 -38.69 -30.98
C SER D 195 -8.08 -38.80 -31.99
N LEU D 196 -7.84 -39.40 -33.15
CA LEU D 196 -8.81 -39.44 -34.23
C LEU D 196 -9.30 -40.86 -34.46
N ASP D 197 -10.57 -40.98 -34.80
CA ASP D 197 -11.10 -42.25 -35.24
C ASP D 197 -10.61 -42.56 -36.65
N SER D 198 -10.95 -43.74 -37.16
CA SER D 198 -10.40 -44.19 -38.43
C SER D 198 -10.81 -43.29 -39.59
N GLU D 199 -12.07 -42.84 -39.59
CA GLU D 199 -12.54 -42.00 -40.70
C GLU D 199 -11.91 -40.61 -40.66
N THR D 200 -11.91 -39.97 -39.50
CA THR D 200 -11.28 -38.66 -39.38
C THR D 200 -9.78 -38.75 -39.62
N GLU D 201 -9.15 -39.81 -39.13
CA GLU D 201 -7.73 -40.02 -39.38
C GLU D 201 -7.47 -40.23 -40.86
N HIS D 202 -8.36 -40.95 -41.54
CA HIS D 202 -8.19 -41.15 -42.98
C HIS D 202 -8.34 -39.83 -43.73
N GLU D 203 -9.28 -38.99 -43.30
CA GLU D 203 -9.42 -37.67 -43.91
C GLU D 203 -8.16 -36.83 -43.69
N VAL D 204 -7.60 -36.88 -42.49
CA VAL D 204 -6.39 -36.11 -42.20
C VAL D 204 -5.21 -36.66 -43.00
N LEU D 205 -5.09 -37.98 -43.11
CA LEU D 205 -4.03 -38.58 -43.90
C LEU D 205 -4.16 -38.22 -45.38
N GLU D 206 -5.40 -38.19 -45.88
CA GLU D 206 -5.62 -37.78 -47.26
C GLU D 206 -5.25 -36.33 -47.46
N LEU D 207 -5.56 -35.46 -46.50
CA LEU D 207 -5.15 -34.07 -46.58
C LEU D 207 -3.63 -33.93 -46.56
N ILE D 208 -2.96 -34.71 -45.72
CA ILE D 208 -1.50 -34.69 -45.65
C ILE D 208 -0.90 -35.13 -46.97
N GLN D 209 -1.43 -36.21 -47.55
CA GLN D 209 -0.92 -36.70 -48.82
C GLN D 209 -1.19 -35.72 -49.94
N GLN D 210 -2.35 -35.06 -49.90
CA GLN D 210 -2.64 -34.03 -50.89
C GLN D 210 -1.67 -32.87 -50.79
N LEU D 211 -1.36 -32.41 -49.57
CA LEU D 211 -0.40 -31.33 -49.42
C LEU D 211 0.99 -31.75 -49.87
N ASN D 212 1.38 -32.98 -49.54
CA ASN D 212 2.67 -33.50 -49.97
C ASN D 212 2.76 -33.57 -51.49
N ARG D 213 1.69 -34.01 -52.15
CA ARG D 213 1.70 -34.12 -53.61
C ARG D 213 1.68 -32.74 -54.26
N GLU D 214 0.79 -31.86 -53.82
CA GLU D 214 0.55 -30.61 -54.55
C GLU D 214 1.53 -29.53 -54.14
N ARG D 215 1.63 -29.24 -52.85
CA ARG D 215 2.55 -28.19 -52.41
C ARG D 215 3.98 -28.70 -52.25
N GLY D 216 4.20 -30.01 -52.33
CA GLY D 216 5.51 -30.57 -52.10
C GLY D 216 5.99 -30.41 -50.67
N ILE D 217 5.09 -30.48 -49.70
CA ILE D 217 5.43 -30.24 -48.31
C ILE D 217 6.13 -31.48 -47.74
N THR D 218 7.28 -31.26 -47.11
CA THR D 218 7.98 -32.32 -46.42
C THR D 218 7.33 -32.57 -45.06
N PHE D 219 7.01 -33.82 -44.79
CA PHE D 219 6.38 -34.19 -43.52
C PHE D 219 7.32 -35.08 -42.73
N VAL D 220 7.43 -34.80 -41.44
CA VAL D 220 8.07 -35.71 -40.49
C VAL D 220 7.00 -36.04 -39.46
N ILE D 221 6.45 -37.24 -39.57
CA ILE D 221 5.27 -37.63 -38.80
C ILE D 221 5.70 -38.69 -37.80
N ILE D 222 5.64 -38.37 -36.53
CA ILE D 222 5.67 -39.37 -35.48
C ILE D 222 4.30 -40.03 -35.42
N THR D 223 4.27 -41.35 -35.33
CA THR D 223 2.98 -42.01 -35.27
C THR D 223 3.14 -43.35 -34.56
N HIS D 224 2.06 -43.77 -33.89
CA HIS D 224 1.93 -45.11 -33.36
C HIS D 224 0.97 -45.96 -34.17
N ASP D 225 0.47 -45.44 -35.28
CA ASP D 225 -0.51 -46.11 -36.11
C ASP D 225 0.17 -46.67 -37.34
N ASP D 226 -0.09 -47.96 -37.63
CA ASP D 226 0.51 -48.59 -38.81
C ASP D 226 -0.02 -47.97 -40.09
N GLU D 227 -1.30 -47.61 -40.12
CA GLU D 227 -1.86 -46.99 -41.31
C GLU D 227 -1.22 -45.63 -41.60
N VAL D 228 -0.98 -44.84 -40.55
CA VAL D 228 -0.32 -43.55 -40.73
C VAL D 228 1.12 -43.74 -41.18
N ALA D 229 1.83 -44.68 -40.55
CA ALA D 229 3.20 -44.95 -40.93
C ALA D 229 3.32 -45.52 -42.33
N SER D 230 2.24 -46.10 -42.86
CA SER D 230 2.29 -46.66 -44.20
C SER D 230 2.28 -45.60 -45.28
N ILE D 231 1.73 -44.41 -44.99
CA ILE D 231 1.70 -43.35 -45.98
C ILE D 231 3.05 -42.71 -46.22
N GLY D 232 4.04 -43.01 -45.38
CA GLY D 232 5.33 -42.37 -45.51
C GLY D 232 6.17 -42.97 -46.61
N HIS D 233 6.97 -42.11 -47.25
CA HIS D 233 7.97 -42.56 -48.20
C HIS D 233 9.15 -43.24 -47.52
N SER D 234 9.44 -42.87 -46.28
CA SER D 234 10.48 -43.53 -45.50
C SER D 234 9.97 -43.77 -44.09
N LYS D 235 10.48 -44.81 -43.46
CA LYS D 235 10.14 -45.16 -42.09
C LYS D 235 11.42 -45.15 -41.27
N PHE D 236 11.36 -44.57 -40.09
CA PHE D 236 12.49 -44.52 -39.17
C PHE D 236 12.05 -45.04 -37.83
N GLN D 237 12.80 -45.97 -37.27
CA GLN D 237 12.49 -46.58 -35.99
C GLN D 237 13.38 -45.97 -34.92
N LEU D 238 12.77 -45.45 -33.86
CA LEU D 238 13.50 -44.96 -32.70
C LEU D 238 13.45 -46.03 -31.62
N HIS D 239 14.62 -46.51 -31.23
CA HIS D 239 14.73 -47.57 -30.23
C HIS D 239 15.94 -47.29 -29.36
N ASP D 240 15.68 -47.01 -28.08
CA ASP D 240 16.74 -46.70 -27.12
C ASP D 240 17.60 -45.53 -27.63
N GLY D 241 16.94 -44.53 -28.19
CA GLY D 241 17.62 -43.34 -28.64
C GLY D 241 18.38 -43.48 -29.94
N VAL D 242 18.18 -44.58 -30.67
CA VAL D 242 18.87 -44.81 -31.93
C VAL D 242 17.84 -44.84 -33.05
N LEU D 243 18.05 -44.03 -34.08
CA LEU D 243 17.16 -43.98 -35.24
C LEU D 243 17.68 -44.94 -36.29
N LYS D 244 17.20 -46.18 -36.23
CA LYS D 244 17.63 -47.19 -37.20
C LYS D 244 17.21 -46.79 -38.61
N GLY D 245 15.90 -46.76 -38.86
CA GLY D 245 15.36 -46.33 -40.13
C GLY D 245 16.12 -46.79 -41.35
N GLY D 246 16.60 -45.85 -42.15
CA GLY D 246 17.40 -46.18 -43.31
C GLY D 246 16.66 -46.85 -44.43
N ILE D 247 15.34 -46.96 -44.34
CA ILE D 247 14.52 -47.61 -45.34
C ILE D 247 13.61 -46.57 -45.97
N THR D 248 13.61 -46.51 -47.29
CA THR D 248 12.71 -45.64 -48.06
C THR D 248 11.72 -46.56 -48.76
N VAL D 249 10.55 -46.75 -48.13
CA VAL D 249 9.50 -47.56 -48.72
C VAL D 249 9.09 -46.99 -50.06
N GLU D 250 8.78 -47.89 -51.01
CA GLU D 250 8.40 -47.48 -52.36
C GLU D 250 6.93 -47.08 -52.47
N VAL D 251 6.27 -46.82 -51.34
CA VAL D 251 4.89 -46.33 -51.31
C VAL D 251 3.95 -47.25 -52.07
PB ADP E . -15.38 -37.19 -28.00
O1B ADP E . -16.58 -37.99 -28.37
O2B ADP E . -14.40 -37.11 -29.13
O3B ADP E . -14.76 -37.58 -26.71
PA ADP E . -16.48 -34.97 -26.54
O1A ADP E . -15.40 -34.26 -25.80
O2A ADP E . -17.33 -35.94 -25.78
O3A ADP E . -15.84 -35.66 -27.83
O5' ADP E . -17.43 -33.85 -27.15
C5' ADP E . -18.50 -34.11 -28.06
C4' ADP E . -18.88 -32.77 -28.66
O4' ADP E . -19.14 -31.85 -27.61
C3' ADP E . -17.72 -32.18 -29.47
O3' ADP E . -18.19 -31.80 -30.76
C2' ADP E . -17.26 -30.96 -28.72
O2' ADP E . -17.03 -29.88 -29.61
C1' ADP E . -18.41 -30.65 -27.79
N9 ADP E . -17.93 -30.15 -26.48
C8 ADP E . -17.11 -30.79 -25.63
N7 ADP E . -16.90 -30.04 -24.53
C5 ADP E . -17.59 -28.90 -24.68
C6 ADP E . -17.80 -27.67 -23.90
N6 ADP E . -17.23 -27.49 -22.69
N1 ADP E . -18.59 -26.72 -24.44
C2 ADP E . -19.17 -26.87 -25.63
N3 ADP E . -19.03 -27.96 -26.39
C4 ADP E . -18.26 -28.98 -25.97
V VO4 F . -12.34 -37.47 -29.31
O1 VO4 F . -12.92 -39.02 -29.75
O2 VO4 F . -12.13 -36.31 -30.50
O3 VO4 F . -12.04 -37.10 -27.72
O4 VO4 F . -10.72 -38.03 -29.49
MG MG G . -12.88 -37.40 -25.83
CA UNL H . -1.72 4.71 11.08
CB UNL H . -2.03 4.37 12.53
CG UNL H . -1.32 6.60 17.09
CD UNL H . -1.98 6.00 14.41
CE UNL H . -1.96 4.87 15.44
C1 UNL H . 4.86 12.34 9.29
C2 UNL H . 4.13 11.08 8.82
C3 UNL H . 2.64 11.28 9.04
C4 UNL H . 2.04 10.03 9.68
C5 UNL H . 2.10 8.87 8.70
C6 UNL H . 0.74 8.19 8.65
C7 UNL H . 0.74 7.03 9.62
C8 UNL H . -0.63 6.38 9.60
C9 UNL H . -1.03 6.07 11.03
CC UNL H . -2.76 5.54 13.18
CF UNL H . -2.28 5.45 16.81
CA UNL I . 3.43 12.05 0.39
CB UNL I . 3.28 13.52 0.73
CG UNL I . 4.77 17.89 1.90
CD UNL I . 4.50 15.60 0.16
CE UNL I . 3.43 16.68 0.19
C1 UNL I . -2.14 12.84 8.69
C2 UNL I . -1.68 11.82 7.65
C3 UNL I . -0.31 12.23 7.10
C4 UNL I . 0.35 11.03 6.42
C5 UNL I . -0.14 10.90 5.00
C6 UNL I . 0.64 11.87 4.12
C7 UNL I . 1.93 11.21 3.68
C8 UNL I . 1.93 11.19 2.16
C9 UNL I . 3.37 11.25 1.67
CC UNL I . 3.91 14.32 -0.40
CF UNL I . 4.08 18.01 0.54
PB ADP J . 8.36 -39.97 -27.25
O1B ADP J . 9.41 -40.69 -28.01
O2B ADP J . 7.82 -38.78 -27.96
O3B ADP J . 7.31 -40.89 -26.74
PA ADP J . 9.82 -38.02 -25.72
O1A ADP J . 8.87 -36.99 -25.19
O2A ADP J . 10.63 -37.67 -26.90
O3A ADP J . 9.03 -39.39 -25.92
O5' ADP J . 10.83 -38.34 -24.52
C5' ADP J . 11.81 -39.36 -24.54
C4' ADP J . 12.30 -39.55 -23.12
O4' ADP J . 12.76 -38.31 -22.62
C3' ADP J . 11.15 -39.98 -22.21
O3' ADP J . 11.54 -41.14 -21.47
C2' ADP J . 10.90 -38.84 -21.26
O2' ADP J . 10.73 -39.32 -19.93
C1' ADP J . 12.16 -38.01 -21.36
N9 ADP J . 11.86 -36.56 -21.27
C8 ADP J . 11.06 -35.86 -22.08
N7 ADP J . 11.04 -34.55 -21.72
C5 ADP J . 11.84 -34.42 -20.66
C6 ADP J . 12.28 -33.33 -19.76
N6 ADP J . 11.83 -32.07 -19.95
N1 ADP J . 13.12 -33.62 -18.77
C2 ADP J . 13.56 -34.87 -18.57
N3 ADP J . 13.24 -35.90 -19.33
C4 ADP J . 12.38 -35.75 -20.37
V VO4 K . 5.21 -40.86 -26.73
O1 VO4 K . 5.03 -41.65 -25.21
O2 VO4 K . 5.09 -39.18 -26.83
O3 VO4 K . 5.59 -41.76 -28.06
O4 VO4 K . 3.53 -41.03 -27.08
MG MG L . 6.03 -37.64 -27.90
#